data_1J25
# 
_entry.id   1J25 
# 
_audit_conform.dict_name       mmcif_pdbx.dic 
_audit_conform.dict_version    5.389 
_audit_conform.dict_location   http://mmcif.pdb.org/dictionaries/ascii/mmcif_pdbx.dic 
# 
loop_
_database_2.database_id 
_database_2.database_code 
_database_2.pdbx_database_accession 
_database_2.pdbx_DOI 
PDB   1J25         pdb_00001j25 10.2210/pdb1j25/pdb 
RCSB  RCSB005535   ?            ?                   
WWPDB D_1000005535 ?            ?                   
# 
loop_
_pdbx_audit_revision_history.ordinal 
_pdbx_audit_revision_history.data_content_type 
_pdbx_audit_revision_history.major_revision 
_pdbx_audit_revision_history.minor_revision 
_pdbx_audit_revision_history.revision_date 
1 'Structure model' 1 0 2003-04-22 
2 'Structure model' 1 1 2008-04-27 
3 'Structure model' 1 2 2011-07-13 
4 'Structure model' 1 3 2021-11-10 
5 'Structure model' 1 4 2023-12-27 
6 'Structure model' 1 5 2024-04-03 
# 
_pdbx_audit_revision_details.ordinal             1 
_pdbx_audit_revision_details.revision_ordinal    1 
_pdbx_audit_revision_details.data_content_type   'Structure model' 
_pdbx_audit_revision_details.provider            repository 
_pdbx_audit_revision_details.type                'Initial release' 
_pdbx_audit_revision_details.description         ? 
_pdbx_audit_revision_details.details             ? 
# 
loop_
_pdbx_audit_revision_group.ordinal 
_pdbx_audit_revision_group.revision_ordinal 
_pdbx_audit_revision_group.data_content_type 
_pdbx_audit_revision_group.group 
1 2 'Structure model' 'Version format compliance' 
2 3 'Structure model' 'Source and taxonomy'       
3 3 'Structure model' 'Version format compliance' 
4 4 'Structure model' 'Database references'       
5 4 'Structure model' 'Derived calculations'      
6 5 'Structure model' 'Data collection'           
7 6 'Structure model' 'Refinement description'    
# 
loop_
_pdbx_audit_revision_category.ordinal 
_pdbx_audit_revision_category.revision_ordinal 
_pdbx_audit_revision_category.data_content_type 
_pdbx_audit_revision_category.category 
1 4 'Structure model' database_2                    
2 4 'Structure model' pdbx_struct_conn_angle        
3 4 'Structure model' struct_conn                   
4 4 'Structure model' struct_ref_seq_dif            
5 4 'Structure model' struct_site                   
6 5 'Structure model' chem_comp_atom                
7 5 'Structure model' chem_comp_bond                
8 6 'Structure model' pdbx_initial_refinement_model 
# 
loop_
_pdbx_audit_revision_item.ordinal 
_pdbx_audit_revision_item.revision_ordinal 
_pdbx_audit_revision_item.data_content_type 
_pdbx_audit_revision_item.item 
1  4 'Structure model' '_database_2.pdbx_DOI'                        
2  4 'Structure model' '_database_2.pdbx_database_accession'         
3  4 'Structure model' '_pdbx_struct_conn_angle.ptnr1_auth_comp_id'  
4  4 'Structure model' '_pdbx_struct_conn_angle.ptnr1_auth_seq_id'   
5  4 'Structure model' '_pdbx_struct_conn_angle.ptnr1_label_atom_id' 
6  4 'Structure model' '_pdbx_struct_conn_angle.ptnr1_label_comp_id' 
7  4 'Structure model' '_pdbx_struct_conn_angle.ptnr1_label_seq_id'  
8  4 'Structure model' '_pdbx_struct_conn_angle.ptnr3_auth_comp_id'  
9  4 'Structure model' '_pdbx_struct_conn_angle.ptnr3_auth_seq_id'   
10 4 'Structure model' '_pdbx_struct_conn_angle.ptnr3_label_atom_id' 
11 4 'Structure model' '_pdbx_struct_conn_angle.ptnr3_label_comp_id' 
12 4 'Structure model' '_pdbx_struct_conn_angle.ptnr3_label_seq_id'  
13 4 'Structure model' '_pdbx_struct_conn_angle.value'               
14 4 'Structure model' '_struct_conn.pdbx_dist_value'                
15 4 'Structure model' '_struct_conn.ptnr1_auth_comp_id'             
16 4 'Structure model' '_struct_conn.ptnr1_auth_seq_id'              
17 4 'Structure model' '_struct_conn.ptnr1_label_asym_id'            
18 4 'Structure model' '_struct_conn.ptnr1_label_atom_id'            
19 4 'Structure model' '_struct_conn.ptnr1_label_comp_id'            
20 4 'Structure model' '_struct_conn.ptnr1_label_seq_id'             
21 4 'Structure model' '_struct_conn.ptnr2_auth_comp_id'             
22 4 'Structure model' '_struct_conn.ptnr2_auth_seq_id'              
23 4 'Structure model' '_struct_conn.ptnr2_label_asym_id'            
24 4 'Structure model' '_struct_conn.ptnr2_label_atom_id'            
25 4 'Structure model' '_struct_conn.ptnr2_label_comp_id'            
26 4 'Structure model' '_struct_conn.ptnr2_label_seq_id'             
27 4 'Structure model' '_struct_ref_seq_dif.details'                 
28 4 'Structure model' '_struct_site.pdbx_auth_asym_id'              
29 4 'Structure model' '_struct_site.pdbx_auth_comp_id'              
30 4 'Structure model' '_struct_site.pdbx_auth_seq_id'               
# 
_pdbx_database_status.status_code                     REL 
_pdbx_database_status.entry_id                        1J25 
_pdbx_database_status.recvd_initial_deposition_date   2002-12-25 
_pdbx_database_status.deposit_site                    PDBJ 
_pdbx_database_status.process_site                    PDBJ 
_pdbx_database_status.status_code_sf                  REL 
_pdbx_database_status.SG_entry                        . 
_pdbx_database_status.pdb_format_compatible           Y 
_pdbx_database_status.status_code_mr                  ? 
_pdbx_database_status.status_code_cs                  ? 
_pdbx_database_status.status_code_nmr_data            ? 
_pdbx_database_status.methods_development_category    ? 
# 
loop_
_pdbx_database_related.db_name 
_pdbx_database_related.db_id 
_pdbx_database_related.details 
_pdbx_database_related.content_type 
PDB 1J22 'XPF/Mus81 homolog, selenomet derivative' unspecified 
PDB 1J23 'XPF/Mus81 homolog'                       unspecified 
PDB 1J24 'XPF/Mus81 homolog, Ca cocrystal'         unspecified 
# 
loop_
_audit_author.name 
_audit_author.pdbx_ordinal 
'Nishino, T.'  1 
'Komori, K.'   2 
'Ishino, Y.'   3 
'Morikawa, K.' 4 
# 
_citation.id                        primary 
_citation.title                     
;X-Ray and Biochemical Anatomy of an Archaeal XPF/Rad1/Mus81 Family Nuclease. Similarity between Its Endonuclease Domain and Restriction Enzymes
;
_citation.journal_abbrev            Structure 
_citation.journal_volume            11 
_citation.page_first                445 
_citation.page_last                 457 
_citation.year                      2003 
_citation.journal_id_ASTM           STRUE6 
_citation.country                   UK 
_citation.journal_id_ISSN           0969-2126 
_citation.journal_id_CSD            2005 
_citation.book_publisher            ? 
_citation.pdbx_database_id_PubMed   12679022 
_citation.pdbx_database_id_DOI      '10.1016/S0969-2126(03)00046-7' 
# 
loop_
_citation_author.citation_id 
_citation_author.name 
_citation_author.ordinal 
_citation_author.identifier_ORCID 
primary 'Nishino, T.'  1 ? 
primary 'Komori, K.'   2 ? 
primary 'Ishino, Y.'   3 ? 
primary 'Morikawa, K.' 4 ? 
# 
loop_
_entity.id 
_entity.type 
_entity.src_method 
_entity.pdbx_description 
_entity.formula_weight 
_entity.pdbx_number_of_molecules 
_entity.pdbx_ec 
_entity.pdbx_mutation 
_entity.pdbx_fragment 
_entity.details 
1 polymer     man 'ATP-dependent RNA helicase, putative' 16116.660 1  ? 'F55L, R63G' 'nuclease domain fragment' ? 
2 non-polymer syn 'MANGANESE (II) ION'                   54.938    1  ? ?            ?                          ? 
3 water       nat water                                  18.015    84 ? ?            ?                          ? 
# 
_entity_name_com.entity_id   1 
_entity_name_com.name        'Hef nuclease' 
# 
_entity_poly.entity_id                      1 
_entity_poly.type                           'polypeptide(L)' 
_entity_poly.nstd_linkage                   no 
_entity_poly.nstd_monomer                   no 
_entity_poly.pdbx_seq_one_letter_code       
;MQEGVKVVVDSRELRSEVVKRLKLLGVKLEVKTLDVGDYIISEDVAIERKSANDLIQSIIDGGLFDQVKRLKEAYSRPIM
IVEGSLYGIRNVHPNAIRGAIAAVTVDFGVPIIFSSTPEETAQYIFLIAKREQEEREKPVRIR
;
_entity_poly.pdbx_seq_one_letter_code_can   
;MQEGVKVVVDSRELRSEVVKRLKLLGVKLEVKTLDVGDYIISEDVAIERKSANDLIQSIIDGGLFDQVKRLKEAYSRPIM
IVEGSLYGIRNVHPNAIRGAIAAVTVDFGVPIIFSSTPEETAQYIFLIAKREQEEREKPVRIR
;
_entity_poly.pdbx_strand_id                 A 
_entity_poly.pdbx_target_identifier         ? 
# 
loop_
_pdbx_entity_nonpoly.entity_id 
_pdbx_entity_nonpoly.name 
_pdbx_entity_nonpoly.comp_id 
2 'MANGANESE (II) ION' MN  
3 water                HOH 
# 
loop_
_entity_poly_seq.entity_id 
_entity_poly_seq.num 
_entity_poly_seq.mon_id 
_entity_poly_seq.hetero 
1 1   MET n 
1 2   GLN n 
1 3   GLU n 
1 4   GLY n 
1 5   VAL n 
1 6   LYS n 
1 7   VAL n 
1 8   VAL n 
1 9   VAL n 
1 10  ASP n 
1 11  SER n 
1 12  ARG n 
1 13  GLU n 
1 14  LEU n 
1 15  ARG n 
1 16  SER n 
1 17  GLU n 
1 18  VAL n 
1 19  VAL n 
1 20  LYS n 
1 21  ARG n 
1 22  LEU n 
1 23  LYS n 
1 24  LEU n 
1 25  LEU n 
1 26  GLY n 
1 27  VAL n 
1 28  LYS n 
1 29  LEU n 
1 30  GLU n 
1 31  VAL n 
1 32  LYS n 
1 33  THR n 
1 34  LEU n 
1 35  ASP n 
1 36  VAL n 
1 37  GLY n 
1 38  ASP n 
1 39  TYR n 
1 40  ILE n 
1 41  ILE n 
1 42  SER n 
1 43  GLU n 
1 44  ASP n 
1 45  VAL n 
1 46  ALA n 
1 47  ILE n 
1 48  GLU n 
1 49  ARG n 
1 50  LYS n 
1 51  SER n 
1 52  ALA n 
1 53  ASN n 
1 54  ASP n 
1 55  LEU n 
1 56  ILE n 
1 57  GLN n 
1 58  SER n 
1 59  ILE n 
1 60  ILE n 
1 61  ASP n 
1 62  GLY n 
1 63  GLY n 
1 64  LEU n 
1 65  PHE n 
1 66  ASP n 
1 67  GLN n 
1 68  VAL n 
1 69  LYS n 
1 70  ARG n 
1 71  LEU n 
1 72  LYS n 
1 73  GLU n 
1 74  ALA n 
1 75  TYR n 
1 76  SER n 
1 77  ARG n 
1 78  PRO n 
1 79  ILE n 
1 80  MET n 
1 81  ILE n 
1 82  VAL n 
1 83  GLU n 
1 84  GLY n 
1 85  SER n 
1 86  LEU n 
1 87  TYR n 
1 88  GLY n 
1 89  ILE n 
1 90  ARG n 
1 91  ASN n 
1 92  VAL n 
1 93  HIS n 
1 94  PRO n 
1 95  ASN n 
1 96  ALA n 
1 97  ILE n 
1 98  ARG n 
1 99  GLY n 
1 100 ALA n 
1 101 ILE n 
1 102 ALA n 
1 103 ALA n 
1 104 VAL n 
1 105 THR n 
1 106 VAL n 
1 107 ASP n 
1 108 PHE n 
1 109 GLY n 
1 110 VAL n 
1 111 PRO n 
1 112 ILE n 
1 113 ILE n 
1 114 PHE n 
1 115 SER n 
1 116 SER n 
1 117 THR n 
1 118 PRO n 
1 119 GLU n 
1 120 GLU n 
1 121 THR n 
1 122 ALA n 
1 123 GLN n 
1 124 TYR n 
1 125 ILE n 
1 126 PHE n 
1 127 LEU n 
1 128 ILE n 
1 129 ALA n 
1 130 LYS n 
1 131 ARG n 
1 132 GLU n 
1 133 GLN n 
1 134 GLU n 
1 135 GLU n 
1 136 ARG n 
1 137 GLU n 
1 138 LYS n 
1 139 PRO n 
1 140 VAL n 
1 141 ARG n 
1 142 ILE n 
1 143 ARG n 
# 
_entity_src_gen.entity_id                          1 
_entity_src_gen.pdbx_src_id                        1 
_entity_src_gen.pdbx_alt_source_flag               sample 
_entity_src_gen.pdbx_seq_type                      ? 
_entity_src_gen.pdbx_beg_seq_num                   ? 
_entity_src_gen.pdbx_end_seq_num                   ? 
_entity_src_gen.gene_src_common_name               ? 
_entity_src_gen.gene_src_genus                     Pyrococcus 
_entity_src_gen.pdbx_gene_src_gene                 ? 
_entity_src_gen.gene_src_species                   'Pyrococcus furiosus' 
_entity_src_gen.gene_src_strain                    'DSM 3638' 
_entity_src_gen.gene_src_tissue                    ? 
_entity_src_gen.gene_src_tissue_fraction           ? 
_entity_src_gen.gene_src_details                   ? 
_entity_src_gen.pdbx_gene_src_fragment             ? 
_entity_src_gen.pdbx_gene_src_scientific_name      'Pyrococcus furiosus' 
_entity_src_gen.pdbx_gene_src_ncbi_taxonomy_id     186497 
_entity_src_gen.pdbx_gene_src_variant              ? 
_entity_src_gen.pdbx_gene_src_cell_line            ? 
_entity_src_gen.pdbx_gene_src_atcc                 ? 
_entity_src_gen.pdbx_gene_src_organ                ? 
_entity_src_gen.pdbx_gene_src_organelle            ? 
_entity_src_gen.pdbx_gene_src_cell                 ? 
_entity_src_gen.pdbx_gene_src_cellular_location    ? 
_entity_src_gen.host_org_common_name               ? 
_entity_src_gen.pdbx_host_org_scientific_name      'Escherichia coli' 
_entity_src_gen.pdbx_host_org_ncbi_taxonomy_id     562 
_entity_src_gen.host_org_genus                     Escherichia 
_entity_src_gen.pdbx_host_org_gene                 ? 
_entity_src_gen.pdbx_host_org_organ                ? 
_entity_src_gen.host_org_species                   ? 
_entity_src_gen.pdbx_host_org_tissue               ? 
_entity_src_gen.pdbx_host_org_tissue_fraction      ? 
_entity_src_gen.pdbx_host_org_strain               'BL21DE3 codon plus RIL' 
_entity_src_gen.pdbx_host_org_variant              ? 
_entity_src_gen.pdbx_host_org_cell_line            ? 
_entity_src_gen.pdbx_host_org_atcc                 ? 
_entity_src_gen.pdbx_host_org_culture_collection   ? 
_entity_src_gen.pdbx_host_org_cell                 ? 
_entity_src_gen.pdbx_host_org_organelle            ? 
_entity_src_gen.pdbx_host_org_cellular_location    ? 
_entity_src_gen.pdbx_host_org_vector_type          plasmid 
_entity_src_gen.pdbx_host_org_vector               ? 
_entity_src_gen.host_org_details                   ? 
_entity_src_gen.expression_system_id               ? 
_entity_src_gen.plasmid_name                       pET 
_entity_src_gen.plasmid_details                    ? 
_entity_src_gen.pdbx_description                   ? 
# 
loop_
_chem_comp.id 
_chem_comp.type 
_chem_comp.mon_nstd_flag 
_chem_comp.name 
_chem_comp.pdbx_synonyms 
_chem_comp.formula 
_chem_comp.formula_weight 
ALA 'L-peptide linking' y ALANINE              ? 'C3 H7 N O2'     89.093  
ARG 'L-peptide linking' y ARGININE             ? 'C6 H15 N4 O2 1' 175.209 
ASN 'L-peptide linking' y ASPARAGINE           ? 'C4 H8 N2 O3'    132.118 
ASP 'L-peptide linking' y 'ASPARTIC ACID'      ? 'C4 H7 N O4'     133.103 
GLN 'L-peptide linking' y GLUTAMINE            ? 'C5 H10 N2 O3'   146.144 
GLU 'L-peptide linking' y 'GLUTAMIC ACID'      ? 'C5 H9 N O4'     147.129 
GLY 'peptide linking'   y GLYCINE              ? 'C2 H5 N O2'     75.067  
HIS 'L-peptide linking' y HISTIDINE            ? 'C6 H10 N3 O2 1' 156.162 
HOH non-polymer         . WATER                ? 'H2 O'           18.015  
ILE 'L-peptide linking' y ISOLEUCINE           ? 'C6 H13 N O2'    131.173 
LEU 'L-peptide linking' y LEUCINE              ? 'C6 H13 N O2'    131.173 
LYS 'L-peptide linking' y LYSINE               ? 'C6 H15 N2 O2 1' 147.195 
MET 'L-peptide linking' y METHIONINE           ? 'C5 H11 N O2 S'  149.211 
MN  non-polymer         . 'MANGANESE (II) ION' ? 'Mn 2'           54.938  
PHE 'L-peptide linking' y PHENYLALANINE        ? 'C9 H11 N O2'    165.189 
PRO 'L-peptide linking' y PROLINE              ? 'C5 H9 N O2'     115.130 
SER 'L-peptide linking' y SERINE               ? 'C3 H7 N O3'     105.093 
THR 'L-peptide linking' y THREONINE            ? 'C4 H9 N O3'     119.119 
TYR 'L-peptide linking' y TYROSINE             ? 'C9 H11 N O3'    181.189 
VAL 'L-peptide linking' y VALINE               ? 'C5 H11 N O2'    117.146 
# 
loop_
_pdbx_poly_seq_scheme.asym_id 
_pdbx_poly_seq_scheme.entity_id 
_pdbx_poly_seq_scheme.seq_id 
_pdbx_poly_seq_scheme.mon_id 
_pdbx_poly_seq_scheme.ndb_seq_num 
_pdbx_poly_seq_scheme.pdb_seq_num 
_pdbx_poly_seq_scheme.auth_seq_num 
_pdbx_poly_seq_scheme.pdb_mon_id 
_pdbx_poly_seq_scheme.auth_mon_id 
_pdbx_poly_seq_scheme.pdb_strand_id 
_pdbx_poly_seq_scheme.pdb_ins_code 
_pdbx_poly_seq_scheme.hetero 
A 1 1   MET 1   1   ?   ?   ?   A . n 
A 1 2   GLN 2   2   ?   ?   ?   A . n 
A 1 3   GLU 3   3   ?   ?   ?   A . n 
A 1 4   GLY 4   4   4   GLY GLY A . n 
A 1 5   VAL 5   5   5   VAL VAL A . n 
A 1 6   LYS 6   6   6   LYS LYS A . n 
A 1 7   VAL 7   7   7   VAL VAL A . n 
A 1 8   VAL 8   8   8   VAL VAL A . n 
A 1 9   VAL 9   9   9   VAL VAL A . n 
A 1 10  ASP 10  10  10  ASP ASP A . n 
A 1 11  SER 11  11  11  SER SER A . n 
A 1 12  ARG 12  12  12  ARG ARG A . n 
A 1 13  GLU 13  13  13  GLU GLU A . n 
A 1 14  LEU 14  14  14  LEU LEU A . n 
A 1 15  ARG 15  15  15  ARG ARG A . n 
A 1 16  SER 16  16  16  SER SER A . n 
A 1 17  GLU 17  17  17  GLU GLU A . n 
A 1 18  VAL 18  18  18  VAL VAL A . n 
A 1 19  VAL 19  19  19  VAL VAL A . n 
A 1 20  LYS 20  20  20  LYS LYS A . n 
A 1 21  ARG 21  21  21  ARG ARG A . n 
A 1 22  LEU 22  22  22  LEU LEU A . n 
A 1 23  LYS 23  23  23  LYS LYS A . n 
A 1 24  LEU 24  24  24  LEU LEU A . n 
A 1 25  LEU 25  25  25  LEU LEU A . n 
A 1 26  GLY 26  26  26  GLY GLY A . n 
A 1 27  VAL 27  27  27  VAL VAL A . n 
A 1 28  LYS 28  28  28  LYS LYS A . n 
A 1 29  LEU 29  29  29  LEU LEU A . n 
A 1 30  GLU 30  30  30  GLU GLU A . n 
A 1 31  VAL 31  31  31  VAL VAL A . n 
A 1 32  LYS 32  32  32  LYS LYS A . n 
A 1 33  THR 33  33  33  THR THR A . n 
A 1 34  LEU 34  34  34  LEU LEU A . n 
A 1 35  ASP 35  35  35  ASP ASP A . n 
A 1 36  VAL 36  36  36  VAL VAL A . n 
A 1 37  GLY 37  37  37  GLY GLY A . n 
A 1 38  ASP 38  38  38  ASP ASP A . n 
A 1 39  TYR 39  39  39  TYR TYR A . n 
A 1 40  ILE 40  40  40  ILE ILE A . n 
A 1 41  ILE 41  41  41  ILE ILE A . n 
A 1 42  SER 42  42  42  SER SER A . n 
A 1 43  GLU 43  43  43  GLU GLU A . n 
A 1 44  ASP 44  44  44  ASP ASP A . n 
A 1 45  VAL 45  45  45  VAL VAL A . n 
A 1 46  ALA 46  46  46  ALA ALA A . n 
A 1 47  ILE 47  47  47  ILE ILE A . n 
A 1 48  GLU 48  48  48  GLU GLU A . n 
A 1 49  ARG 49  49  49  ARG ARG A . n 
A 1 50  LYS 50  50  50  LYS LYS A . n 
A 1 51  SER 51  51  51  SER SER A . n 
A 1 52  ALA 52  52  52  ALA ALA A . n 
A 1 53  ASN 53  53  53  ASN ASN A . n 
A 1 54  ASP 54  54  54  ASP ASP A . n 
A 1 55  LEU 55  55  55  LEU LEU A . n 
A 1 56  ILE 56  56  56  ILE ILE A . n 
A 1 57  GLN 57  57  57  GLN GLN A . n 
A 1 58  SER 58  58  58  SER SER A . n 
A 1 59  ILE 59  59  59  ILE ILE A . n 
A 1 60  ILE 60  60  60  ILE ILE A . n 
A 1 61  ASP 61  61  61  ASP ASP A . n 
A 1 62  GLY 62  62  62  GLY GLY A . n 
A 1 63  GLY 63  63  63  GLY GLY A . n 
A 1 64  LEU 64  64  64  LEU LEU A . n 
A 1 65  PHE 65  65  65  PHE PHE A . n 
A 1 66  ASP 66  66  66  ASP ASP A . n 
A 1 67  GLN 67  67  67  GLN GLN A . n 
A 1 68  VAL 68  68  68  VAL VAL A . n 
A 1 69  LYS 69  69  69  LYS LYS A . n 
A 1 70  ARG 70  70  70  ARG ARG A . n 
A 1 71  LEU 71  71  71  LEU LEU A . n 
A 1 72  LYS 72  72  72  LYS LYS A . n 
A 1 73  GLU 73  73  73  GLU GLU A . n 
A 1 74  ALA 74  74  74  ALA ALA A . n 
A 1 75  TYR 75  75  75  TYR TYR A . n 
A 1 76  SER 76  76  76  SER SER A . n 
A 1 77  ARG 77  77  77  ARG ARG A . n 
A 1 78  PRO 78  78  78  PRO PRO A . n 
A 1 79  ILE 79  79  79  ILE ILE A . n 
A 1 80  MET 80  80  80  MET MET A . n 
A 1 81  ILE 81  81  81  ILE ILE A . n 
A 1 82  VAL 82  82  82  VAL VAL A . n 
A 1 83  GLU 83  83  83  GLU GLU A . n 
A 1 84  GLY 84  84  84  GLY GLY A . n 
A 1 85  SER 85  85  85  SER SER A . n 
A 1 86  LEU 86  86  86  LEU LEU A . n 
A 1 87  TYR 87  87  87  TYR TYR A . n 
A 1 88  GLY 88  88  88  GLY GLY A . n 
A 1 89  ILE 89  89  89  ILE ILE A . n 
A 1 90  ARG 90  90  90  ARG ARG A . n 
A 1 91  ASN 91  91  91  ASN ASN A . n 
A 1 92  VAL 92  92  92  VAL VAL A . n 
A 1 93  HIS 93  93  93  HIS HIS A . n 
A 1 94  PRO 94  94  94  PRO PRO A . n 
A 1 95  ASN 95  95  95  ASN ASN A . n 
A 1 96  ALA 96  96  96  ALA ALA A . n 
A 1 97  ILE 97  97  97  ILE ILE A . n 
A 1 98  ARG 98  98  98  ARG ARG A . n 
A 1 99  GLY 99  99  99  GLY GLY A . n 
A 1 100 ALA 100 100 100 ALA ALA A . n 
A 1 101 ILE 101 101 101 ILE ILE A . n 
A 1 102 ALA 102 102 102 ALA ALA A . n 
A 1 103 ALA 103 103 103 ALA ALA A . n 
A 1 104 VAL 104 104 104 VAL VAL A . n 
A 1 105 THR 105 105 105 THR THR A . n 
A 1 106 VAL 106 106 106 VAL VAL A . n 
A 1 107 ASP 107 107 107 ASP ASP A . n 
A 1 108 PHE 108 108 108 PHE PHE A . n 
A 1 109 GLY 109 109 109 GLY GLY A . n 
A 1 110 VAL 110 110 110 VAL VAL A . n 
A 1 111 PRO 111 111 111 PRO PRO A . n 
A 1 112 ILE 112 112 112 ILE ILE A . n 
A 1 113 ILE 113 113 113 ILE ILE A . n 
A 1 114 PHE 114 114 114 PHE PHE A . n 
A 1 115 SER 115 115 115 SER SER A . n 
A 1 116 SER 116 116 116 SER SER A . n 
A 1 117 THR 117 117 117 THR THR A . n 
A 1 118 PRO 118 118 118 PRO PRO A . n 
A 1 119 GLU 119 119 119 GLU GLU A . n 
A 1 120 GLU 120 120 120 GLU GLU A . n 
A 1 121 THR 121 121 121 THR THR A . n 
A 1 122 ALA 122 122 122 ALA ALA A . n 
A 1 123 GLN 123 123 123 GLN GLN A . n 
A 1 124 TYR 124 124 124 TYR TYR A . n 
A 1 125 ILE 125 125 125 ILE ILE A . n 
A 1 126 PHE 126 126 126 PHE PHE A . n 
A 1 127 LEU 127 127 127 LEU LEU A . n 
A 1 128 ILE 128 128 128 ILE ILE A . n 
A 1 129 ALA 129 129 129 ALA ALA A . n 
A 1 130 LYS 130 130 130 LYS LYS A . n 
A 1 131 ARG 131 131 131 ARG ARG A . n 
A 1 132 GLU 132 132 132 GLU GLU A . n 
A 1 133 GLN 133 133 133 GLN GLN A . n 
A 1 134 GLU 134 134 134 GLU GLU A . n 
A 1 135 GLU 135 135 135 GLU GLU A . n 
A 1 136 ARG 136 136 136 ARG ARG A . n 
A 1 137 GLU 137 137 ?   ?   ?   A . n 
A 1 138 LYS 138 138 ?   ?   ?   A . n 
A 1 139 PRO 139 139 ?   ?   ?   A . n 
A 1 140 VAL 140 140 ?   ?   ?   A . n 
A 1 141 ARG 141 141 ?   ?   ?   A . n 
A 1 142 ILE 142 142 ?   ?   ?   A . n 
A 1 143 ARG 143 143 ?   ?   ?   A . n 
# 
loop_
_pdbx_nonpoly_scheme.asym_id 
_pdbx_nonpoly_scheme.entity_id 
_pdbx_nonpoly_scheme.mon_id 
_pdbx_nonpoly_scheme.ndb_seq_num 
_pdbx_nonpoly_scheme.pdb_seq_num 
_pdbx_nonpoly_scheme.auth_seq_num 
_pdbx_nonpoly_scheme.pdb_mon_id 
_pdbx_nonpoly_scheme.auth_mon_id 
_pdbx_nonpoly_scheme.pdb_strand_id 
_pdbx_nonpoly_scheme.pdb_ins_code 
B 2 MN  1  1001 1  MN  MN2 A . 
C 3 HOH 1  1002 2  HOH WAT A . 
C 3 HOH 2  1003 3  HOH WAT A . 
C 3 HOH 3  1004 4  HOH WAT A . 
C 3 HOH 4  1005 5  HOH WAT A . 
C 3 HOH 5  1006 6  HOH WAT A . 
C 3 HOH 6  1007 7  HOH WAT A . 
C 3 HOH 7  1008 8  HOH WAT A . 
C 3 HOH 8  1009 9  HOH WAT A . 
C 3 HOH 9  1010 10 HOH WAT A . 
C 3 HOH 10 1011 11 HOH WAT A . 
C 3 HOH 11 1012 12 HOH WAT A . 
C 3 HOH 12 1013 13 HOH WAT A . 
C 3 HOH 13 1014 14 HOH WAT A . 
C 3 HOH 14 1015 15 HOH WAT A . 
C 3 HOH 15 1016 16 HOH WAT A . 
C 3 HOH 16 1017 17 HOH WAT A . 
C 3 HOH 17 1018 18 HOH WAT A . 
C 3 HOH 18 1019 19 HOH WAT A . 
C 3 HOH 19 1020 20 HOH WAT A . 
C 3 HOH 20 1021 21 HOH WAT A . 
C 3 HOH 21 1022 22 HOH WAT A . 
C 3 HOH 22 1023 23 HOH WAT A . 
C 3 HOH 23 1024 24 HOH WAT A . 
C 3 HOH 24 1025 25 HOH WAT A . 
C 3 HOH 25 1026 26 HOH WAT A . 
C 3 HOH 26 1027 27 HOH WAT A . 
C 3 HOH 27 1028 28 HOH WAT A . 
C 3 HOH 28 1029 29 HOH WAT A . 
C 3 HOH 29 1030 30 HOH WAT A . 
C 3 HOH 30 1031 31 HOH WAT A . 
C 3 HOH 31 1032 32 HOH WAT A . 
C 3 HOH 32 1033 33 HOH WAT A . 
C 3 HOH 33 1034 34 HOH WAT A . 
C 3 HOH 34 1035 35 HOH WAT A . 
C 3 HOH 35 1036 36 HOH WAT A . 
C 3 HOH 36 1037 37 HOH WAT A . 
C 3 HOH 37 1038 38 HOH WAT A . 
C 3 HOH 38 1039 39 HOH WAT A . 
C 3 HOH 39 1040 40 HOH WAT A . 
C 3 HOH 40 1041 41 HOH WAT A . 
C 3 HOH 41 1042 42 HOH WAT A . 
C 3 HOH 42 1043 43 HOH WAT A . 
C 3 HOH 43 1044 44 HOH WAT A . 
C 3 HOH 44 1045 45 HOH WAT A . 
C 3 HOH 45 1046 46 HOH WAT A . 
C 3 HOH 46 1047 47 HOH WAT A . 
C 3 HOH 47 1048 48 HOH WAT A . 
C 3 HOH 48 1049 49 HOH WAT A . 
C 3 HOH 49 1050 50 HOH WAT A . 
C 3 HOH 50 1051 51 HOH WAT A . 
C 3 HOH 51 1052 52 HOH WAT A . 
C 3 HOH 52 1053 53 HOH WAT A . 
C 3 HOH 53 1054 54 HOH WAT A . 
C 3 HOH 54 1055 55 HOH WAT A . 
C 3 HOH 55 1056 56 HOH WAT A . 
C 3 HOH 56 1057 57 HOH WAT A . 
C 3 HOH 57 1058 58 HOH WAT A . 
C 3 HOH 58 1059 59 HOH WAT A . 
C 3 HOH 59 1060 60 HOH WAT A . 
C 3 HOH 60 1061 61 HOH WAT A . 
C 3 HOH 61 1062 62 HOH WAT A . 
C 3 HOH 62 1063 63 HOH WAT A . 
C 3 HOH 63 1064 64 HOH WAT A . 
C 3 HOH 64 1065 65 HOH WAT A . 
C 3 HOH 65 1066 66 HOH WAT A . 
C 3 HOH 66 1067 67 HOH WAT A . 
C 3 HOH 67 1068 68 HOH WAT A . 
C 3 HOH 68 1069 69 HOH WAT A . 
C 3 HOH 69 1070 70 HOH WAT A . 
C 3 HOH 70 1071 71 HOH WAT A . 
C 3 HOH 71 1072 72 HOH WAT A . 
C 3 HOH 72 1073 73 HOH WAT A . 
C 3 HOH 73 1074 74 HOH WAT A . 
C 3 HOH 74 1075 75 HOH WAT A . 
C 3 HOH 75 1076 76 HOH WAT A . 
C 3 HOH 76 1077 77 HOH WAT A . 
C 3 HOH 77 1078 78 HOH WAT A . 
C 3 HOH 78 1079 79 HOH WAT A . 
C 3 HOH 79 1080 80 HOH WAT A . 
C 3 HOH 80 1081 81 HOH WAT A . 
C 3 HOH 81 1082 82 HOH WAT A . 
C 3 HOH 82 1083 83 HOH WAT A . 
C 3 HOH 83 1084 84 HOH WAT A . 
C 3 HOH 84 1085 85 HOH WAT A . 
# 
loop_
_software.name 
_software.classification 
_software.version 
_software.citation_id 
_software.pdbx_ordinal 
MOSFLM   'data reduction' .            ? 1 
TRUNCATE 'data reduction' .            ? 2 
SOLVE    phasing          .            ? 3 
CNS      refinement       0.9          ? 4 
CCP4     'data scaling'   '(TRUNCATE)' ? 5 
# 
_cell.entry_id           1J25 
_cell.length_a           69.795 
_cell.length_b           69.795 
_cell.length_c           58.509 
_cell.angle_alpha        90.00 
_cell.angle_beta         90.00 
_cell.angle_gamma        120.00 
_cell.Z_PDB              6 
_cell.pdbx_unique_axis   ? 
# 
_symmetry.entry_id                         1J25 
_symmetry.space_group_name_H-M             'P 31 2 1' 
_symmetry.pdbx_full_space_group_name_H-M   ? 
_symmetry.cell_setting                     ? 
_symmetry.Int_Tables_number                152 
# 
_exptl.entry_id          1J25 
_exptl.method            'X-RAY DIFFRACTION' 
_exptl.crystals_number   1 
# 
_exptl_crystal.id                    1 
_exptl_crystal.density_meas          ? 
_exptl_crystal.density_Matthews      2.60 
_exptl_crystal.density_percent_sol   52.37 
_exptl_crystal.description           ? 
# 
_exptl_crystal_grow.crystal_id      1 
_exptl_crystal_grow.method          MICRODIALYSIS 
_exptl_crystal_grow.temp            298 
_exptl_crystal_grow.temp_details    ? 
_exptl_crystal_grow.pH              8.0 
_exptl_crystal_grow.pdbx_details    'Tricine-NaOH, NaCl, NaN3, subtilisin, MnCl2 , pH 8.0, MICRODIALYSIS, temperature 298K' 
_exptl_crystal_grow.pdbx_pH_range   . 
# 
_diffrn.id                     1 
_diffrn.ambient_temp           100 
_diffrn.ambient_temp_details   ? 
_diffrn.crystal_id             1 
# 
_diffrn_detector.diffrn_id              1 
_diffrn_detector.detector               CCD 
_diffrn_detector.type                   'ADSC QUANTUM 4' 
_diffrn_detector.pdbx_collection_date   2001-11-01 
_diffrn_detector.details                diamond-graphite 
# 
_diffrn_radiation.diffrn_id                        1 
_diffrn_radiation.wavelength_id                    1 
_diffrn_radiation.pdbx_monochromatic_or_laue_m_l   M 
_diffrn_radiation.monochromator                    diamond 
_diffrn_radiation.pdbx_diffrn_protocol             'SINGLE WAVELENGTH' 
_diffrn_radiation.pdbx_scattering_type             x-ray 
# 
_diffrn_radiation_wavelength.id           1 
_diffrn_radiation_wavelength.wavelength   1.0 
_diffrn_radiation_wavelength.wt           1.0 
# 
_diffrn_source.diffrn_id                   1 
_diffrn_source.source                      SYNCHROTRON 
_diffrn_source.type                        'SPRING-8 BEAMLINE BL38B1' 
_diffrn_source.pdbx_synchrotron_site       SPring-8 
_diffrn_source.pdbx_synchrotron_beamline   BL38B1 
_diffrn_source.pdbx_wavelength             ? 
_diffrn_source.pdbx_wavelength_list        1.0 
# 
_reflns.entry_id                     1J25 
_reflns.observed_criterion_sigma_F   2 
_reflns.observed_criterion_sigma_I   2 
_reflns.d_resolution_high            1.78 
_reflns.d_resolution_low             50 
_reflns.number_all                   16100 
_reflns.number_obs                   15973 
_reflns.percent_possible_obs         99.2 
_reflns.pdbx_Rmerge_I_obs            0.06 
_reflns.pdbx_Rsym_value              ? 
_reflns.pdbx_netI_over_sigmaI        16.6 
_reflns.B_iso_Wilson_estimate        ? 
_reflns.pdbx_redundancy              ? 
_reflns.R_free_details               ? 
_reflns.limit_h_max                  ? 
_reflns.limit_h_min                  ? 
_reflns.limit_k_max                  ? 
_reflns.limit_k_min                  ? 
_reflns.limit_l_max                  ? 
_reflns.limit_l_min                  ? 
_reflns.observed_criterion_F_max     ? 
_reflns.observed_criterion_F_min     ? 
_reflns.pdbx_ordinal                 1 
_reflns.pdbx_diffrn_id               1 
# 
_reflns_shell.d_res_high             1.79 
_reflns_shell.d_res_low              1.86 
_reflns_shell.percent_possible_all   95.1 
_reflns_shell.Rmerge_I_obs           0.2 
_reflns_shell.pdbx_Rsym_value        ? 
_reflns_shell.meanI_over_sigI_obs    ? 
_reflns_shell.pdbx_redundancy        ? 
_reflns_shell.percent_possible_obs   ? 
_reflns_shell.number_unique_all      ? 
_reflns_shell.pdbx_ordinal           1 
_reflns_shell.pdbx_diffrn_id         1 
# 
_refine.entry_id                                 1J25 
_refine.ls_d_res_high                            1.78 
_refine.ls_d_res_low                             50 
_refine.pdbx_ls_sigma_F                          0 
_refine.pdbx_ls_sigma_I                          ? 
_refine.ls_number_reflns_all                     15771 
_refine.ls_number_reflns_obs                     14186 
_refine.ls_number_reflns_R_free                  1585 
_refine.ls_percent_reflns_obs                    ? 
_refine.ls_R_factor_all                          ? 
_refine.ls_R_factor_obs                          ? 
_refine.ls_R_factor_R_work                       0.228 
_refine.ls_R_factor_R_free                       0.252 
_refine.ls_redundancy_reflns_obs                 ? 
_refine.pdbx_data_cutoff_high_absF               ? 
_refine.pdbx_data_cutoff_low_absF                ? 
_refine.ls_number_parameters                     ? 
_refine.ls_number_restraints                     ? 
_refine.ls_percent_reflns_R_free                 ? 
_refine.ls_R_factor_R_free_error                 ? 
_refine.ls_R_factor_R_free_error_details         ? 
_refine.pdbx_method_to_determine_struct          MAD 
_refine.pdbx_starting_model                      'selenomet-phased model' 
_refine.pdbx_ls_cross_valid_method               ? 
_refine.pdbx_R_Free_selection_details            random 
_refine.pdbx_stereochem_target_val_spec_case     ? 
_refine.pdbx_stereochemistry_target_values       'Engh & Huber' 
_refine.solvent_model_details                    ? 
_refine.solvent_model_param_bsol                 ? 
_refine.solvent_model_param_ksol                 ? 
_refine.occupancy_max                            ? 
_refine.occupancy_min                            ? 
_refine.pdbx_isotropic_thermal_model             ? 
_refine.B_iso_mean                               ? 
_refine.aniso_B[1][1]                            ? 
_refine.aniso_B[1][2]                            ? 
_refine.aniso_B[1][3]                            ? 
_refine.aniso_B[2][2]                            ? 
_refine.aniso_B[2][3]                            ? 
_refine.aniso_B[3][3]                            ? 
_refine.details                                  ? 
_refine.B_iso_min                                ? 
_refine.B_iso_max                                ? 
_refine.correlation_coeff_Fo_to_Fc               ? 
_refine.correlation_coeff_Fo_to_Fc_free          ? 
_refine.pdbx_solvent_vdw_probe_radii             ? 
_refine.pdbx_solvent_ion_probe_radii             ? 
_refine.pdbx_solvent_shrinkage_radii             ? 
_refine.overall_SU_R_Cruickshank_DPI             ? 
_refine.overall_SU_R_free                        ? 
_refine.overall_SU_B                             ? 
_refine.overall_SU_ML                            ? 
_refine.pdbx_overall_ESU_R                       ? 
_refine.pdbx_overall_ESU_R_Free                  ? 
_refine.pdbx_data_cutoff_high_rms_absF           ? 
_refine.pdbx_refine_id                           'X-RAY DIFFRACTION' 
_refine.pdbx_diffrn_id                           1 
_refine.pdbx_TLS_residual_ADP_flag               ? 
_refine.pdbx_overall_phase_error                 ? 
_refine.pdbx_overall_SU_R_free_Cruickshank_DPI   ? 
_refine.pdbx_overall_SU_R_Blow_DPI               ? 
_refine.pdbx_overall_SU_R_free_Blow_DPI          ? 
# 
_refine_analyze.entry_id                        1J25 
_refine_analyze.Luzzati_coordinate_error_obs    0.24 
_refine_analyze.Luzzati_sigma_a_obs             0.14 
_refine_analyze.Luzzati_d_res_low_obs           5 
_refine_analyze.Luzzati_coordinate_error_free   0.27 
_refine_analyze.Luzzati_sigma_a_free            0.14 
_refine_analyze.Luzzati_d_res_low_free          ? 
_refine_analyze.number_disordered_residues      ? 
_refine_analyze.occupancy_sum_non_hydrogen      ? 
_refine_analyze.occupancy_sum_hydrogen          ? 
_refine_analyze.pdbx_Luzzati_d_res_high_obs     ? 
_refine_analyze.pdbx_refine_id                  'X-RAY DIFFRACTION' 
# 
_refine_hist.pdbx_refine_id                   'X-RAY DIFFRACTION' 
_refine_hist.cycle_id                         LAST 
_refine_hist.pdbx_number_atoms_protein        1044 
_refine_hist.pdbx_number_atoms_nucleic_acid   0 
_refine_hist.pdbx_number_atoms_ligand         1 
_refine_hist.number_atoms_solvent             84 
_refine_hist.number_atoms_total               1129 
_refine_hist.d_res_high                       1.78 
_refine_hist.d_res_low                        50 
# 
loop_
_refine_ls_restr.type 
_refine_ls_restr.dev_ideal 
_refine_ls_restr.dev_ideal_target 
_refine_ls_restr.weight 
_refine_ls_restr.number 
_refine_ls_restr.pdbx_refine_id 
_refine_ls_restr.pdbx_restraint_function 
c_angle_d          0.0047 ? ? ? 'X-RAY DIFFRACTION' ? 
c_bond_d           1.095  ? ? ? 'X-RAY DIFFRACTION' ? 
c_dihedral_angle_d 21.11  ? ? ? 'X-RAY DIFFRACTION' ? 
c_improper_angle_d 0.6979 ? ? ? 'X-RAY DIFFRACTION' ? 
# 
_refine_ls_shell.pdbx_total_number_of_bins_used   ? 
_refine_ls_shell.d_res_high                       1.78 
_refine_ls_shell.d_res_low                        1.80 
_refine_ls_shell.number_reflns_R_work             ? 
_refine_ls_shell.R_factor_R_work                  0.277 
_refine_ls_shell.percent_reflns_obs               ? 
_refine_ls_shell.R_factor_R_free                  0.284 
_refine_ls_shell.R_factor_R_free_error            ? 
_refine_ls_shell.percent_reflns_R_free            ? 
_refine_ls_shell.number_reflns_R_free             31 
_refine_ls_shell.number_reflns_obs                305 
_refine_ls_shell.redundancy_reflns_obs            ? 
_refine_ls_shell.number_reflns_all                ? 
_refine_ls_shell.pdbx_refine_id                   'X-RAY DIFFRACTION' 
_refine_ls_shell.R_factor_all                     ? 
# 
_struct.entry_id                  1J25 
_struct.title                     
'Crystal structure of archaeal XPF/Mus81 homolog, Hef from Pyrococcus furiosus, nuclease domain, Mn cocrystal' 
_struct.pdbx_model_details        ? 
_struct.pdbx_CASP_flag            ? 
_struct.pdbx_model_type_details   ? 
# 
_struct_keywords.entry_id        1J25 
_struct_keywords.pdbx_keywords   HYDROLASE 
_struct_keywords.text            'structure-specific endonuclease, HYDROLASE' 
# 
loop_
_struct_asym.id 
_struct_asym.pdbx_blank_PDB_chainid_flag 
_struct_asym.pdbx_modified 
_struct_asym.entity_id 
_struct_asym.details 
A N N 1 ? 
B N N 2 ? 
C N N 3 ? 
# 
_struct_ref.id                         1 
_struct_ref.db_name                    UNP 
_struct_ref.db_code                    Q8TZH8_PYRFU 
_struct_ref.entity_id                  1 
_struct_ref.pdbx_seq_one_letter_code   
;AQEGVKVVVDSRELRSEVVKRLKLLGVKLEVKTLDVGDYIISEDVAIERKSANDFIQSIIDGRLFDQVKRLKEAYSRPIM
IVEGSLYGIRNVHPNAIRGAIAAVTVDFGVPIIFSSTPEETAQYIFLIAKREQEEREKPVRIR
;
_struct_ref.pdbx_align_begin           547 
_struct_ref.pdbx_db_accession          Q8TZH8 
_struct_ref.pdbx_db_isoform            ? 
# 
_struct_ref_seq.align_id                      1 
_struct_ref_seq.ref_id                        1 
_struct_ref_seq.pdbx_PDB_id_code              1J25 
_struct_ref_seq.pdbx_strand_id                A 
_struct_ref_seq.seq_align_beg                 2 
_struct_ref_seq.pdbx_seq_align_beg_ins_code   ? 
_struct_ref_seq.seq_align_end                 143 
_struct_ref_seq.pdbx_seq_align_end_ins_code   ? 
_struct_ref_seq.pdbx_db_accession             Q8TZH8 
_struct_ref_seq.db_align_beg                  548 
_struct_ref_seq.pdbx_db_align_beg_ins_code    ? 
_struct_ref_seq.db_align_end                  689 
_struct_ref_seq.pdbx_db_align_end_ins_code    ? 
_struct_ref_seq.pdbx_auth_seq_align_beg       2 
_struct_ref_seq.pdbx_auth_seq_align_end       143 
# 
loop_
_struct_ref_seq_dif.align_id 
_struct_ref_seq_dif.pdbx_pdb_id_code 
_struct_ref_seq_dif.mon_id 
_struct_ref_seq_dif.pdbx_pdb_strand_id 
_struct_ref_seq_dif.seq_num 
_struct_ref_seq_dif.pdbx_pdb_ins_code 
_struct_ref_seq_dif.pdbx_seq_db_name 
_struct_ref_seq_dif.pdbx_seq_db_accession_code 
_struct_ref_seq_dif.db_mon_id 
_struct_ref_seq_dif.pdbx_seq_db_seq_num 
_struct_ref_seq_dif.details 
_struct_ref_seq_dif.pdbx_auth_seq_num 
_struct_ref_seq_dif.pdbx_ordinal 
1 1J25 MET A 1  ? UNP Q8TZH8 ?   ?   'initiating methionine' 1  1 
1 1J25 LEU A 55 ? UNP Q8TZH8 PHE 601 'engineered mutation'   55 2 
1 1J25 GLY A 63 ? UNP Q8TZH8 ARG 609 'engineered mutation'   63 3 
# 
_pdbx_struct_assembly.id                   1 
_pdbx_struct_assembly.details              author_defined_assembly 
_pdbx_struct_assembly.method_details       ? 
_pdbx_struct_assembly.oligomeric_details   dimeric 
_pdbx_struct_assembly.oligomeric_count     2 
# 
_pdbx_struct_assembly_gen.assembly_id       1 
_pdbx_struct_assembly_gen.oper_expression   1,2 
_pdbx_struct_assembly_gen.asym_id_list      A,B,C 
# 
loop_
_pdbx_struct_oper_list.id 
_pdbx_struct_oper_list.type 
_pdbx_struct_oper_list.name 
_pdbx_struct_oper_list.symmetry_operation 
_pdbx_struct_oper_list.matrix[1][1] 
_pdbx_struct_oper_list.matrix[1][2] 
_pdbx_struct_oper_list.matrix[1][3] 
_pdbx_struct_oper_list.vector[1] 
_pdbx_struct_oper_list.matrix[2][1] 
_pdbx_struct_oper_list.matrix[2][2] 
_pdbx_struct_oper_list.matrix[2][3] 
_pdbx_struct_oper_list.vector[2] 
_pdbx_struct_oper_list.matrix[3][1] 
_pdbx_struct_oper_list.matrix[3][2] 
_pdbx_struct_oper_list.matrix[3][3] 
_pdbx_struct_oper_list.vector[3] 
1 'identity operation'         1_555 x,y,z             1.0000000000  0.0000000000  0.0000000000 0.0000000000  0.0000000000  1.0000000000  0.0000000000  0.0000000000  0.0000000000 0.0000000000  1.0000000000 0.0000000000 
2 'crystal symmetry operation' 5_674 x-y+1,-y+2,-z-1/3 -0.5022524742 -0.2207168889 0.8360780509 -2.4825110046 -0.2207168889 -0.9021271980 -0.3707432718 21.6054300020 0.8360780509 -0.3707432718 0.4043796722 7.1815627699 
# 
_struct_biol.id                    1 
_struct_biol.details               'The second part of the biological assembly is generated by the two fold axis:x-y+1,2-y,-z-1/3' 
_struct_biol.pdbx_parent_biol_id   ? 
# 
loop_
_struct_conf.conf_type_id 
_struct_conf.id 
_struct_conf.pdbx_PDB_helix_id 
_struct_conf.beg_label_comp_id 
_struct_conf.beg_label_asym_id 
_struct_conf.beg_label_seq_id 
_struct_conf.pdbx_beg_PDB_ins_code 
_struct_conf.end_label_comp_id 
_struct_conf.end_label_asym_id 
_struct_conf.end_label_seq_id 
_struct_conf.pdbx_end_PDB_ins_code 
_struct_conf.beg_auth_comp_id 
_struct_conf.beg_auth_asym_id 
_struct_conf.beg_auth_seq_id 
_struct_conf.end_auth_comp_id 
_struct_conf.end_auth_asym_id 
_struct_conf.end_auth_seq_id 
_struct_conf.pdbx_PDB_helix_class 
_struct_conf.details 
_struct_conf.pdbx_PDB_helix_length 
HELX_P HELX_P1 1 ARG A 12  ? LEU A 14  ? ARG A 12  LEU A 14  5 ? 3  
HELX_P HELX_P2 2 SER A 16  ? LEU A 25  ? SER A 16  LEU A 25  1 ? 10 
HELX_P HELX_P3 3 ALA A 52  ? ASP A 61  ? ALA A 52  ASP A 61  1 ? 10 
HELX_P HELX_P4 4 GLY A 63  ? TYR A 75  ? GLY A 63  TYR A 75  1 ? 13 
HELX_P HELX_P5 5 HIS A 93  ? ASP A 107 ? HIS A 93  ASP A 107 1 ? 15 
HELX_P HELX_P6 6 THR A 117 ? ARG A 136 ? THR A 117 ARG A 136 1 ? 20 
# 
_struct_conf_type.id          HELX_P 
_struct_conf_type.criteria    ? 
_struct_conf_type.reference   ? 
# 
loop_
_struct_conn.id 
_struct_conn.conn_type_id 
_struct_conn.pdbx_leaving_atom_flag 
_struct_conn.pdbx_PDB_id 
_struct_conn.ptnr1_label_asym_id 
_struct_conn.ptnr1_label_comp_id 
_struct_conn.ptnr1_label_seq_id 
_struct_conn.ptnr1_label_atom_id 
_struct_conn.pdbx_ptnr1_label_alt_id 
_struct_conn.pdbx_ptnr1_PDB_ins_code 
_struct_conn.pdbx_ptnr1_standard_comp_id 
_struct_conn.ptnr1_symmetry 
_struct_conn.ptnr2_label_asym_id 
_struct_conn.ptnr2_label_comp_id 
_struct_conn.ptnr2_label_seq_id 
_struct_conn.ptnr2_label_atom_id 
_struct_conn.pdbx_ptnr2_label_alt_id 
_struct_conn.pdbx_ptnr2_PDB_ins_code 
_struct_conn.ptnr1_auth_asym_id 
_struct_conn.ptnr1_auth_comp_id 
_struct_conn.ptnr1_auth_seq_id 
_struct_conn.ptnr2_auth_asym_id 
_struct_conn.ptnr2_auth_comp_id 
_struct_conn.ptnr2_auth_seq_id 
_struct_conn.ptnr2_symmetry 
_struct_conn.pdbx_ptnr3_label_atom_id 
_struct_conn.pdbx_ptnr3_label_seq_id 
_struct_conn.pdbx_ptnr3_label_comp_id 
_struct_conn.pdbx_ptnr3_label_asym_id 
_struct_conn.pdbx_ptnr3_label_alt_id 
_struct_conn.pdbx_ptnr3_PDB_ins_code 
_struct_conn.details 
_struct_conn.pdbx_dist_value 
_struct_conn.pdbx_value_order 
_struct_conn.pdbx_role 
metalc1 metalc ? ? A ASP 38 OD2 ? ? ? 1_555 B MN  . MN ? ? A ASP 38   A MN  1001 1_555 ? ? ? ? ? ? ? 2.203 ? ? 
metalc2 metalc ? ? A ARG 49 O   ? ? ? 1_555 B MN  . MN ? ? A ARG 49   A MN  1001 1_555 ? ? ? ? ? ? ? 2.031 ? ? 
metalc3 metalc ? ? B MN  .  MN  ? ? ? 1_555 C HOH . O  ? ? A MN  1001 A HOH 1025 1_555 ? ? ? ? ? ? ? 2.558 ? ? 
metalc4 metalc ? ? B MN  .  MN  ? ? ? 1_555 C HOH . O  ? ? A MN  1001 A HOH 1034 1_555 ? ? ? ? ? ? ? 2.441 ? ? 
metalc5 metalc ? ? B MN  .  MN  ? ? ? 1_555 C HOH . O  ? ? A MN  1001 A HOH 1054 1_555 ? ? ? ? ? ? ? 2.362 ? ? 
# 
_struct_conn_type.id          metalc 
_struct_conn_type.criteria    ? 
_struct_conn_type.reference   ? 
# 
loop_
_pdbx_struct_conn_angle.id 
_pdbx_struct_conn_angle.ptnr1_label_atom_id 
_pdbx_struct_conn_angle.ptnr1_label_alt_id 
_pdbx_struct_conn_angle.ptnr1_label_asym_id 
_pdbx_struct_conn_angle.ptnr1_label_comp_id 
_pdbx_struct_conn_angle.ptnr1_label_seq_id 
_pdbx_struct_conn_angle.ptnr1_auth_atom_id 
_pdbx_struct_conn_angle.ptnr1_auth_asym_id 
_pdbx_struct_conn_angle.ptnr1_auth_comp_id 
_pdbx_struct_conn_angle.ptnr1_auth_seq_id 
_pdbx_struct_conn_angle.ptnr1_PDB_ins_code 
_pdbx_struct_conn_angle.ptnr1_symmetry 
_pdbx_struct_conn_angle.ptnr2_label_atom_id 
_pdbx_struct_conn_angle.ptnr2_label_alt_id 
_pdbx_struct_conn_angle.ptnr2_label_asym_id 
_pdbx_struct_conn_angle.ptnr2_label_comp_id 
_pdbx_struct_conn_angle.ptnr2_label_seq_id 
_pdbx_struct_conn_angle.ptnr2_auth_atom_id 
_pdbx_struct_conn_angle.ptnr2_auth_asym_id 
_pdbx_struct_conn_angle.ptnr2_auth_comp_id 
_pdbx_struct_conn_angle.ptnr2_auth_seq_id 
_pdbx_struct_conn_angle.ptnr2_PDB_ins_code 
_pdbx_struct_conn_angle.ptnr2_symmetry 
_pdbx_struct_conn_angle.ptnr3_label_atom_id 
_pdbx_struct_conn_angle.ptnr3_label_alt_id 
_pdbx_struct_conn_angle.ptnr3_label_asym_id 
_pdbx_struct_conn_angle.ptnr3_label_comp_id 
_pdbx_struct_conn_angle.ptnr3_label_seq_id 
_pdbx_struct_conn_angle.ptnr3_auth_atom_id 
_pdbx_struct_conn_angle.ptnr3_auth_asym_id 
_pdbx_struct_conn_angle.ptnr3_auth_comp_id 
_pdbx_struct_conn_angle.ptnr3_auth_seq_id 
_pdbx_struct_conn_angle.ptnr3_PDB_ins_code 
_pdbx_struct_conn_angle.ptnr3_symmetry 
_pdbx_struct_conn_angle.value 
_pdbx_struct_conn_angle.value_esd 
1  OD2 ? A ASP 38 ? A ASP 38   ? 1_555 MN ? B MN . ? A MN 1001 ? 1_555 O ? A ARG 49 ? A ARG 49   ? 1_555 96.8  ? 
2  OD2 ? A ASP 38 ? A ASP 38   ? 1_555 MN ? B MN . ? A MN 1001 ? 1_555 O ? C HOH .  ? A HOH 1025 ? 1_555 96.2  ? 
3  O   ? A ARG 49 ? A ARG 49   ? 1_555 MN ? B MN . ? A MN 1001 ? 1_555 O ? C HOH .  ? A HOH 1025 ? 1_555 80.0  ? 
4  OD2 ? A ASP 38 ? A ASP 38   ? 1_555 MN ? B MN . ? A MN 1001 ? 1_555 O ? C HOH .  ? A HOH 1034 ? 1_555 88.1  ? 
5  O   ? A ARG 49 ? A ARG 49   ? 1_555 MN ? B MN . ? A MN 1001 ? 1_555 O ? C HOH .  ? A HOH 1034 ? 1_555 171.5 ? 
6  O   ? C HOH .  ? A HOH 1025 ? 1_555 MN ? B MN . ? A MN 1001 ? 1_555 O ? C HOH .  ? A HOH 1034 ? 1_555 92.6  ? 
7  OD2 ? A ASP 38 ? A ASP 38   ? 1_555 MN ? B MN . ? A MN 1001 ? 1_555 O ? C HOH .  ? A HOH 1054 ? 1_555 172.3 ? 
8  O   ? A ARG 49 ? A ARG 49   ? 1_555 MN ? B MN . ? A MN 1001 ? 1_555 O ? C HOH .  ? A HOH 1054 ? 1_555 88.1  ? 
9  O   ? C HOH .  ? A HOH 1025 ? 1_555 MN ? B MN . ? A MN 1001 ? 1_555 O ? C HOH .  ? A HOH 1054 ? 1_555 90.5  ? 
10 O   ? C HOH .  ? A HOH 1034 ? 1_555 MN ? B MN . ? A MN 1001 ? 1_555 O ? C HOH .  ? A HOH 1054 ? 1_555 87.8  ? 
# 
_struct_sheet.id               A 
_struct_sheet.type             ? 
_struct_sheet.number_strands   6 
_struct_sheet.details          ? 
# 
loop_
_struct_sheet_order.sheet_id 
_struct_sheet_order.range_id_1 
_struct_sheet_order.range_id_2 
_struct_sheet_order.offset 
_struct_sheet_order.sense 
A 1 2 ? parallel      
A 2 3 ? anti-parallel 
A 3 4 ? anti-parallel 
A 4 5 ? parallel      
A 5 6 ? parallel      
# 
loop_
_struct_sheet_range.sheet_id 
_struct_sheet_range.id 
_struct_sheet_range.beg_label_comp_id 
_struct_sheet_range.beg_label_asym_id 
_struct_sheet_range.beg_label_seq_id 
_struct_sheet_range.pdbx_beg_PDB_ins_code 
_struct_sheet_range.end_label_comp_id 
_struct_sheet_range.end_label_asym_id 
_struct_sheet_range.end_label_seq_id 
_struct_sheet_range.pdbx_end_PDB_ins_code 
_struct_sheet_range.beg_auth_comp_id 
_struct_sheet_range.beg_auth_asym_id 
_struct_sheet_range.beg_auth_seq_id 
_struct_sheet_range.end_auth_comp_id 
_struct_sheet_range.end_auth_asym_id 
_struct_sheet_range.end_auth_seq_id 
A 1 LYS A 28  ? LYS A 32  ? LYS A 28  LYS A 32  
A 2 LYS A 6   ? ASP A 10  ? LYS A 6   ASP A 10  
A 3 TYR A 39  ? ILE A 40  ? TYR A 39  ILE A 40  
A 4 VAL A 45  ? SER A 51  ? VAL A 45  SER A 51  
A 5 ARG A 77  ? GLU A 83  ? ARG A 77  GLU A 83  
A 6 ILE A 112 ? SER A 115 ? ILE A 112 SER A 115 
# 
loop_
_pdbx_struct_sheet_hbond.sheet_id 
_pdbx_struct_sheet_hbond.range_id_1 
_pdbx_struct_sheet_hbond.range_id_2 
_pdbx_struct_sheet_hbond.range_1_label_atom_id 
_pdbx_struct_sheet_hbond.range_1_label_comp_id 
_pdbx_struct_sheet_hbond.range_1_label_asym_id 
_pdbx_struct_sheet_hbond.range_1_label_seq_id 
_pdbx_struct_sheet_hbond.range_1_PDB_ins_code 
_pdbx_struct_sheet_hbond.range_1_auth_atom_id 
_pdbx_struct_sheet_hbond.range_1_auth_comp_id 
_pdbx_struct_sheet_hbond.range_1_auth_asym_id 
_pdbx_struct_sheet_hbond.range_1_auth_seq_id 
_pdbx_struct_sheet_hbond.range_2_label_atom_id 
_pdbx_struct_sheet_hbond.range_2_label_comp_id 
_pdbx_struct_sheet_hbond.range_2_label_asym_id 
_pdbx_struct_sheet_hbond.range_2_label_seq_id 
_pdbx_struct_sheet_hbond.range_2_PDB_ins_code 
_pdbx_struct_sheet_hbond.range_2_auth_atom_id 
_pdbx_struct_sheet_hbond.range_2_auth_comp_id 
_pdbx_struct_sheet_hbond.range_2_auth_asym_id 
_pdbx_struct_sheet_hbond.range_2_auth_seq_id 
A 1 2 O GLU A 30 ? O GLU A 30 N VAL A 9   ? N VAL A 9   
A 2 3 N VAL A 8  ? N VAL A 8  O ILE A 40  ? O ILE A 40  
A 3 4 N TYR A 39 ? N TYR A 39 O ILE A 47  ? O ILE A 47  
A 4 5 N GLU A 48 ? N GLU A 48 O ILE A 81  ? O ILE A 81  
A 5 6 N VAL A 82 ? N VAL A 82 O SER A 115 ? O SER A 115 
# 
_struct_site.id                   AC1 
_struct_site.pdbx_evidence_code   Software 
_struct_site.pdbx_auth_asym_id    A 
_struct_site.pdbx_auth_comp_id    MN 
_struct_site.pdbx_auth_seq_id     1001 
_struct_site.pdbx_auth_ins_code   ? 
_struct_site.pdbx_num_residues    6 
_struct_site.details              'BINDING SITE FOR RESIDUE MN A 1001' 
# 
loop_
_struct_site_gen.id 
_struct_site_gen.site_id 
_struct_site_gen.pdbx_num_res 
_struct_site_gen.label_comp_id 
_struct_site_gen.label_asym_id 
_struct_site_gen.label_seq_id 
_struct_site_gen.pdbx_auth_ins_code 
_struct_site_gen.auth_comp_id 
_struct_site_gen.auth_asym_id 
_struct_site_gen.auth_seq_id 
_struct_site_gen.label_atom_id 
_struct_site_gen.label_alt_id 
_struct_site_gen.symmetry 
_struct_site_gen.details 
1 AC1 6 ASP A 38 ? ASP A 38   . ? 1_555 ? 
2 AC1 6 GLU A 48 ? GLU A 48   . ? 1_555 ? 
3 AC1 6 ARG A 49 ? ARG A 49   . ? 1_555 ? 
4 AC1 6 HOH C .  ? HOH A 1025 . ? 1_555 ? 
5 AC1 6 HOH C .  ? HOH A 1034 . ? 1_555 ? 
6 AC1 6 HOH C .  ? HOH A 1054 . ? 1_555 ? 
# 
loop_
_pdbx_validate_torsion.id 
_pdbx_validate_torsion.PDB_model_num 
_pdbx_validate_torsion.auth_comp_id 
_pdbx_validate_torsion.auth_asym_id 
_pdbx_validate_torsion.auth_seq_id 
_pdbx_validate_torsion.PDB_ins_code 
_pdbx_validate_torsion.label_alt_id 
_pdbx_validate_torsion.phi 
_pdbx_validate_torsion.psi 
1 1 ARG A 90 ? ? -63.13  -155.78 
2 1 VAL A 92 ? ? -175.11 136.18  
# 
loop_
_pdbx_unobs_or_zero_occ_residues.id 
_pdbx_unobs_or_zero_occ_residues.PDB_model_num 
_pdbx_unobs_or_zero_occ_residues.polymer_flag 
_pdbx_unobs_or_zero_occ_residues.occupancy_flag 
_pdbx_unobs_or_zero_occ_residues.auth_asym_id 
_pdbx_unobs_or_zero_occ_residues.auth_comp_id 
_pdbx_unobs_or_zero_occ_residues.auth_seq_id 
_pdbx_unobs_or_zero_occ_residues.PDB_ins_code 
_pdbx_unobs_or_zero_occ_residues.label_asym_id 
_pdbx_unobs_or_zero_occ_residues.label_comp_id 
_pdbx_unobs_or_zero_occ_residues.label_seq_id 
1  1 Y 1 A MET 1   ? A MET 1   
2  1 Y 1 A GLN 2   ? A GLN 2   
3  1 Y 1 A GLU 3   ? A GLU 3   
4  1 Y 1 A GLU 137 ? A GLU 137 
5  1 Y 1 A LYS 138 ? A LYS 138 
6  1 Y 1 A PRO 139 ? A PRO 139 
7  1 Y 1 A VAL 140 ? A VAL 140 
8  1 Y 1 A ARG 141 ? A ARG 141 
9  1 Y 1 A ILE 142 ? A ILE 142 
10 1 Y 1 A ARG 143 ? A ARG 143 
# 
loop_
_chem_comp_atom.comp_id 
_chem_comp_atom.atom_id 
_chem_comp_atom.type_symbol 
_chem_comp_atom.pdbx_aromatic_flag 
_chem_comp_atom.pdbx_stereo_config 
_chem_comp_atom.pdbx_ordinal 
ALA N    N  N N 1   
ALA CA   C  N S 2   
ALA C    C  N N 3   
ALA O    O  N N 4   
ALA CB   C  N N 5   
ALA OXT  O  N N 6   
ALA H    H  N N 7   
ALA H2   H  N N 8   
ALA HA   H  N N 9   
ALA HB1  H  N N 10  
ALA HB2  H  N N 11  
ALA HB3  H  N N 12  
ALA HXT  H  N N 13  
ARG N    N  N N 14  
ARG CA   C  N S 15  
ARG C    C  N N 16  
ARG O    O  N N 17  
ARG CB   C  N N 18  
ARG CG   C  N N 19  
ARG CD   C  N N 20  
ARG NE   N  N N 21  
ARG CZ   C  N N 22  
ARG NH1  N  N N 23  
ARG NH2  N  N N 24  
ARG OXT  O  N N 25  
ARG H    H  N N 26  
ARG H2   H  N N 27  
ARG HA   H  N N 28  
ARG HB2  H  N N 29  
ARG HB3  H  N N 30  
ARG HG2  H  N N 31  
ARG HG3  H  N N 32  
ARG HD2  H  N N 33  
ARG HD3  H  N N 34  
ARG HE   H  N N 35  
ARG HH11 H  N N 36  
ARG HH12 H  N N 37  
ARG HH21 H  N N 38  
ARG HH22 H  N N 39  
ARG HXT  H  N N 40  
ASN N    N  N N 41  
ASN CA   C  N S 42  
ASN C    C  N N 43  
ASN O    O  N N 44  
ASN CB   C  N N 45  
ASN CG   C  N N 46  
ASN OD1  O  N N 47  
ASN ND2  N  N N 48  
ASN OXT  O  N N 49  
ASN H    H  N N 50  
ASN H2   H  N N 51  
ASN HA   H  N N 52  
ASN HB2  H  N N 53  
ASN HB3  H  N N 54  
ASN HD21 H  N N 55  
ASN HD22 H  N N 56  
ASN HXT  H  N N 57  
ASP N    N  N N 58  
ASP CA   C  N S 59  
ASP C    C  N N 60  
ASP O    O  N N 61  
ASP CB   C  N N 62  
ASP CG   C  N N 63  
ASP OD1  O  N N 64  
ASP OD2  O  N N 65  
ASP OXT  O  N N 66  
ASP H    H  N N 67  
ASP H2   H  N N 68  
ASP HA   H  N N 69  
ASP HB2  H  N N 70  
ASP HB3  H  N N 71  
ASP HD2  H  N N 72  
ASP HXT  H  N N 73  
GLN N    N  N N 74  
GLN CA   C  N S 75  
GLN C    C  N N 76  
GLN O    O  N N 77  
GLN CB   C  N N 78  
GLN CG   C  N N 79  
GLN CD   C  N N 80  
GLN OE1  O  N N 81  
GLN NE2  N  N N 82  
GLN OXT  O  N N 83  
GLN H    H  N N 84  
GLN H2   H  N N 85  
GLN HA   H  N N 86  
GLN HB2  H  N N 87  
GLN HB3  H  N N 88  
GLN HG2  H  N N 89  
GLN HG3  H  N N 90  
GLN HE21 H  N N 91  
GLN HE22 H  N N 92  
GLN HXT  H  N N 93  
GLU N    N  N N 94  
GLU CA   C  N S 95  
GLU C    C  N N 96  
GLU O    O  N N 97  
GLU CB   C  N N 98  
GLU CG   C  N N 99  
GLU CD   C  N N 100 
GLU OE1  O  N N 101 
GLU OE2  O  N N 102 
GLU OXT  O  N N 103 
GLU H    H  N N 104 
GLU H2   H  N N 105 
GLU HA   H  N N 106 
GLU HB2  H  N N 107 
GLU HB3  H  N N 108 
GLU HG2  H  N N 109 
GLU HG3  H  N N 110 
GLU HE2  H  N N 111 
GLU HXT  H  N N 112 
GLY N    N  N N 113 
GLY CA   C  N N 114 
GLY C    C  N N 115 
GLY O    O  N N 116 
GLY OXT  O  N N 117 
GLY H    H  N N 118 
GLY H2   H  N N 119 
GLY HA2  H  N N 120 
GLY HA3  H  N N 121 
GLY HXT  H  N N 122 
HIS N    N  N N 123 
HIS CA   C  N S 124 
HIS C    C  N N 125 
HIS O    O  N N 126 
HIS CB   C  N N 127 
HIS CG   C  Y N 128 
HIS ND1  N  Y N 129 
HIS CD2  C  Y N 130 
HIS CE1  C  Y N 131 
HIS NE2  N  Y N 132 
HIS OXT  O  N N 133 
HIS H    H  N N 134 
HIS H2   H  N N 135 
HIS HA   H  N N 136 
HIS HB2  H  N N 137 
HIS HB3  H  N N 138 
HIS HD1  H  N N 139 
HIS HD2  H  N N 140 
HIS HE1  H  N N 141 
HIS HE2  H  N N 142 
HIS HXT  H  N N 143 
HOH O    O  N N 144 
HOH H1   H  N N 145 
HOH H2   H  N N 146 
ILE N    N  N N 147 
ILE CA   C  N S 148 
ILE C    C  N N 149 
ILE O    O  N N 150 
ILE CB   C  N S 151 
ILE CG1  C  N N 152 
ILE CG2  C  N N 153 
ILE CD1  C  N N 154 
ILE OXT  O  N N 155 
ILE H    H  N N 156 
ILE H2   H  N N 157 
ILE HA   H  N N 158 
ILE HB   H  N N 159 
ILE HG12 H  N N 160 
ILE HG13 H  N N 161 
ILE HG21 H  N N 162 
ILE HG22 H  N N 163 
ILE HG23 H  N N 164 
ILE HD11 H  N N 165 
ILE HD12 H  N N 166 
ILE HD13 H  N N 167 
ILE HXT  H  N N 168 
LEU N    N  N N 169 
LEU CA   C  N S 170 
LEU C    C  N N 171 
LEU O    O  N N 172 
LEU CB   C  N N 173 
LEU CG   C  N N 174 
LEU CD1  C  N N 175 
LEU CD2  C  N N 176 
LEU OXT  O  N N 177 
LEU H    H  N N 178 
LEU H2   H  N N 179 
LEU HA   H  N N 180 
LEU HB2  H  N N 181 
LEU HB3  H  N N 182 
LEU HG   H  N N 183 
LEU HD11 H  N N 184 
LEU HD12 H  N N 185 
LEU HD13 H  N N 186 
LEU HD21 H  N N 187 
LEU HD22 H  N N 188 
LEU HD23 H  N N 189 
LEU HXT  H  N N 190 
LYS N    N  N N 191 
LYS CA   C  N S 192 
LYS C    C  N N 193 
LYS O    O  N N 194 
LYS CB   C  N N 195 
LYS CG   C  N N 196 
LYS CD   C  N N 197 
LYS CE   C  N N 198 
LYS NZ   N  N N 199 
LYS OXT  O  N N 200 
LYS H    H  N N 201 
LYS H2   H  N N 202 
LYS HA   H  N N 203 
LYS HB2  H  N N 204 
LYS HB3  H  N N 205 
LYS HG2  H  N N 206 
LYS HG3  H  N N 207 
LYS HD2  H  N N 208 
LYS HD3  H  N N 209 
LYS HE2  H  N N 210 
LYS HE3  H  N N 211 
LYS HZ1  H  N N 212 
LYS HZ2  H  N N 213 
LYS HZ3  H  N N 214 
LYS HXT  H  N N 215 
MET N    N  N N 216 
MET CA   C  N S 217 
MET C    C  N N 218 
MET O    O  N N 219 
MET CB   C  N N 220 
MET CG   C  N N 221 
MET SD   S  N N 222 
MET CE   C  N N 223 
MET OXT  O  N N 224 
MET H    H  N N 225 
MET H2   H  N N 226 
MET HA   H  N N 227 
MET HB2  H  N N 228 
MET HB3  H  N N 229 
MET HG2  H  N N 230 
MET HG3  H  N N 231 
MET HE1  H  N N 232 
MET HE2  H  N N 233 
MET HE3  H  N N 234 
MET HXT  H  N N 235 
MN  MN   MN N N 236 
PHE N    N  N N 237 
PHE CA   C  N S 238 
PHE C    C  N N 239 
PHE O    O  N N 240 
PHE CB   C  N N 241 
PHE CG   C  Y N 242 
PHE CD1  C  Y N 243 
PHE CD2  C  Y N 244 
PHE CE1  C  Y N 245 
PHE CE2  C  Y N 246 
PHE CZ   C  Y N 247 
PHE OXT  O  N N 248 
PHE H    H  N N 249 
PHE H2   H  N N 250 
PHE HA   H  N N 251 
PHE HB2  H  N N 252 
PHE HB3  H  N N 253 
PHE HD1  H  N N 254 
PHE HD2  H  N N 255 
PHE HE1  H  N N 256 
PHE HE2  H  N N 257 
PHE HZ   H  N N 258 
PHE HXT  H  N N 259 
PRO N    N  N N 260 
PRO CA   C  N S 261 
PRO C    C  N N 262 
PRO O    O  N N 263 
PRO CB   C  N N 264 
PRO CG   C  N N 265 
PRO CD   C  N N 266 
PRO OXT  O  N N 267 
PRO H    H  N N 268 
PRO HA   H  N N 269 
PRO HB2  H  N N 270 
PRO HB3  H  N N 271 
PRO HG2  H  N N 272 
PRO HG3  H  N N 273 
PRO HD2  H  N N 274 
PRO HD3  H  N N 275 
PRO HXT  H  N N 276 
SER N    N  N N 277 
SER CA   C  N S 278 
SER C    C  N N 279 
SER O    O  N N 280 
SER CB   C  N N 281 
SER OG   O  N N 282 
SER OXT  O  N N 283 
SER H    H  N N 284 
SER H2   H  N N 285 
SER HA   H  N N 286 
SER HB2  H  N N 287 
SER HB3  H  N N 288 
SER HG   H  N N 289 
SER HXT  H  N N 290 
THR N    N  N N 291 
THR CA   C  N S 292 
THR C    C  N N 293 
THR O    O  N N 294 
THR CB   C  N R 295 
THR OG1  O  N N 296 
THR CG2  C  N N 297 
THR OXT  O  N N 298 
THR H    H  N N 299 
THR H2   H  N N 300 
THR HA   H  N N 301 
THR HB   H  N N 302 
THR HG1  H  N N 303 
THR HG21 H  N N 304 
THR HG22 H  N N 305 
THR HG23 H  N N 306 
THR HXT  H  N N 307 
TYR N    N  N N 308 
TYR CA   C  N S 309 
TYR C    C  N N 310 
TYR O    O  N N 311 
TYR CB   C  N N 312 
TYR CG   C  Y N 313 
TYR CD1  C  Y N 314 
TYR CD2  C  Y N 315 
TYR CE1  C  Y N 316 
TYR CE2  C  Y N 317 
TYR CZ   C  Y N 318 
TYR OH   O  N N 319 
TYR OXT  O  N N 320 
TYR H    H  N N 321 
TYR H2   H  N N 322 
TYR HA   H  N N 323 
TYR HB2  H  N N 324 
TYR HB3  H  N N 325 
TYR HD1  H  N N 326 
TYR HD2  H  N N 327 
TYR HE1  H  N N 328 
TYR HE2  H  N N 329 
TYR HH   H  N N 330 
TYR HXT  H  N N 331 
VAL N    N  N N 332 
VAL CA   C  N S 333 
VAL C    C  N N 334 
VAL O    O  N N 335 
VAL CB   C  N N 336 
VAL CG1  C  N N 337 
VAL CG2  C  N N 338 
VAL OXT  O  N N 339 
VAL H    H  N N 340 
VAL H2   H  N N 341 
VAL HA   H  N N 342 
VAL HB   H  N N 343 
VAL HG11 H  N N 344 
VAL HG12 H  N N 345 
VAL HG13 H  N N 346 
VAL HG21 H  N N 347 
VAL HG22 H  N N 348 
VAL HG23 H  N N 349 
VAL HXT  H  N N 350 
# 
loop_
_chem_comp_bond.comp_id 
_chem_comp_bond.atom_id_1 
_chem_comp_bond.atom_id_2 
_chem_comp_bond.value_order 
_chem_comp_bond.pdbx_aromatic_flag 
_chem_comp_bond.pdbx_stereo_config 
_chem_comp_bond.pdbx_ordinal 
ALA N   CA   sing N N 1   
ALA N   H    sing N N 2   
ALA N   H2   sing N N 3   
ALA CA  C    sing N N 4   
ALA CA  CB   sing N N 5   
ALA CA  HA   sing N N 6   
ALA C   O    doub N N 7   
ALA C   OXT  sing N N 8   
ALA CB  HB1  sing N N 9   
ALA CB  HB2  sing N N 10  
ALA CB  HB3  sing N N 11  
ALA OXT HXT  sing N N 12  
ARG N   CA   sing N N 13  
ARG N   H    sing N N 14  
ARG N   H2   sing N N 15  
ARG CA  C    sing N N 16  
ARG CA  CB   sing N N 17  
ARG CA  HA   sing N N 18  
ARG C   O    doub N N 19  
ARG C   OXT  sing N N 20  
ARG CB  CG   sing N N 21  
ARG CB  HB2  sing N N 22  
ARG CB  HB3  sing N N 23  
ARG CG  CD   sing N N 24  
ARG CG  HG2  sing N N 25  
ARG CG  HG3  sing N N 26  
ARG CD  NE   sing N N 27  
ARG CD  HD2  sing N N 28  
ARG CD  HD3  sing N N 29  
ARG NE  CZ   sing N N 30  
ARG NE  HE   sing N N 31  
ARG CZ  NH1  sing N N 32  
ARG CZ  NH2  doub N N 33  
ARG NH1 HH11 sing N N 34  
ARG NH1 HH12 sing N N 35  
ARG NH2 HH21 sing N N 36  
ARG NH2 HH22 sing N N 37  
ARG OXT HXT  sing N N 38  
ASN N   CA   sing N N 39  
ASN N   H    sing N N 40  
ASN N   H2   sing N N 41  
ASN CA  C    sing N N 42  
ASN CA  CB   sing N N 43  
ASN CA  HA   sing N N 44  
ASN C   O    doub N N 45  
ASN C   OXT  sing N N 46  
ASN CB  CG   sing N N 47  
ASN CB  HB2  sing N N 48  
ASN CB  HB3  sing N N 49  
ASN CG  OD1  doub N N 50  
ASN CG  ND2  sing N N 51  
ASN ND2 HD21 sing N N 52  
ASN ND2 HD22 sing N N 53  
ASN OXT HXT  sing N N 54  
ASP N   CA   sing N N 55  
ASP N   H    sing N N 56  
ASP N   H2   sing N N 57  
ASP CA  C    sing N N 58  
ASP CA  CB   sing N N 59  
ASP CA  HA   sing N N 60  
ASP C   O    doub N N 61  
ASP C   OXT  sing N N 62  
ASP CB  CG   sing N N 63  
ASP CB  HB2  sing N N 64  
ASP CB  HB3  sing N N 65  
ASP CG  OD1  doub N N 66  
ASP CG  OD2  sing N N 67  
ASP OD2 HD2  sing N N 68  
ASP OXT HXT  sing N N 69  
GLN N   CA   sing N N 70  
GLN N   H    sing N N 71  
GLN N   H2   sing N N 72  
GLN CA  C    sing N N 73  
GLN CA  CB   sing N N 74  
GLN CA  HA   sing N N 75  
GLN C   O    doub N N 76  
GLN C   OXT  sing N N 77  
GLN CB  CG   sing N N 78  
GLN CB  HB2  sing N N 79  
GLN CB  HB3  sing N N 80  
GLN CG  CD   sing N N 81  
GLN CG  HG2  sing N N 82  
GLN CG  HG3  sing N N 83  
GLN CD  OE1  doub N N 84  
GLN CD  NE2  sing N N 85  
GLN NE2 HE21 sing N N 86  
GLN NE2 HE22 sing N N 87  
GLN OXT HXT  sing N N 88  
GLU N   CA   sing N N 89  
GLU N   H    sing N N 90  
GLU N   H2   sing N N 91  
GLU CA  C    sing N N 92  
GLU CA  CB   sing N N 93  
GLU CA  HA   sing N N 94  
GLU C   O    doub N N 95  
GLU C   OXT  sing N N 96  
GLU CB  CG   sing N N 97  
GLU CB  HB2  sing N N 98  
GLU CB  HB3  sing N N 99  
GLU CG  CD   sing N N 100 
GLU CG  HG2  sing N N 101 
GLU CG  HG3  sing N N 102 
GLU CD  OE1  doub N N 103 
GLU CD  OE2  sing N N 104 
GLU OE2 HE2  sing N N 105 
GLU OXT HXT  sing N N 106 
GLY N   CA   sing N N 107 
GLY N   H    sing N N 108 
GLY N   H2   sing N N 109 
GLY CA  C    sing N N 110 
GLY CA  HA2  sing N N 111 
GLY CA  HA3  sing N N 112 
GLY C   O    doub N N 113 
GLY C   OXT  sing N N 114 
GLY OXT HXT  sing N N 115 
HIS N   CA   sing N N 116 
HIS N   H    sing N N 117 
HIS N   H2   sing N N 118 
HIS CA  C    sing N N 119 
HIS CA  CB   sing N N 120 
HIS CA  HA   sing N N 121 
HIS C   O    doub N N 122 
HIS C   OXT  sing N N 123 
HIS CB  CG   sing N N 124 
HIS CB  HB2  sing N N 125 
HIS CB  HB3  sing N N 126 
HIS CG  ND1  sing Y N 127 
HIS CG  CD2  doub Y N 128 
HIS ND1 CE1  doub Y N 129 
HIS ND1 HD1  sing N N 130 
HIS CD2 NE2  sing Y N 131 
HIS CD2 HD2  sing N N 132 
HIS CE1 NE2  sing Y N 133 
HIS CE1 HE1  sing N N 134 
HIS NE2 HE2  sing N N 135 
HIS OXT HXT  sing N N 136 
HOH O   H1   sing N N 137 
HOH O   H2   sing N N 138 
ILE N   CA   sing N N 139 
ILE N   H    sing N N 140 
ILE N   H2   sing N N 141 
ILE CA  C    sing N N 142 
ILE CA  CB   sing N N 143 
ILE CA  HA   sing N N 144 
ILE C   O    doub N N 145 
ILE C   OXT  sing N N 146 
ILE CB  CG1  sing N N 147 
ILE CB  CG2  sing N N 148 
ILE CB  HB   sing N N 149 
ILE CG1 CD1  sing N N 150 
ILE CG1 HG12 sing N N 151 
ILE CG1 HG13 sing N N 152 
ILE CG2 HG21 sing N N 153 
ILE CG2 HG22 sing N N 154 
ILE CG2 HG23 sing N N 155 
ILE CD1 HD11 sing N N 156 
ILE CD1 HD12 sing N N 157 
ILE CD1 HD13 sing N N 158 
ILE OXT HXT  sing N N 159 
LEU N   CA   sing N N 160 
LEU N   H    sing N N 161 
LEU N   H2   sing N N 162 
LEU CA  C    sing N N 163 
LEU CA  CB   sing N N 164 
LEU CA  HA   sing N N 165 
LEU C   O    doub N N 166 
LEU C   OXT  sing N N 167 
LEU CB  CG   sing N N 168 
LEU CB  HB2  sing N N 169 
LEU CB  HB3  sing N N 170 
LEU CG  CD1  sing N N 171 
LEU CG  CD2  sing N N 172 
LEU CG  HG   sing N N 173 
LEU CD1 HD11 sing N N 174 
LEU CD1 HD12 sing N N 175 
LEU CD1 HD13 sing N N 176 
LEU CD2 HD21 sing N N 177 
LEU CD2 HD22 sing N N 178 
LEU CD2 HD23 sing N N 179 
LEU OXT HXT  sing N N 180 
LYS N   CA   sing N N 181 
LYS N   H    sing N N 182 
LYS N   H2   sing N N 183 
LYS CA  C    sing N N 184 
LYS CA  CB   sing N N 185 
LYS CA  HA   sing N N 186 
LYS C   O    doub N N 187 
LYS C   OXT  sing N N 188 
LYS CB  CG   sing N N 189 
LYS CB  HB2  sing N N 190 
LYS CB  HB3  sing N N 191 
LYS CG  CD   sing N N 192 
LYS CG  HG2  sing N N 193 
LYS CG  HG3  sing N N 194 
LYS CD  CE   sing N N 195 
LYS CD  HD2  sing N N 196 
LYS CD  HD3  sing N N 197 
LYS CE  NZ   sing N N 198 
LYS CE  HE2  sing N N 199 
LYS CE  HE3  sing N N 200 
LYS NZ  HZ1  sing N N 201 
LYS NZ  HZ2  sing N N 202 
LYS NZ  HZ3  sing N N 203 
LYS OXT HXT  sing N N 204 
MET N   CA   sing N N 205 
MET N   H    sing N N 206 
MET N   H2   sing N N 207 
MET CA  C    sing N N 208 
MET CA  CB   sing N N 209 
MET CA  HA   sing N N 210 
MET C   O    doub N N 211 
MET C   OXT  sing N N 212 
MET CB  CG   sing N N 213 
MET CB  HB2  sing N N 214 
MET CB  HB3  sing N N 215 
MET CG  SD   sing N N 216 
MET CG  HG2  sing N N 217 
MET CG  HG3  sing N N 218 
MET SD  CE   sing N N 219 
MET CE  HE1  sing N N 220 
MET CE  HE2  sing N N 221 
MET CE  HE3  sing N N 222 
MET OXT HXT  sing N N 223 
PHE N   CA   sing N N 224 
PHE N   H    sing N N 225 
PHE N   H2   sing N N 226 
PHE CA  C    sing N N 227 
PHE CA  CB   sing N N 228 
PHE CA  HA   sing N N 229 
PHE C   O    doub N N 230 
PHE C   OXT  sing N N 231 
PHE CB  CG   sing N N 232 
PHE CB  HB2  sing N N 233 
PHE CB  HB3  sing N N 234 
PHE CG  CD1  doub Y N 235 
PHE CG  CD2  sing Y N 236 
PHE CD1 CE1  sing Y N 237 
PHE CD1 HD1  sing N N 238 
PHE CD2 CE2  doub Y N 239 
PHE CD2 HD2  sing N N 240 
PHE CE1 CZ   doub Y N 241 
PHE CE1 HE1  sing N N 242 
PHE CE2 CZ   sing Y N 243 
PHE CE2 HE2  sing N N 244 
PHE CZ  HZ   sing N N 245 
PHE OXT HXT  sing N N 246 
PRO N   CA   sing N N 247 
PRO N   CD   sing N N 248 
PRO N   H    sing N N 249 
PRO CA  C    sing N N 250 
PRO CA  CB   sing N N 251 
PRO CA  HA   sing N N 252 
PRO C   O    doub N N 253 
PRO C   OXT  sing N N 254 
PRO CB  CG   sing N N 255 
PRO CB  HB2  sing N N 256 
PRO CB  HB3  sing N N 257 
PRO CG  CD   sing N N 258 
PRO CG  HG2  sing N N 259 
PRO CG  HG3  sing N N 260 
PRO CD  HD2  sing N N 261 
PRO CD  HD3  sing N N 262 
PRO OXT HXT  sing N N 263 
SER N   CA   sing N N 264 
SER N   H    sing N N 265 
SER N   H2   sing N N 266 
SER CA  C    sing N N 267 
SER CA  CB   sing N N 268 
SER CA  HA   sing N N 269 
SER C   O    doub N N 270 
SER C   OXT  sing N N 271 
SER CB  OG   sing N N 272 
SER CB  HB2  sing N N 273 
SER CB  HB3  sing N N 274 
SER OG  HG   sing N N 275 
SER OXT HXT  sing N N 276 
THR N   CA   sing N N 277 
THR N   H    sing N N 278 
THR N   H2   sing N N 279 
THR CA  C    sing N N 280 
THR CA  CB   sing N N 281 
THR CA  HA   sing N N 282 
THR C   O    doub N N 283 
THR C   OXT  sing N N 284 
THR CB  OG1  sing N N 285 
THR CB  CG2  sing N N 286 
THR CB  HB   sing N N 287 
THR OG1 HG1  sing N N 288 
THR CG2 HG21 sing N N 289 
THR CG2 HG22 sing N N 290 
THR CG2 HG23 sing N N 291 
THR OXT HXT  sing N N 292 
TYR N   CA   sing N N 293 
TYR N   H    sing N N 294 
TYR N   H2   sing N N 295 
TYR CA  C    sing N N 296 
TYR CA  CB   sing N N 297 
TYR CA  HA   sing N N 298 
TYR C   O    doub N N 299 
TYR C   OXT  sing N N 300 
TYR CB  CG   sing N N 301 
TYR CB  HB2  sing N N 302 
TYR CB  HB3  sing N N 303 
TYR CG  CD1  doub Y N 304 
TYR CG  CD2  sing Y N 305 
TYR CD1 CE1  sing Y N 306 
TYR CD1 HD1  sing N N 307 
TYR CD2 CE2  doub Y N 308 
TYR CD2 HD2  sing N N 309 
TYR CE1 CZ   doub Y N 310 
TYR CE1 HE1  sing N N 311 
TYR CE2 CZ   sing Y N 312 
TYR CE2 HE2  sing N N 313 
TYR CZ  OH   sing N N 314 
TYR OH  HH   sing N N 315 
TYR OXT HXT  sing N N 316 
VAL N   CA   sing N N 317 
VAL N   H    sing N N 318 
VAL N   H2   sing N N 319 
VAL CA  C    sing N N 320 
VAL CA  CB   sing N N 321 
VAL CA  HA   sing N N 322 
VAL C   O    doub N N 323 
VAL C   OXT  sing N N 324 
VAL CB  CG1  sing N N 325 
VAL CB  CG2  sing N N 326 
VAL CB  HB   sing N N 327 
VAL CG1 HG11 sing N N 328 
VAL CG1 HG12 sing N N 329 
VAL CG1 HG13 sing N N 330 
VAL CG2 HG21 sing N N 331 
VAL CG2 HG22 sing N N 332 
VAL CG2 HG23 sing N N 333 
VAL OXT HXT  sing N N 334 
# 
_pdbx_initial_refinement_model.accession_code   ? 
_pdbx_initial_refinement_model.id               1 
_pdbx_initial_refinement_model.entity_id_list   ? 
_pdbx_initial_refinement_model.type             'experimental model' 
_pdbx_initial_refinement_model.source_name      Other 
_pdbx_initial_refinement_model.details          'selenomet-phased model' 
# 
_atom_sites.entry_id                    1J25 
_atom_sites.fract_transf_matrix[1][1]   0.00003607 
_atom_sites.fract_transf_matrix[1][2]   -0.00522422 
_atom_sites.fract_transf_matrix[1][3]   0.01569789 
_atom_sites.fract_transf_matrix[2][1]   -0.01422355 
_atom_sites.fract_transf_matrix[2][2]   -0.00410928 
_atom_sites.fract_transf_matrix[2][3]   0.00738298 
_atom_sites.fract_transf_matrix[3][1]   0.00187006 
_atom_sites.fract_transf_matrix[3][2]   -0.01611790 
_atom_sites.fract_transf_matrix[3][3]   -0.00536829 
_atom_sites.fract_transf_vector[1]      0.538774 
_atom_sites.fract_transf_vector[2]      1.000215 
_atom_sites.fract_transf_vector[3]      0.029052 
# 
loop_
_atom_type.symbol 
C  
MN 
N  
O  
S  
# 
loop_
_atom_site.group_PDB 
_atom_site.id 
_atom_site.type_symbol 
_atom_site.label_atom_id 
_atom_site.label_alt_id 
_atom_site.label_comp_id 
_atom_site.label_asym_id 
_atom_site.label_entity_id 
_atom_site.label_seq_id 
_atom_site.pdbx_PDB_ins_code 
_atom_site.Cartn_x 
_atom_site.Cartn_y 
_atom_site.Cartn_z 
_atom_site.occupancy 
_atom_site.B_iso_or_equiv 
_atom_site.pdbx_formal_charge 
_atom_site.auth_seq_id 
_atom_site.auth_comp_id 
_atom_site.auth_asym_id 
_atom_site.auth_atom_id 
_atom_site.pdbx_PDB_model_num 
ATOM   1    N  N   . GLY A 1 4   ? 20.949  -2.323  -8.584  1.00 36.77 ? 4    GLY A N   1 
ATOM   2    C  CA  . GLY A 1 4   ? 19.471  -2.142  -8.594  1.00 35.72 ? 4    GLY A CA  1 
ATOM   3    C  C   . GLY A 1 4   ? 18.848  -2.350  -7.226  1.00 34.84 ? 4    GLY A C   1 
ATOM   4    O  O   . GLY A 1 4   ? 19.485  -2.877  -6.313  1.00 35.55 ? 4    GLY A O   1 
ATOM   5    N  N   . VAL A 1 5   ? 17.597  -1.928  -7.081  1.00 33.05 ? 5    VAL A N   1 
ATOM   6    C  CA  . VAL A 1 5   ? 16.889  -2.074  -5.817  1.00 30.69 ? 5    VAL A CA  1 
ATOM   7    C  C   . VAL A 1 5   ? 16.142  -3.406  -5.806  1.00 28.82 ? 5    VAL A C   1 
ATOM   8    O  O   . VAL A 1 5   ? 15.749  -3.905  -6.859  1.00 27.03 ? 5    VAL A O   1 
ATOM   9    C  CB  . VAL A 1 5   ? 15.887  -0.920  -5.607  1.00 31.39 ? 5    VAL A CB  1 
ATOM   10   C  CG1 . VAL A 1 5   ? 14.793  -0.973  -6.656  1.00 31.86 ? 5    VAL A CG1 1 
ATOM   11   C  CG2 . VAL A 1 5   ? 15.303  -0.995  -4.213  1.00 32.27 ? 5    VAL A CG2 1 
ATOM   12   N  N   . LYS A 1 6   ? 15.963  -3.972  -4.613  1.00 27.31 ? 6    LYS A N   1 
ATOM   13   C  CA  . LYS A 1 6   ? 15.277  -5.254  -4.447  1.00 26.77 ? 6    LYS A CA  1 
ATOM   14   C  C   . LYS A 1 6   ? 13.998  -5.127  -3.628  1.00 25.15 ? 6    LYS A C   1 
ATOM   15   O  O   . LYS A 1 6   ? 13.987  -4.512  -2.562  1.00 25.06 ? 6    LYS A O   1 
ATOM   16   C  CB  . LYS A 1 6   ? 16.206  -6.263  -3.766  1.00 28.66 ? 6    LYS A CB  1 
ATOM   17   C  CG  . LYS A 1 6   ? 17.460  -6.595  -4.562  1.00 31.68 ? 6    LYS A CG  1 
ATOM   18   C  CD  . LYS A 1 6   ? 18.380  -7.521  -3.782  1.00 33.55 ? 6    LYS A CD  1 
ATOM   19   C  CE  . LYS A 1 6   ? 18.939  -6.827  -2.554  1.00 35.18 ? 6    LYS A CE  1 
ATOM   20   N  NZ  . LYS A 1 6   ? 19.712  -5.611  -2.935  1.00 36.39 ? 6    LYS A NZ  1 
ATOM   21   N  N   . VAL A 1 7   ? 12.926  -5.735  -4.125  1.00 22.89 ? 7    VAL A N   1 
ATOM   22   C  CA  . VAL A 1 7   ? 11.633  -5.693  -3.454  1.00 20.35 ? 7    VAL A CA  1 
ATOM   23   C  C   . VAL A 1 7   ? 10.997  -7.078  -3.436  1.00 19.80 ? 7    VAL A C   1 
ATOM   24   O  O   . VAL A 1 7   ? 11.018  -7.785  -4.443  1.00 19.44 ? 7    VAL A O   1 
ATOM   25   C  CB  . VAL A 1 7   ? 10.656  -4.736  -4.189  1.00 19.84 ? 7    VAL A CB  1 
ATOM   26   C  CG1 . VAL A 1 7   ? 9.285   -4.776  -3.535  1.00 18.92 ? 7    VAL A CG1 1 
ATOM   27   C  CG2 . VAL A 1 7   ? 11.203  -3.316  -4.188  1.00 19.55 ? 7    VAL A CG2 1 
ATOM   28   N  N   . VAL A 1 8   ? 10.449  -7.467  -2.290  1.00 19.22 ? 8    VAL A N   1 
ATOM   29   C  CA  . VAL A 1 8   ? 9.756   -8.748  -2.181  1.00 19.11 ? 8    VAL A CA  1 
ATOM   30   C  C   . VAL A 1 8   ? 8.295   -8.438  -2.501  1.00 18.99 ? 8    VAL A C   1 
ATOM   31   O  O   . VAL A 1 8   ? 7.721   -7.495  -1.949  1.00 18.10 ? 8    VAL A O   1 
ATOM   32   C  CB  . VAL A 1 8   ? 9.826   -9.338  -0.753  1.00 19.64 ? 8    VAL A CB  1 
ATOM   33   C  CG1 . VAL A 1 8   ? 8.779   -10.444 -0.592  1.00 19.19 ? 8    VAL A CG1 1 
ATOM   34   C  CG2 . VAL A 1 8   ? 11.205  -9.896  -0.494  1.00 19.85 ? 8    VAL A CG2 1 
ATOM   35   N  N   . VAL A 1 9   ? 7.702   -9.220  -3.396  1.00 18.19 ? 9    VAL A N   1 
ATOM   36   C  CA  . VAL A 1 9   ? 6.309   -9.007  -3.781  1.00 17.96 ? 9    VAL A CA  1 
ATOM   37   C  C   . VAL A 1 9   ? 5.447   -10.225 -3.469  1.00 18.46 ? 9    VAL A C   1 
ATOM   38   O  O   . VAL A 1 9   ? 5.857   -11.361 -3.700  1.00 17.38 ? 9    VAL A O   1 
ATOM   39   C  CB  . VAL A 1 9   ? 6.186   -8.699  -5.296  1.00 18.54 ? 9    VAL A CB  1 
ATOM   40   C  CG1 . VAL A 1 9   ? 6.795   -9.831  -6.115  1.00 20.10 ? 9    VAL A CG1 1 
ATOM   41   C  CG2 . VAL A 1 9   ? 4.726   -8.498  -5.678  1.00 18.71 ? 9    VAL A CG2 1 
ATOM   42   N  N   . ASP A 1 10  ? 4.253   -9.984  -2.939  1.00 17.85 ? 10   ASP A N   1 
ATOM   43   C  CA  . ASP A 1 10  ? 3.346   -11.081 -2.637  1.00 19.50 ? 10   ASP A CA  1 
ATOM   44   C  C   . ASP A 1 10  ? 2.838   -11.681 -3.943  1.00 19.57 ? 10   ASP A C   1 
ATOM   45   O  O   . ASP A 1 10  ? 2.561   -10.960 -4.899  1.00 19.46 ? 10   ASP A O   1 
ATOM   46   C  CB  . ASP A 1 10  ? 2.165   -10.597 -1.799  1.00 19.15 ? 10   ASP A CB  1 
ATOM   47   C  CG  . ASP A 1 10  ? 1.131   -11.681 -1.597  1.00 20.70 ? 10   ASP A CG  1 
ATOM   48   O  OD1 . ASP A 1 10  ? 0.118   -11.680 -2.324  1.00 20.74 ? 10   ASP A OD1 1 
ATOM   49   O  OD2 . ASP A 1 10  ? 1.351   -12.541 -0.720  1.00 20.41 ? 10   ASP A OD2 1 
ATOM   50   N  N   . SER A 1 11  ? 2.708   -13.006 -3.972  1.00 21.28 ? 11   SER A N   1 
ATOM   51   C  CA  . SER A 1 11  ? 2.260   -13.725 -5.165  1.00 22.35 ? 11   SER A CA  1 
ATOM   52   C  C   . SER A 1 11  ? 1.007   -13.181 -5.853  1.00 22.90 ? 11   SER A C   1 
ATOM   53   O  O   . SER A 1 11  ? 0.926   -13.174 -7.084  1.00 23.52 ? 11   SER A O   1 
ATOM   54   C  CB  . SER A 1 11  ? 2.052   -15.207 -4.825  1.00 22.96 ? 11   SER A CB  1 
ATOM   55   O  OG  . SER A 1 11  ? 1.204   -15.363 -3.698  1.00 23.29 ? 11   SER A OG  1 
ATOM   56   N  N   . ARG A 1 12  ? 0.031   -12.731 -5.072  1.00 23.23 ? 12   ARG A N   1 
ATOM   57   C  CA  . ARG A 1 12  ? -1.203  -12.202 -5.643  1.00 23.87 ? 12   ARG A CA  1 
ATOM   58   C  C   . ARG A 1 12  ? -1.007  -10.951 -6.500  1.00 23.40 ? 12   ARG A C   1 
ATOM   59   O  O   . ARG A 1 12  ? -1.894  -10.581 -7.272  1.00 22.47 ? 12   ARG A O   1 
ATOM   60   C  CB  . ARG A 1 12  ? -2.223  -11.905 -4.538  1.00 25.38 ? 12   ARG A CB  1 
ATOM   61   C  CG  . ARG A 1 12  ? -3.023  -13.115 -4.072  1.00 28.49 ? 12   ARG A CG  1 
ATOM   62   C  CD  . ARG A 1 12  ? -2.247  -14.006 -3.117  1.00 30.63 ? 12   ARG A CD  1 
ATOM   63   N  NE  . ARG A 1 12  ? -2.019  -13.362 -1.825  1.00 32.78 ? 12   ARG A NE  1 
ATOM   64   C  CZ  . ARG A 1 12  ? -1.484  -13.973 -0.772  1.00 33.48 ? 12   ARG A CZ  1 
ATOM   65   N  NH1 . ARG A 1 12  ? -1.125  -15.245 -0.856  1.00 35.47 ? 12   ARG A NH1 1 
ATOM   66   N  NH2 . ARG A 1 12  ? -1.304  -13.313 0.364   1.00 33.75 ? 12   ARG A NH2 1 
ATOM   67   N  N   . GLU A 1 13  ? 0.149   -10.304 -6.367  1.00 22.36 ? 13   GLU A N   1 
ATOM   68   C  CA  . GLU A 1 13  ? 0.443   -9.092  -7.130  1.00 21.78 ? 13   GLU A CA  1 
ATOM   69   C  C   . GLU A 1 13  ? 1.270   -9.359  -8.391  1.00 23.09 ? 13   GLU A C   1 
ATOM   70   O  O   . GLU A 1 13  ? 1.383   -8.499  -9.259  1.00 22.66 ? 13   GLU A O   1 
ATOM   71   C  CB  . GLU A 1 13  ? 1.217   -8.093  -6.261  1.00 20.85 ? 13   GLU A CB  1 
ATOM   72   C  CG  . GLU A 1 13  ? 0.393   -7.408  -5.194  1.00 20.17 ? 13   GLU A CG  1 
ATOM   73   C  CD  . GLU A 1 13  ? -0.642  -6.473  -5.786  1.00 21.18 ? 13   GLU A CD  1 
ATOM   74   O  OE1 . GLU A 1 13  ? -0.251  -5.467  -6.415  1.00 18.87 ? 13   GLU A OE1 1 
ATOM   75   O  OE2 . GLU A 1 13  ? -1.848  -6.746  -5.623  1.00 21.97 ? 13   GLU A OE2 1 
ATOM   76   N  N   . LEU A 1 14  ? 1.838   -10.556 -8.483  1.00 25.34 ? 14   LEU A N   1 
ATOM   77   C  CA  . LEU A 1 14  ? 2.704   -10.927 -9.600  1.00 27.27 ? 14   LEU A CA  1 
ATOM   78   C  C   . LEU A 1 14  ? 2.362   -10.442 -11.011 1.00 28.02 ? 14   LEU A C   1 
ATOM   79   O  O   . LEU A 1 14  ? 3.231   -9.916  -11.711 1.00 28.29 ? 14   LEU A O   1 
ATOM   80   C  CB  . LEU A 1 14  ? 2.887   -12.445 -9.628  1.00 28.81 ? 14   LEU A CB  1 
ATOM   81   C  CG  . LEU A 1 14  ? 3.948   -12.935 -10.617 1.00 30.02 ? 14   LEU A CG  1 
ATOM   82   C  CD1 . LEU A 1 14  ? 5.275   -12.231 -10.348 1.00 30.18 ? 14   LEU A CD1 1 
ATOM   83   C  CD2 . LEU A 1 14  ? 4.097   -14.442 -10.488 1.00 31.11 ? 14   LEU A CD2 1 
ATOM   84   N  N   . ARG A 1 15  ? 1.118   -10.620 -11.441 1.00 28.15 ? 15   ARG A N   1 
ATOM   85   C  CA  . ARG A 1 15  ? 0.731   -10.207 -12.787 1.00 28.11 ? 15   ARG A CA  1 
ATOM   86   C  C   . ARG A 1 15  ? 0.020   -8.862  -12.869 1.00 27.13 ? 15   ARG A C   1 
ATOM   87   O  O   . ARG A 1 15  ? -0.734  -8.605  -13.810 1.00 26.78 ? 15   ARG A O   1 
ATOM   88   C  CB  . ARG A 1 15  ? -0.132  -11.295 -13.434 1.00 30.99 ? 15   ARG A CB  1 
ATOM   89   C  CG  . ARG A 1 15  ? 0.670   -12.499 -13.916 1.00 34.05 ? 15   ARG A CG  1 
ATOM   90   C  CD  . ARG A 1 15  ? -0.218  -13.579 -14.519 1.00 36.52 ? 15   ARG A CD  1 
ATOM   91   N  NE  . ARG A 1 15  ? -0.810  -14.445 -13.503 1.00 39.04 ? 15   ARG A NE  1 
ATOM   92   C  CZ  . ARG A 1 15  ? -0.114  -15.273 -12.727 1.00 40.24 ? 15   ARG A CZ  1 
ATOM   93   N  NH1 . ARG A 1 15  ? 1.205   -15.351 -12.850 1.00 40.79 ? 15   ARG A NH1 1 
ATOM   94   N  NH2 . ARG A 1 15  ? -0.738  -16.028 -11.832 1.00 40.11 ? 15   ARG A NH2 1 
ATOM   95   N  N   . SER A 1 16  ? 0.263   -7.997  -11.890 1.00 24.60 ? 16   SER A N   1 
ATOM   96   C  CA  . SER A 1 16  ? -0.369  -6.684  -11.883 1.00 23.06 ? 16   SER A CA  1 
ATOM   97   C  C   . SER A 1 16  ? 0.450   -5.727  -12.737 1.00 21.95 ? 16   SER A C   1 
ATOM   98   O  O   . SER A 1 16  ? 1.602   -6.008  -13.068 1.00 21.60 ? 16   SER A O   1 
ATOM   99   C  CB  . SER A 1 16  ? -0.436  -6.127  -10.461 1.00 22.85 ? 16   SER A CB  1 
ATOM   100  O  OG  . SER A 1 16  ? 0.868   -5.813  -9.997  1.00 21.72 ? 16   SER A OG  1 
ATOM   101  N  N   . GLU A 1 17  ? -0.159  -4.599  -13.081 1.00 21.80 ? 17   GLU A N   1 
ATOM   102  C  CA  . GLU A 1 17  ? 0.506   -3.577  -13.872 1.00 22.11 ? 17   GLU A CA  1 
ATOM   103  C  C   . GLU A 1 17  ? 1.551   -2.891  -12.994 1.00 20.99 ? 17   GLU A C   1 
ATOM   104  O  O   . GLU A 1 17  ? 2.471   -2.244  -13.494 1.00 20.68 ? 17   GLU A O   1 
ATOM   105  C  CB  . GLU A 1 17  ? -0.516  -2.563  -14.386 1.00 23.95 ? 17   GLU A CB  1 
ATOM   106  C  CG  . GLU A 1 17  ? -1.500  -3.162  -15.381 1.00 27.42 ? 17   GLU A CG  1 
ATOM   107  C  CD  . GLU A 1 17  ? -0.799  -3.759  -16.590 1.00 29.88 ? 17   GLU A CD  1 
ATOM   108  O  OE1 . GLU A 1 17  ? -0.282  -2.983  -17.423 1.00 31.26 ? 17   GLU A OE1 1 
ATOM   109  O  OE2 . GLU A 1 17  ? -0.753  -5.002  -16.702 1.00 31.84 ? 17   GLU A OE2 1 
ATOM   110  N  N   . VAL A 1 18  ? 1.396   -3.025  -11.679 1.00 19.37 ? 18   VAL A N   1 
ATOM   111  C  CA  . VAL A 1 18  ? 2.359   -2.441  -10.745 1.00 17.31 ? 18   VAL A CA  1 
ATOM   112  C  C   . VAL A 1 18  ? 3.682   -3.172  -10.938 1.00 17.99 ? 18   VAL A C   1 
ATOM   113  O  O   . VAL A 1 18  ? 4.742   -2.559  -11.087 1.00 17.50 ? 18   VAL A O   1 
ATOM   114  C  CB  . VAL A 1 18  ? 1.903   -2.618  -9.276  1.00 16.80 ? 18   VAL A CB  1 
ATOM   115  C  CG1 . VAL A 1 18  ? 2.973   -2.082  -8.320  1.00 15.46 ? 18   VAL A CG1 1 
ATOM   116  C  CG2 . VAL A 1 18  ? 0.590   -1.890  -9.057  1.00 15.38 ? 18   VAL A CG2 1 
ATOM   117  N  N   . VAL A 1 19  ? 3.614   -4.498  -10.949 1.00 16.65 ? 19   VAL A N   1 
ATOM   118  C  CA  . VAL A 1 19  ? 4.807   -5.301  -11.126 1.00 16.96 ? 19   VAL A CA  1 
ATOM   119  C  C   . VAL A 1 19  ? 5.448   -5.051  -12.489 1.00 17.53 ? 19   VAL A C   1 
ATOM   120  O  O   . VAL A 1 19  ? 6.672   -5.005  -12.599 1.00 17.42 ? 19   VAL A O   1 
ATOM   121  C  CB  . VAL A 1 19  ? 4.491   -6.796  -10.948 1.00 16.87 ? 19   VAL A CB  1 
ATOM   122  C  CG1 . VAL A 1 19  ? 5.602   -7.649  -11.540 1.00 16.69 ? 19   VAL A CG1 1 
ATOM   123  C  CG2 . VAL A 1 19  ? 4.348   -7.097  -9.461  1.00 15.97 ? 19   VAL A CG2 1 
ATOM   124  N  N   . LYS A 1 20  ? 4.629   -4.870  -13.519 1.00 17.73 ? 20   LYS A N   1 
ATOM   125  C  CA  . LYS A 1 20  ? 5.170   -4.605  -14.847 1.00 19.19 ? 20   LYS A CA  1 
ATOM   126  C  C   . LYS A 1 20  ? 6.013   -3.332  -14.819 1.00 18.86 ? 20   LYS A C   1 
ATOM   127  O  O   . LYS A 1 20  ? 7.126   -3.315  -15.337 1.00 18.92 ? 20   LYS A O   1 
ATOM   128  C  CB  . LYS A 1 20  ? 4.050   -4.447  -15.879 1.00 21.07 ? 20   LYS A CB  1 
ATOM   129  C  CG  . LYS A 1 20  ? 4.563   -4.071  -17.268 1.00 21.61 ? 20   LYS A CG  1 
ATOM   130  C  CD  . LYS A 1 20  ? 3.429   -3.802  -18.245 1.00 23.69 ? 20   LYS A CD  1 
ATOM   131  C  CE  . LYS A 1 20  ? 3.965   -3.361  -19.599 1.00 24.45 ? 20   LYS A CE  1 
ATOM   132  N  NZ  . LYS A 1 20  ? 2.869   -3.080  -20.572 1.00 25.69 ? 20   LYS A NZ  1 
ATOM   133  N  N   . ARG A 1 21  ? 5.493   -2.270  -14.206 1.00 17.81 ? 21   ARG A N   1 
ATOM   134  C  CA  . ARG A 1 21  ? 6.239   -1.015  -14.141 1.00 17.71 ? 21   ARG A CA  1 
ATOM   135  C  C   . ARG A 1 21  ? 7.477   -1.145  -13.256 1.00 17.14 ? 21   ARG A C   1 
ATOM   136  O  O   . ARG A 1 21  ? 8.526   -0.588  -13.572 1.00 17.10 ? 21   ARG A O   1 
ATOM   137  C  CB  . ARG A 1 21  ? 5.345   0.129   -13.642 1.00 17.17 ? 21   ARG A CB  1 
ATOM   138  C  CG  . ARG A 1 21  ? 6.074   1.470   -13.450 1.00 18.56 ? 21   ARG A CG  1 
ATOM   139  C  CD  . ARG A 1 21  ? 6.733   1.968   -14.743 1.00 17.88 ? 21   ARG A CD  1 
ATOM   140  N  NE  . ARG A 1 21  ? 5.760   2.276   -15.790 1.00 20.15 ? 21   ARG A NE  1 
ATOM   141  C  CZ  . ARG A 1 21  ? 5.157   3.450   -15.953 1.00 20.24 ? 21   ARG A CZ  1 
ATOM   142  N  NH1 . ARG A 1 21  ? 5.416   4.469   -15.139 1.00 21.89 ? 21   ARG A NH1 1 
ATOM   143  N  NH2 . ARG A 1 21  ? 4.274   3.605   -16.932 1.00 22.31 ? 21   ARG A NH2 1 
ATOM   144  N  N   . LEU A 1 22  ? 7.370   -1.874  -12.147 1.00 15.85 ? 22   LEU A N   1 
ATOM   145  C  CA  . LEU A 1 22  ? 8.535   -2.060  -11.282 1.00 15.12 ? 22   LEU A CA  1 
ATOM   146  C  C   . LEU A 1 22  ? 9.650   -2.731  -12.084 1.00 15.84 ? 22   LEU A C   1 
ATOM   147  O  O   . LEU A 1 22  ? 10.825  -2.397  -11.932 1.00 16.15 ? 22   LEU A O   1 
ATOM   148  C  CB  . LEU A 1 22  ? 8.182   -2.926  -10.071 1.00 15.13 ? 22   LEU A CB  1 
ATOM   149  C  CG  . LEU A 1 22  ? 7.298   -2.221  -9.042  1.00 14.87 ? 22   LEU A CG  1 
ATOM   150  C  CD1 . LEU A 1 22  ? 6.854   -3.205  -7.966  1.00 15.98 ? 22   LEU A CD1 1 
ATOM   151  C  CD2 . LEU A 1 22  ? 8.078   -1.074  -8.425  1.00 15.58 ? 22   LEU A CD2 1 
ATOM   152  N  N   . LYS A 1 23  ? 9.280   -3.683  -12.935 1.00 16.57 ? 23   LYS A N   1 
ATOM   153  C  CA  . LYS A 1 23  ? 10.277  -4.363  -13.753 1.00 17.70 ? 23   LYS A CA  1 
ATOM   154  C  C   . LYS A 1 23  ? 10.872  -3.425  -14.797 1.00 17.77 ? 23   LYS A C   1 
ATOM   155  O  O   . LYS A 1 23  ? 12.077  -3.478  -15.061 1.00 18.78 ? 23   LYS A O   1 
ATOM   156  C  CB  . LYS A 1 23  ? 9.669   -5.591  -14.434 1.00 19.42 ? 23   LYS A CB  1 
ATOM   157  C  CG  . LYS A 1 23  ? 9.419   -6.746  -13.479 1.00 21.75 ? 23   LYS A CG  1 
ATOM   158  C  CD  . LYS A 1 23  ? 8.778   -7.918  -14.200 1.00 24.20 ? 23   LYS A CD  1 
ATOM   159  C  CE  . LYS A 1 23  ? 8.596   -9.096  -13.265 1.00 26.34 ? 23   LYS A CE  1 
ATOM   160  N  NZ  . LYS A 1 23  ? 9.903   -9.550  -12.721 1.00 29.79 ? 23   LYS A NZ  1 
ATOM   161  N  N   . LEU A 1 24  ? 10.042  -2.576  -15.395 1.00 17.95 ? 24   LEU A N   1 
ATOM   162  C  CA  . LEU A 1 24  ? 10.551  -1.622  -16.380 1.00 18.15 ? 24   LEU A CA  1 
ATOM   163  C  C   . LEU A 1 24  ? 11.520  -0.654  -15.702 1.00 19.65 ? 24   LEU A C   1 
ATOM   164  O  O   . LEU A 1 24  ? 12.499  -0.204  -16.314 1.00 19.75 ? 24   LEU A O   1 
ATOM   165  C  CB  . LEU A 1 24  ? 9.411   -0.829  -17.024 1.00 18.19 ? 24   LEU A CB  1 
ATOM   166  C  CG  . LEU A 1 24  ? 8.575   -1.493  -18.118 1.00 19.91 ? 24   LEU A CG  1 
ATOM   167  C  CD1 . LEU A 1 24  ? 7.592   -0.471  -18.674 1.00 20.81 ? 24   LEU A CD1 1 
ATOM   168  C  CD2 . LEU A 1 24  ? 9.478   -2.008  -19.228 1.00 20.24 ? 24   LEU A CD2 1 
ATOM   169  N  N   . LEU A 1 25  ? 11.246  -0.339  -14.437 1.00 18.39 ? 25   LEU A N   1 
ATOM   170  C  CA  . LEU A 1 25  ? 12.092  0.573   -13.669 1.00 19.22 ? 25   LEU A CA  1 
ATOM   171  C  C   . LEU A 1 25  ? 13.396  -0.088  -13.209 1.00 19.55 ? 25   LEU A C   1 
ATOM   172  O  O   . LEU A 1 25  ? 14.260  0.560   -12.607 1.00 19.71 ? 25   LEU A O   1 
ATOM   173  C  CB  . LEU A 1 25  ? 11.317  1.120   -12.462 1.00 18.43 ? 25   LEU A CB  1 
ATOM   174  C  CG  . LEU A 1 25  ? 10.146  2.061   -12.778 1.00 18.49 ? 25   LEU A CG  1 
ATOM   175  C  CD1 . LEU A 1 25  ? 9.351   2.337   -11.507 1.00 16.40 ? 25   LEU A CD1 1 
ATOM   176  C  CD2 . LEU A 1 25  ? 10.666  3.374   -13.372 1.00 17.01 ? 25   LEU A CD2 1 
ATOM   177  N  N   . GLY A 1 26  ? 13.528  -1.381  -13.492 1.00 19.83 ? 26   GLY A N   1 
ATOM   178  C  CA  . GLY A 1 26  ? 14.736  -2.107  -13.138 1.00 19.90 ? 26   GLY A CA  1 
ATOM   179  C  C   . GLY A 1 26  ? 14.780  -2.744  -11.766 1.00 19.98 ? 26   GLY A C   1 
ATOM   180  O  O   . GLY A 1 26  ? 15.835  -3.182  -11.319 1.00 19.65 ? 26   GLY A O   1 
ATOM   181  N  N   . VAL A 1 27  ? 13.637  -2.806  -11.093 1.00 19.95 ? 27   VAL A N   1 
ATOM   182  C  CA  . VAL A 1 27  ? 13.576  -3.402  -9.765  1.00 19.43 ? 27   VAL A CA  1 
ATOM   183  C  C   . VAL A 1 27  ? 13.707  -4.924  -9.860  1.00 20.77 ? 27   VAL A C   1 
ATOM   184  O  O   . VAL A 1 27  ? 13.155  -5.545  -10.770 1.00 20.79 ? 27   VAL A O   1 
ATOM   185  C  CB  . VAL A 1 27  ? 12.241  -3.043  -9.075  1.00 19.14 ? 27   VAL A CB  1 
ATOM   186  C  CG1 . VAL A 1 27  ? 12.157  -3.696  -7.702  1.00 18.70 ? 27   VAL A CG1 1 
ATOM   187  C  CG2 . VAL A 1 27  ? 12.120  -1.529  -8.954  1.00 18.47 ? 27   VAL A CG2 1 
ATOM   188  N  N   . LYS A 1 28  ? 14.456  -5.510  -8.929  1.00 20.94 ? 28   LYS A N   1 
ATOM   189  C  CA  . LYS A 1 28  ? 14.651  -6.959  -8.892  1.00 22.66 ? 28   LYS A CA  1 
ATOM   190  C  C   . LYS A 1 28  ? 13.641  -7.507  -7.893  1.00 22.25 ? 28   LYS A C   1 
ATOM   191  O  O   . LYS A 1 28  ? 13.717  -7.213  -6.702  1.00 22.18 ? 28   LYS A O   1 
ATOM   192  C  CB  . LYS A 1 28  ? 16.072  -7.304  -8.434  1.00 23.31 ? 28   LYS A CB  1 
ATOM   193  C  CG  . LYS A 1 28  ? 17.173  -6.587  -9.203  1.00 26.28 ? 28   LYS A CG  1 
ATOM   194  C  CD  . LYS A 1 28  ? 17.067  -6.816  -10.698 1.00 28.26 ? 28   LYS A CD  1 
ATOM   195  C  CE  . LYS A 1 28  ? 18.080  -5.958  -11.449 1.00 30.42 ? 28   LYS A CE  1 
ATOM   196  N  NZ  . LYS A 1 28  ? 17.884  -6.014  -12.926 1.00 31.75 ? 28   LYS A NZ  1 
ATOM   197  N  N   . LEU A 1 29  ? 12.703  -8.307  -8.385  1.00 22.66 ? 29   LEU A N   1 
ATOM   198  C  CA  . LEU A 1 29  ? 11.652  -8.861  -7.539  1.00 23.70 ? 29   LEU A CA  1 
ATOM   199  C  C   . LEU A 1 29  ? 11.821  -10.305 -7.080  1.00 24.15 ? 29   LEU A C   1 
ATOM   200  O  O   . LEU A 1 29  ? 12.211  -11.179 -7.853  1.00 24.69 ? 29   LEU A O   1 
ATOM   201  C  CB  . LEU A 1 29  ? 10.310  -8.743  -8.261  1.00 23.44 ? 29   LEU A CB  1 
ATOM   202  C  CG  . LEU A 1 29  ? 9.900   -7.348  -8.731  1.00 23.49 ? 29   LEU A CG  1 
ATOM   203  C  CD1 . LEU A 1 29  ? 8.689   -7.460  -9.638  1.00 24.88 ? 29   LEU A CD1 1 
ATOM   204  C  CD2 . LEU A 1 29  ? 9.598   -6.464  -7.530  1.00 23.11 ? 29   LEU A CD2 1 
ATOM   205  N  N   . GLU A 1 30  ? 11.517  -10.534 -5.807  1.00 24.20 ? 30   GLU A N   1 
ATOM   206  C  CA  . GLU A 1 30  ? 11.554  -11.865 -5.219  1.00 25.09 ? 30   GLU A CA  1 
ATOM   207  C  C   . GLU A 1 30  ? 10.109  -12.140 -4.817  1.00 24.45 ? 30   GLU A C   1 
ATOM   208  O  O   . GLU A 1 30  ? 9.524   -11.393 -4.033  1.00 23.36 ? 30   GLU A O   1 
ATOM   209  C  CB  . GLU A 1 30  ? 12.459  -11.905 -3.985  1.00 27.20 ? 30   GLU A CB  1 
ATOM   210  C  CG  . GLU A 1 30  ? 12.268  -13.154 -3.136  1.00 30.94 ? 30   GLU A CG  1 
ATOM   211  C  CD  . GLU A 1 30  ? 13.341  -13.327 -2.076  1.00 32.69 ? 30   GLU A CD  1 
ATOM   212  O  OE1 . GLU A 1 30  ? 13.670  -12.343 -1.381  1.00 33.87 ? 30   GLU A OE1 1 
ATOM   213  O  OE2 . GLU A 1 30  ? 13.850  -14.458 -1.933  1.00 35.40 ? 30   GLU A OE2 1 
ATOM   214  N  N   . VAL A 1 31  ? 9.530   -13.204 -5.361  1.00 23.35 ? 31   VAL A N   1 
ATOM   215  C  CA  . VAL A 1 31  ? 8.144   -13.540 -5.061  1.00 22.64 ? 31   VAL A CA  1 
ATOM   216  C  C   . VAL A 1 31  ? 7.990   -14.417 -3.827  1.00 22.46 ? 31   VAL A C   1 
ATOM   217  O  O   . VAL A 1 31  ? 8.740   -15.370 -3.631  1.00 22.33 ? 31   VAL A O   1 
ATOM   218  C  CB  . VAL A 1 31  ? 7.474   -14.271 -6.250  1.00 22.87 ? 31   VAL A CB  1 
ATOM   219  C  CG1 . VAL A 1 31  ? 6.022   -14.574 -5.921  1.00 22.31 ? 31   VAL A CG1 1 
ATOM   220  C  CG2 . VAL A 1 31  ? 7.575   -13.426 -7.506  1.00 23.37 ? 31   VAL A CG2 1 
ATOM   221  N  N   . LYS A 1 32  ? 7.012   -14.071 -2.995  1.00 21.60 ? 32   LYS A N   1 
ATOM   222  C  CA  . LYS A 1 32  ? 6.694   -14.822 -1.786  1.00 22.34 ? 32   LYS A CA  1 
ATOM   223  C  C   . LYS A 1 32  ? 5.190   -14.749 -1.574  1.00 22.48 ? 32   LYS A C   1 
ATOM   224  O  O   . LYS A 1 32  ? 4.510   -13.910 -2.169  1.00 22.41 ? 32   LYS A O   1 
ATOM   225  C  CB  . LYS A 1 32  ? 7.385   -14.221 -0.555  1.00 23.46 ? 32   LYS A CB  1 
ATOM   226  C  CG  . LYS A 1 32  ? 8.902   -14.283 -0.559  1.00 23.68 ? 32   LYS A CG  1 
ATOM   227  C  CD  . LYS A 1 32  ? 9.461   -13.809 0.781   1.00 25.94 ? 32   LYS A CD  1 
ATOM   228  C  CE  . LYS A 1 32  ? 10.980  -13.925 0.828   1.00 27.61 ? 32   LYS A CE  1 
ATOM   229  N  NZ  . LYS A 1 32  ? 11.538  -13.476 2.140   1.00 29.00 ? 32   LYS A NZ  1 
ATOM   230  N  N   . THR A 1 33  ? 4.665   -15.644 -0.746  1.00 22.54 ? 33   THR A N   1 
ATOM   231  C  CA  . THR A 1 33  ? 3.247   -15.622 -0.419  1.00 22.28 ? 33   THR A CA  1 
ATOM   232  C  C   . THR A 1 33  ? 3.224   -15.079 1.003   1.00 22.92 ? 33   THR A C   1 
ATOM   233  O  O   . THR A 1 33  ? 3.521   -15.792 1.960   1.00 23.46 ? 33   THR A O   1 
ATOM   234  C  CB  . THR A 1 33  ? 2.614   -17.026 -0.466  1.00 22.53 ? 33   THR A CB  1 
ATOM   235  O  OG1 . THR A 1 33  ? 2.561   -17.476 -1.825  1.00 22.10 ? 33   THR A OG1 1 
ATOM   236  C  CG2 . THR A 1 33  ? 1.208   -16.990 0.102   1.00 23.46 ? 33   THR A CG2 1 
ATOM   237  N  N   . LEU A 1 34  ? 2.883   -13.799 1.116   1.00 23.45 ? 34   LEU A N   1 
ATOM   238  C  CA  . LEU A 1 34  ? 2.863   -13.096 2.390   1.00 24.22 ? 34   LEU A CA  1 
ATOM   239  C  C   . LEU A 1 34  ? 1.529   -13.113 3.130   1.00 24.52 ? 34   LEU A C   1 
ATOM   240  O  O   . LEU A 1 34  ? 0.469   -12.932 2.530   1.00 24.80 ? 34   LEU A O   1 
ATOM   241  C  CB  . LEU A 1 34  ? 3.282   -11.643 2.158   1.00 24.02 ? 34   LEU A CB  1 
ATOM   242  C  CG  . LEU A 1 34  ? 4.604   -11.464 1.402   1.00 24.98 ? 34   LEU A CG  1 
ATOM   243  C  CD1 . LEU A 1 34  ? 4.821   -9.993  1.073   1.00 24.93 ? 34   LEU A CD1 1 
ATOM   244  C  CD2 . LEU A 1 34  ? 5.743   -12.013 2.240   1.00 24.00 ? 34   LEU A CD2 1 
ATOM   245  N  N   . ASP A 1 35  ? 1.596   -13.315 4.443   1.00 25.05 ? 35   ASP A N   1 
ATOM   246  C  CA  . ASP A 1 35  ? 0.397   -13.320 5.266   1.00 25.95 ? 35   ASP A CA  1 
ATOM   247  C  C   . ASP A 1 35  ? -0.099  -11.883 5.418   1.00 25.14 ? 35   ASP A C   1 
ATOM   248  O  O   . ASP A 1 35  ? -1.291  -11.645 5.603   1.00 25.90 ? 35   ASP A O   1 
ATOM   249  C  CB  . ASP A 1 35  ? 0.688   -13.914 6.648   1.00 28.33 ? 35   ASP A CB  1 
ATOM   250  C  CG  . ASP A 1 35  ? 1.116   -15.371 6.582   1.00 30.04 ? 35   ASP A CG  1 
ATOM   251  O  OD1 . ASP A 1 35  ? 0.496   -16.141 5.818   1.00 32.11 ? 35   ASP A OD1 1 
ATOM   252  O  OD2 . ASP A 1 35  ? 2.065   -15.747 7.303   1.00 32.28 ? 35   ASP A OD2 1 
ATOM   253  N  N   . VAL A 1 36  ? 0.822   -10.929 5.334   1.00 24.01 ? 36   VAL A N   1 
ATOM   254  C  CA  . VAL A 1 36  ? 0.467   -9.521  5.459   1.00 22.86 ? 36   VAL A CA  1 
ATOM   255  C  C   . VAL A 1 36  ? 1.349   -8.652  4.563   1.00 21.02 ? 36   VAL A C   1 
ATOM   256  O  O   . VAL A 1 36  ? 2.549   -8.885  4.448   1.00 20.47 ? 36   VAL A O   1 
ATOM   257  C  CB  . VAL A 1 36  ? 0.611   -9.044  6.917   1.00 23.78 ? 36   VAL A CB  1 
ATOM   258  C  CG1 . VAL A 1 36  ? 2.055   -9.157  7.361   1.00 25.14 ? 36   VAL A CG1 1 
ATOM   259  C  CG2 . VAL A 1 36  ? 0.119   -7.619  7.046   1.00 25.12 ? 36   VAL A CG2 1 
ATOM   260  N  N   . GLY A 1 37  ? 0.747   -7.657  3.919   1.00 20.03 ? 37   GLY A N   1 
ATOM   261  C  CA  . GLY A 1 37  ? 1.514   -6.779  3.051   1.00 18.26 ? 37   GLY A CA  1 
ATOM   262  C  C   . GLY A 1 37  ? 1.568   -7.249  1.607   1.00 17.30 ? 37   GLY A C   1 
ATOM   263  O  O   . GLY A 1 37  ? 1.382   -8.432  1.322   1.00 16.60 ? 37   GLY A O   1 
ATOM   264  N  N   . ASP A 1 38  ? 1.832   -6.319  0.693   1.00 15.63 ? 38   ASP A N   1 
ATOM   265  C  CA  . ASP A 1 38  ? 1.904   -6.635  -0.730  1.00 15.69 ? 38   ASP A CA  1 
ATOM   266  C  C   . ASP A 1 38  ? 3.307   -6.469  -1.311  1.00 15.55 ? 38   ASP A C   1 
ATOM   267  O  O   . ASP A 1 38  ? 3.706   -7.217  -2.205  1.00 15.47 ? 38   ASP A O   1 
ATOM   268  C  CB  . ASP A 1 38  ? 0.936   -5.757  -1.522  1.00 15.82 ? 38   ASP A CB  1 
ATOM   269  C  CG  . ASP A 1 38  ? -0.509  -6.044  -1.191  1.00 17.47 ? 38   ASP A CG  1 
ATOM   270  O  OD1 . ASP A 1 38  ? -0.855  -7.238  -1.105  1.00 18.97 ? 38   ASP A OD1 1 
ATOM   271  O  OD2 . ASP A 1 38  ? -1.298  -5.087  -1.029  1.00 16.20 ? 38   ASP A OD2 1 
ATOM   272  N  N   . TYR A 1 39  ? 4.043   -5.484  -0.806  1.00 15.57 ? 39   TYR A N   1 
ATOM   273  C  CA  . TYR A 1 39  ? 5.403   -5.214  -1.270  1.00 15.64 ? 39   TYR A CA  1 
ATOM   274  C  C   . TYR A 1 39  ? 6.282   -4.945  -0.056  1.00 16.27 ? 39   TYR A C   1 
ATOM   275  O  O   . TYR A 1 39  ? 6.037   -3.998  0.690   1.00 16.88 ? 39   TYR A O   1 
ATOM   276  C  CB  . TYR A 1 39  ? 5.418   -3.990  -2.196  1.00 14.92 ? 39   TYR A CB  1 
ATOM   277  C  CG  . TYR A 1 39  ? 4.612   -4.174  -3.457  1.00 14.43 ? 39   TYR A CG  1 
ATOM   278  C  CD1 . TYR A 1 39  ? 5.179   -4.756  -4.593  1.00 13.92 ? 39   TYR A CD1 1 
ATOM   279  C  CD2 . TYR A 1 39  ? 3.261   -3.833  -3.496  1.00 13.52 ? 39   TYR A CD2 1 
ATOM   280  C  CE1 . TYR A 1 39  ? 4.419   -4.999  -5.733  1.00 14.32 ? 39   TYR A CE1 1 
ATOM   281  C  CE2 . TYR A 1 39  ? 2.492   -4.071  -4.629  1.00 14.54 ? 39   TYR A CE2 1 
ATOM   282  C  CZ  . TYR A 1 39  ? 3.076   -4.657  -5.744  1.00 14.82 ? 39   TYR A CZ  1 
ATOM   283  O  OH  . TYR A 1 39  ? 2.312   -4.917  -6.862  1.00 15.86 ? 39   TYR A OH  1 
ATOM   284  N  N   . ILE A 1 40  ? 7.306   -5.772  0.147   1.00 15.73 ? 40   ILE A N   1 
ATOM   285  C  CA  . ILE A 1 40  ? 8.190   -5.589  1.298   1.00 16.58 ? 40   ILE A CA  1 
ATOM   286  C  C   . ILE A 1 40  ? 9.501   -4.945  0.867   1.00 17.39 ? 40   ILE A C   1 
ATOM   287  O  O   . ILE A 1 40  ? 10.199  -5.464  -0.001  1.00 16.63 ? 40   ILE A O   1 
ATOM   288  C  CB  . ILE A 1 40  ? 8.492   -6.935  1.983   1.00 17.73 ? 40   ILE A CB  1 
ATOM   289  C  CG1 . ILE A 1 40  ? 7.185   -7.695  2.224   1.00 17.87 ? 40   ILE A CG1 1 
ATOM   290  C  CG2 . ILE A 1 40  ? 9.218   -6.697  3.301   1.00 18.26 ? 40   ILE A CG2 1 
ATOM   291  C  CD1 . ILE A 1 40  ? 6.153   -6.925  3.023   1.00 18.75 ? 40   ILE A CD1 1 
ATOM   292  N  N   . ILE A 1 41  ? 9.817   -3.816  1.493   1.00 18.47 ? 41   ILE A N   1 
ATOM   293  C  CA  . ILE A 1 41  ? 11.018  -3.044  1.187   1.00 20.35 ? 41   ILE A CA  1 
ATOM   294  C  C   . ILE A 1 41  ? 12.180  -3.372  2.115   1.00 21.90 ? 41   ILE A C   1 
ATOM   295  O  O   . ILE A 1 41  ? 13.334  -3.415  1.689   1.00 21.91 ? 41   ILE A O   1 
ATOM   296  C  CB  . ILE A 1 41  ? 10.717  -1.535  1.286   1.00 21.46 ? 41   ILE A CB  1 
ATOM   297  C  CG1 . ILE A 1 41  ? 9.684   -1.148  0.230   1.00 22.27 ? 41   ILE A CG1 1 
ATOM   298  C  CG2 . ILE A 1 41  ? 11.997  -0.723  1.125   1.00 22.50 ? 41   ILE A CG2 1 
ATOM   299  C  CD1 . ILE A 1 41  ? 10.094  -1.479  -1.187  1.00 24.94 ? 41   ILE A CD1 1 
ATOM   300  N  N   . SER A 1 42  ? 11.868  -3.582  3.388   1.00 22.51 ? 42   SER A N   1 
ATOM   301  C  CA  . SER A 1 42  ? 12.883  -3.915  4.376   1.00 23.83 ? 42   SER A CA  1 
ATOM   302  C  C   . SER A 1 42  ? 12.230  -4.671  5.522   1.00 25.00 ? 42   SER A C   1 
ATOM   303  O  O   . SER A 1 42  ? 11.031  -4.936  5.501   1.00 24.72 ? 42   SER A O   1 
ATOM   304  C  CB  . SER A 1 42  ? 13.550  -2.647  4.915   1.00 23.11 ? 42   SER A CB  1 
ATOM   305  O  OG  . SER A 1 42  ? 12.675  -1.924  5.764   1.00 22.26 ? 42   SER A OG  1 
ATOM   306  N  N   . GLU A 1 43  ? 13.029  -5.012  6.525   1.00 26.87 ? 43   GLU A N   1 
ATOM   307  C  CA  . GLU A 1 43  ? 12.533  -5.736  7.683   1.00 28.06 ? 43   GLU A CA  1 
ATOM   308  C  C   . GLU A 1 43  ? 11.508  -4.868  8.407   1.00 28.02 ? 43   GLU A C   1 
ATOM   309  O  O   . GLU A 1 43  ? 10.655  -5.372  9.134   1.00 28.62 ? 43   GLU A O   1 
ATOM   310  C  CB  . GLU A 1 43  ? 13.692  -6.065  8.632   1.00 29.62 ? 43   GLU A CB  1 
ATOM   311  C  CG  . GLU A 1 43  ? 14.938  -6.625  7.947   1.00 32.60 ? 43   GLU A CG  1 
ATOM   312  C  CD  . GLU A 1 43  ? 15.570  -5.640  6.968   1.00 33.89 ? 43   GLU A CD  1 
ATOM   313  O  OE1 . GLU A 1 43  ? 15.840  -4.489  7.371   1.00 35.26 ? 43   GLU A OE1 1 
ATOM   314  O  OE2 . GLU A 1 43  ? 15.798  -6.019  5.798   1.00 35.38 ? 43   GLU A OE2 1 
ATOM   315  N  N   . ASP A 1 44  ? 11.589  -3.558  8.190   1.00 27.71 ? 44   ASP A N   1 
ATOM   316  C  CA  . ASP A 1 44  ? 10.685  -2.620  8.840   1.00 26.96 ? 44   ASP A CA  1 
ATOM   317  C  C   . ASP A 1 44  ? 9.631   -1.993  7.929   1.00 25.42 ? 44   ASP A C   1 
ATOM   318  O  O   . ASP A 1 44  ? 8.526   -1.701  8.373   1.00 24.54 ? 44   ASP A O   1 
ATOM   319  C  CB  . ASP A 1 44  ? 11.489  -1.492  9.498   1.00 29.32 ? 44   ASP A CB  1 
ATOM   320  C  CG  . ASP A 1 44  ? 12.474  -2.002  10.530  1.00 31.03 ? 44   ASP A CG  1 
ATOM   321  O  OD1 . ASP A 1 44  ? 12.048  -2.719  11.458  1.00 31.67 ? 44   ASP A OD1 1 
ATOM   322  O  OD2 . ASP A 1 44  ? 13.675  -1.680  10.410  1.00 34.36 ? 44   ASP A OD2 1 
ATOM   323  N  N   . VAL A 1 45  ? 9.971   -1.782  6.661   1.00 23.04 ? 45   VAL A N   1 
ATOM   324  C  CA  . VAL A 1 45  ? 9.034   -1.149  5.738   1.00 21.43 ? 45   VAL A CA  1 
ATOM   325  C  C   . VAL A 1 45  ? 8.292   -2.112  4.822   1.00 19.91 ? 45   VAL A C   1 
ATOM   326  O  O   . VAL A 1 45  ? 8.900   -2.858  4.058   1.00 18.99 ? 45   VAL A O   1 
ATOM   327  C  CB  . VAL A 1 45  ? 9.753   -0.093  4.868   1.00 20.91 ? 45   VAL A CB  1 
ATOM   328  C  CG1 . VAL A 1 45  ? 8.751   0.624   3.983   1.00 21.52 ? 45   VAL A CG1 1 
ATOM   329  C  CG2 . VAL A 1 45  ? 10.478  0.905   5.756   1.00 21.89 ? 45   VAL A CG2 1 
ATOM   330  N  N   . ALA A 1 46  ? 6.967   -2.081  4.908   1.00 18.73 ? 46   ALA A N   1 
ATOM   331  C  CA  . ALA A 1 46  ? 6.107   -2.924  4.090   1.00 18.21 ? 46   ALA A CA  1 
ATOM   332  C  C   . ALA A 1 46  ? 5.007   -2.039  3.533   1.00 17.22 ? 46   ALA A C   1 
ATOM   333  O  O   . ALA A 1 46  ? 4.536   -1.128  4.214   1.00 17.49 ? 46   ALA A O   1 
ATOM   334  C  CB  . ALA A 1 46  ? 5.503   -4.034  4.926   1.00 19.10 ? 46   ALA A CB  1 
ATOM   335  N  N   . ILE A 1 47  ? 4.598   -2.320  2.303   1.00 16.03 ? 47   ILE A N   1 
ATOM   336  C  CA  . ILE A 1 47  ? 3.564   -1.548  1.639   1.00 15.68 ? 47   ILE A CA  1 
ATOM   337  C  C   . ILE A 1 47  ? 2.325   -2.377  1.323   1.00 15.60 ? 47   ILE A C   1 
ATOM   338  O  O   . ILE A 1 47  ? 2.420   -3.494  0.811   1.00 14.66 ? 47   ILE A O   1 
ATOM   339  C  CB  . ILE A 1 47  ? 4.103   -0.936  0.319   1.00 15.76 ? 47   ILE A CB  1 
ATOM   340  C  CG1 . ILE A 1 47  ? 5.125   0.160   0.643   1.00 16.48 ? 47   ILE A CG1 1 
ATOM   341  C  CG2 . ILE A 1 47  ? 2.951   -0.385  -0.518  1.00 14.86 ? 47   ILE A CG2 1 
ATOM   342  C  CD1 . ILE A 1 47  ? 5.859   0.700   -0.569  1.00 17.32 ? 47   ILE A CD1 1 
ATOM   343  N  N   . GLU A 1 48  ? 1.163   -1.817  1.651   1.00 15.47 ? 48   GLU A N   1 
ATOM   344  C  CA  . GLU A 1 48  ? -0.110  -2.457  1.374   1.00 16.47 ? 48   GLU A CA  1 
ATOM   345  C  C   . GLU A 1 48  ? -0.795  -1.652  0.276   1.00 15.52 ? 48   GLU A C   1 
ATOM   346  O  O   . GLU A 1 48  ? -1.051  -0.459  0.445   1.00 15.53 ? 48   GLU A O   1 
ATOM   347  C  CB  . GLU A 1 48  ? -1.003  -2.461  2.618   1.00 18.98 ? 48   GLU A CB  1 
ATOM   348  C  CG  . GLU A 1 48  ? -2.398  -3.009  2.365   1.00 23.33 ? 48   GLU A CG  1 
ATOM   349  C  CD  . GLU A 1 48  ? -2.453  -4.519  2.420   1.00 27.30 ? 48   GLU A CD  1 
ATOM   350  O  OE1 . GLU A 1 48  ? -1.678  -5.177  1.697   1.00 29.66 ? 48   GLU A OE1 1 
ATOM   351  O  OE2 . GLU A 1 48  ? -3.278  -5.051  3.189   1.00 30.91 ? 48   GLU A OE2 1 
ATOM   352  N  N   . ARG A 1 49  ? -1.074  -2.303  -0.850  1.00 15.19 ? 49   ARG A N   1 
ATOM   353  C  CA  . ARG A 1 49  ? -1.753  -1.663  -1.968  1.00 14.79 ? 49   ARG A CA  1 
ATOM   354  C  C   . ARG A 1 49  ? -3.245  -1.928  -1.817  1.00 15.65 ? 49   ARG A C   1 
ATOM   355  O  O   . ARG A 1 49  ? -3.671  -3.084  -1.660  1.00 15.14 ? 49   ARG A O   1 
ATOM   356  C  CB  . ARG A 1 49  ? -1.262  -2.247  -3.295  1.00 14.95 ? 49   ARG A CB  1 
ATOM   357  C  CG  . ARG A 1 49  ? -1.933  -1.666  -4.531  1.00 14.16 ? 49   ARG A CG  1 
ATOM   358  C  CD  . ARG A 1 49  ? -1.572  -2.483  -5.760  1.00 14.47 ? 49   ARG A CD  1 
ATOM   359  N  NE  . ARG A 1 49  ? -2.242  -2.008  -6.966  1.00 14.78 ? 49   ARG A NE  1 
ATOM   360  C  CZ  . ARG A 1 49  ? -2.518  -2.782  -8.011  1.00 14.66 ? 49   ARG A CZ  1 
ATOM   361  N  NH1 . ARG A 1 49  ? -2.184  -4.064  -7.993  1.00 16.02 ? 49   ARG A NH1 1 
ATOM   362  N  NH2 . ARG A 1 49  ? -3.139  -2.282  -9.072  1.00 15.30 ? 49   ARG A NH2 1 
ATOM   363  N  N   . LYS A 1 50  ? -4.037  -0.861  -1.849  1.00 16.30 ? 50   LYS A N   1 
ATOM   364  C  CA  . LYS A 1 50  ? -5.483  -0.989  -1.724  1.00 18.55 ? 50   LYS A CA  1 
ATOM   365  C  C   . LYS A 1 50  ? -6.195  -0.033  -2.659  1.00 17.62 ? 50   LYS A C   1 
ATOM   366  O  O   . LYS A 1 50  ? -5.951  1.171   -2.626  1.00 17.94 ? 50   LYS A O   1 
ATOM   367  C  CB  . LYS A 1 50  ? -5.926  -0.719  -0.286  1.00 20.98 ? 50   LYS A CB  1 
ATOM   368  C  CG  . LYS A 1 50  ? -7.426  -0.874  -0.083  1.00 24.61 ? 50   LYS A CG  1 
ATOM   369  C  CD  . LYS A 1 50  ? -7.751  -1.481  1.268   1.00 28.47 ? 50   LYS A CD  1 
ATOM   370  C  CE  . LYS A 1 50  ? -7.238  -2.911  1.359   1.00 30.42 ? 50   LYS A CE  1 
ATOM   371  N  NZ  . LYS A 1 50  ? -7.591  -3.547  2.655   1.00 33.00 ? 50   LYS A NZ  1 
ATOM   372  N  N   . SER A 1 51  ? -7.079  -0.573  -3.490  1.00 18.12 ? 51   SER A N   1 
ATOM   373  C  CA  . SER A 1 51  ? -7.827  0.249   -4.432  1.00 17.31 ? 51   SER A CA  1 
ATOM   374  C  C   . SER A 1 51  ? -8.812  1.119   -3.665  1.00 17.56 ? 51   SER A C   1 
ATOM   375  O  O   . SER A 1 51  ? -9.203  0.783   -2.549  1.00 16.43 ? 51   SER A O   1 
ATOM   376  C  CB  . SER A 1 51  ? -8.592  -0.631  -5.420  1.00 18.44 ? 51   SER A CB  1 
ATOM   377  O  OG  . SER A 1 51  ? -9.678  -1.287  -4.784  1.00 16.41 ? 51   SER A OG  1 
ATOM   378  N  N   . ALA A 1 52  ? -9.202  2.241   -4.263  1.00 17.00 ? 52   ALA A N   1 
ATOM   379  C  CA  . ALA A 1 52  ? -10.155 3.138   -3.621  1.00 17.34 ? 52   ALA A CA  1 
ATOM   380  C  C   . ALA A 1 52  ? -11.446 2.387   -3.303  1.00 17.37 ? 52   ALA A C   1 
ATOM   381  O  O   . ALA A 1 52  ? -12.038 2.569   -2.234  1.00 17.49 ? 52   ALA A O   1 
ATOM   382  C  CB  . ALA A 1 52  ? -10.452 4.327   -4.528  1.00 16.55 ? 52   ALA A CB  1 
ATOM   383  N  N   . ASN A 1 53  ? -11.886 1.543   -4.229  1.00 18.64 ? 53   ASN A N   1 
ATOM   384  C  CA  . ASN A 1 53  ? -13.109 0.786   -4.018  1.00 19.89 ? 53   ASN A CA  1 
ATOM   385  C  C   . ASN A 1 53  ? -13.000 -0.160  -2.826  1.00 18.84 ? 53   ASN A C   1 
ATOM   386  O  O   . ASN A 1 53  ? -13.947 -0.295  -2.049  1.00 18.06 ? 53   ASN A O   1 
ATOM   387  C  CB  . ASN A 1 53  ? -13.481 0.001   -5.277  1.00 23.33 ? 53   ASN A CB  1 
ATOM   388  C  CG  . ASN A 1 53  ? -14.654 -0.928  -5.052  1.00 27.65 ? 53   ASN A CG  1 
ATOM   389  O  OD1 . ASN A 1 53  ? -14.505 -2.012  -4.482  1.00 30.44 ? 53   ASN A OD1 1 
ATOM   390  N  ND2 . ASN A 1 53  ? -15.837 -0.501  -5.486  1.00 29.79 ? 53   ASN A ND2 1 
ATOM   391  N  N   . ASP A 1 54  ? -11.854 -0.818  -2.677  1.00 17.33 ? 54   ASP A N   1 
ATOM   392  C  CA  . ASP A 1 54  ? -11.680 -1.725  -1.547  1.00 16.81 ? 54   ASP A CA  1 
ATOM   393  C  C   . ASP A 1 54  ? -11.571 -0.948  -0.239  1.00 16.21 ? 54   ASP A C   1 
ATOM   394  O  O   . ASP A 1 54  ? -12.012 -1.430  0.810   1.00 14.13 ? 54   ASP A O   1 
ATOM   395  C  CB  . ASP A 1 54  ? -10.451 -2.621  -1.736  1.00 19.38 ? 54   ASP A CB  1 
ATOM   396  C  CG  . ASP A 1 54  ? -10.667 -3.699  -2.791  1.00 21.01 ? 54   ASP A CG  1 
ATOM   397  O  OD1 . ASP A 1 54  ? -11.832 -4.072  -3.039  1.00 24.02 ? 54   ASP A OD1 1 
ATOM   398  O  OD2 . ASP A 1 54  ? -9.671  -4.188  -3.362  1.00 23.65 ? 54   ASP A OD2 1 
ATOM   399  N  N   . LEU A 1 55  ? -10.985 0.249   -0.288  1.00 14.74 ? 55   LEU A N   1 
ATOM   400  C  CA  . LEU A 1 55  ? -10.874 1.065   0.921   1.00 14.86 ? 55   LEU A CA  1 
ATOM   401  C  C   . LEU A 1 55  ? -12.281 1.405   1.395   1.00 14.52 ? 55   LEU A C   1 
ATOM   402  O  O   . LEU A 1 55  ? -12.620 1.239   2.570   1.00 13.42 ? 55   LEU A O   1 
ATOM   403  C  CB  . LEU A 1 55  ? -10.124 2.379   0.660   1.00 13.79 ? 55   LEU A CB  1 
ATOM   404  C  CG  . LEU A 1 55  ? -10.011 3.248   1.927   1.00 14.93 ? 55   LEU A CG  1 
ATOM   405  C  CD1 . LEU A 1 55  ? -9.057  2.580   2.899   1.00 15.23 ? 55   LEU A CD1 1 
ATOM   406  C  CD2 . LEU A 1 55  ? -9.509  4.650   1.598   1.00 15.01 ? 55   LEU A CD2 1 
ATOM   407  N  N   . ILE A 1 56  ? -13.100 1.887   0.468   1.00 14.55 ? 56   ILE A N   1 
ATOM   408  C  CA  . ILE A 1 56  ? -14.468 2.257   0.791   1.00 14.56 ? 56   ILE A CA  1 
ATOM   409  C  C   . ILE A 1 56  ? -15.248 1.052   1.313   1.00 15.66 ? 56   ILE A C   1 
ATOM   410  O  O   . ILE A 1 56  ? -16.005 1.168   2.277   1.00 14.40 ? 56   ILE A O   1 
ATOM   411  C  CB  . ILE A 1 56  ? -15.175 2.872   -0.443  1.00 15.52 ? 56   ILE A CB  1 
ATOM   412  C  CG1 . ILE A 1 56  ? -14.558 4.244   -0.742  1.00 17.20 ? 56   ILE A CG1 1 
ATOM   413  C  CG2 . ILE A 1 56  ? -16.680 3.009   -0.185  1.00 15.18 ? 56   ILE A CG2 1 
ATOM   414  C  CD1 . ILE A 1 56  ? -15.070 4.895   -2.017  1.00 20.56 ? 56   ILE A CD1 1 
ATOM   415  N  N   . GLN A 1 57  ? -15.055 -0.105  0.690   1.00 14.98 ? 57   GLN A N   1 
ATOM   416  C  CA  . GLN A 1 57  ? -15.756 -1.307  1.134   1.00 16.62 ? 57   GLN A CA  1 
ATOM   417  C  C   . GLN A 1 57  ? -15.331 -1.682  2.556   1.00 15.66 ? 57   GLN A C   1 
ATOM   418  O  O   . GLN A 1 57  ? -16.166 -2.082  3.369   1.00 15.62 ? 57   GLN A O   1 
ATOM   419  C  CB  . GLN A 1 57  ? -15.478 -2.475  0.183   1.00 18.49 ? 57   GLN A CB  1 
ATOM   420  C  CG  . GLN A 1 57  ? -16.298 -3.732  0.468   1.00 21.57 ? 57   GLN A CG  1 
ATOM   421  C  CD  . GLN A 1 57  ? -17.800 -3.495  0.353   1.00 23.25 ? 57   GLN A CD  1 
ATOM   422  O  OE1 . GLN A 1 57  ? -18.296 -3.073  -0.690  1.00 25.06 ? 57   GLN A OE1 1 
ATOM   423  N  NE2 . GLN A 1 57  ? -18.527 -3.765  1.430   1.00 25.27 ? 57   GLN A NE2 1 
ATOM   424  N  N   . SER A 1 58  ? -14.040 -1.552  2.861   1.00 15.97 ? 58   SER A N   1 
ATOM   425  C  CA  . SER A 1 58  ? -13.556 -1.895  4.197   1.00 15.85 ? 58   SER A CA  1 
ATOM   426  C  C   . SER A 1 58  ? -14.110 -0.930  5.241   1.00 16.38 ? 58   SER A C   1 
ATOM   427  O  O   . SER A 1 58  ? -14.183 -1.261  6.424   1.00 16.33 ? 58   SER A O   1 
ATOM   428  C  CB  . SER A 1 58  ? -12.021 -1.920  4.245   1.00 15.36 ? 58   SER A CB  1 
ATOM   429  O  OG  . SER A 1 58  ? -11.451 -0.630  4.096   1.00 18.00 ? 58   SER A OG  1 
ATOM   430  N  N   . ILE A 1 59  ? -14.497 0.265   4.810   1.00 15.20 ? 59   ILE A N   1 
ATOM   431  C  CA  . ILE A 1 59  ? -15.084 1.224   5.736   1.00 16.14 ? 59   ILE A CA  1 
ATOM   432  C  C   . ILE A 1 59  ? -16.539 0.806   5.965   1.00 17.02 ? 59   ILE A C   1 
ATOM   433  O  O   . ILE A 1 59  ? -17.032 0.815   7.096   1.00 17.83 ? 59   ILE A O   1 
ATOM   434  C  CB  . ILE A 1 59  ? -15.033 2.662   5.162   1.00 16.28 ? 59   ILE A CB  1 
ATOM   435  C  CG1 . ILE A 1 59  ? -13.583 3.144   5.132   1.00 16.42 ? 59   ILE A CG1 1 
ATOM   436  C  CG2 . ILE A 1 59  ? -15.906 3.595   6.000   1.00 15.88 ? 59   ILE A CG2 1 
ATOM   437  C  CD1 . ILE A 1 59  ? -13.363 4.424   4.343   1.00 17.65 ? 59   ILE A CD1 1 
ATOM   438  N  N   . ILE A 1 60  ? -17.222 0.437   4.888   1.00 18.06 ? 60   ILE A N   1 
ATOM   439  C  CA  . ILE A 1 60  ? -18.613 -0.006  4.979   1.00 19.79 ? 60   ILE A CA  1 
ATOM   440  C  C   . ILE A 1 60  ? -18.743 -1.230  5.889   1.00 20.56 ? 60   ILE A C   1 
ATOM   441  O  O   . ILE A 1 60  ? -19.645 -1.301  6.729   1.00 20.78 ? 60   ILE A O   1 
ATOM   442  C  CB  . ILE A 1 60  ? -19.165 -0.362  3.582   1.00 20.80 ? 60   ILE A CB  1 
ATOM   443  C  CG1 . ILE A 1 60  ? -19.291 0.913   2.749   1.00 21.65 ? 60   ILE A CG1 1 
ATOM   444  C  CG2 . ILE A 1 60  ? -20.510 -1.081  3.703   1.00 22.52 ? 60   ILE A CG2 1 
ATOM   445  C  CD1 . ILE A 1 60  ? -19.705 0.666   1.318   1.00 23.28 ? 60   ILE A CD1 1 
ATOM   446  N  N   . ASP A 1 61  ? -17.834 -2.186  5.720   1.00 20.78 ? 61   ASP A N   1 
ATOM   447  C  CA  . ASP A 1 61  ? -17.848 -3.417  6.508   1.00 21.87 ? 61   ASP A CA  1 
ATOM   448  C  C   . ASP A 1 61  ? -17.109 -3.306  7.838   1.00 20.47 ? 61   ASP A C   1 
ATOM   449  O  O   . ASP A 1 61  ? -17.063 -4.265  8.607   1.00 20.84 ? 61   ASP A O   1 
ATOM   450  C  CB  . ASP A 1 61  ? -17.242 -4.550  5.683   1.00 24.51 ? 61   ASP A CB  1 
ATOM   451  C  CG  . ASP A 1 61  ? -17.964 -4.754  4.370   1.00 27.99 ? 61   ASP A CG  1 
ATOM   452  O  OD1 . ASP A 1 61  ? -17.328 -5.248  3.417   1.00 29.37 ? 61   ASP A OD1 1 
ATOM   453  O  OD2 . ASP A 1 61  ? -19.167 -4.425  4.294   1.00 30.34 ? 61   ASP A OD2 1 
ATOM   454  N  N   . GLY A 1 62  ? -16.521 -2.144  8.103   1.00 19.44 ? 62   GLY A N   1 
ATOM   455  C  CA  . GLY A 1 62  ? -15.801 -1.943  9.350   1.00 18.52 ? 62   GLY A CA  1 
ATOM   456  C  C   . GLY A 1 62  ? -14.581 -2.827  9.547   1.00 18.04 ? 62   GLY A C   1 
ATOM   457  O  O   . GLY A 1 62  ? -14.251 -3.189  10.677  1.00 17.53 ? 62   GLY A O   1 
ATOM   458  N  N   . GLY A 1 63  ? -13.894 -3.165  8.461   1.00 16.46 ? 63   GLY A N   1 
ATOM   459  C  CA  . GLY A 1 63  ? -12.726 -4.022  8.583   1.00 15.51 ? 63   GLY A CA  1 
ATOM   460  C  C   . GLY A 1 63  ? -11.386 -3.331  8.405   1.00 14.75 ? 63   GLY A C   1 
ATOM   461  O  O   . GLY A 1 63  ? -10.330 -3.941  8.586   1.00 15.66 ? 63   GLY A O   1 
ATOM   462  N  N   . LEU A 1 64  ? -11.420 -2.047  8.077   1.00 13.78 ? 64   LEU A N   1 
ATOM   463  C  CA  . LEU A 1 64  ? -10.187 -1.300  7.846   1.00 13.67 ? 64   LEU A CA  1 
ATOM   464  C  C   . LEU A 1 64  ? -9.219  -1.264  9.025   1.00 14.26 ? 64   LEU A C   1 
ATOM   465  O  O   . LEU A 1 64  ? -8.022  -1.488  8.857   1.00 13.56 ? 64   LEU A O   1 
ATOM   466  C  CB  . LEU A 1 64  ? -10.510 0.136   7.433   1.00 13.24 ? 64   LEU A CB  1 
ATOM   467  C  CG  . LEU A 1 64  ? -9.286  1.036   7.207   1.00 13.37 ? 64   LEU A CG  1 
ATOM   468  C  CD1 . LEU A 1 64  ? -8.392  0.440   6.115   1.00 13.60 ? 64   LEU A CD1 1 
ATOM   469  C  CD2 . LEU A 1 64  ? -9.747  2.429   6.813   1.00 14.32 ? 64   LEU A CD2 1 
ATOM   470  N  N   . PHE A 1 65  ? -9.732  -0.978  10.215  1.00 14.94 ? 65   PHE A N   1 
ATOM   471  C  CA  . PHE A 1 65  ? -8.873  -0.880  11.390  1.00 15.44 ? 65   PHE A CA  1 
ATOM   472  C  C   . PHE A 1 65  ? -8.190  -2.192  11.756  1.00 16.26 ? 65   PHE A C   1 
ATOM   473  O  O   . PHE A 1 65  ? -7.028  -2.189  12.174  1.00 16.68 ? 65   PHE A O   1 
ATOM   474  C  CB  . PHE A 1 65  ? -9.677  -0.290  12.547  1.00 16.61 ? 65   PHE A CB  1 
ATOM   475  C  CG  . PHE A 1 65  ? -10.336 1.010   12.190  1.00 18.17 ? 65   PHE A CG  1 
ATOM   476  C  CD1 . PHE A 1 65  ? -9.575  2.068   11.690  1.00 19.22 ? 65   PHE A CD1 1 
ATOM   477  C  CD2 . PHE A 1 65  ? -11.717 1.157   12.266  1.00 18.39 ? 65   PHE A CD2 1 
ATOM   478  C  CE1 . PHE A 1 65  ? -10.179 3.247   11.265  1.00 19.44 ? 65   PHE A CE1 1 
ATOM   479  C  CE2 . PHE A 1 65  ? -12.333 2.339   11.841  1.00 19.79 ? 65   PHE A CE2 1 
ATOM   480  C  CZ  . PHE A 1 65  ? -11.559 3.386   11.338  1.00 19.31 ? 65   PHE A CZ  1 
ATOM   481  N  N   . ASP A 1 66  ? -8.889  -3.314  11.592  1.00 16.88 ? 66   ASP A N   1 
ATOM   482  C  CA  . ASP A 1 66  ? -8.278  -4.615  11.865  1.00 17.62 ? 66   ASP A CA  1 
ATOM   483  C  C   . ASP A 1 66  ? -7.125  -4.822  10.875  1.00 17.97 ? 66   ASP A C   1 
ATOM   484  O  O   . ASP A 1 66  ? -6.090  -5.392  11.209  1.00 17.77 ? 66   ASP A O   1 
ATOM   485  C  CB  . ASP A 1 66  ? -9.283  -5.757  11.666  1.00 19.53 ? 66   ASP A CB  1 
ATOM   486  C  CG  . ASP A 1 66  ? -10.260 -5.894  12.818  1.00 21.08 ? 66   ASP A CG  1 
ATOM   487  O  OD1 . ASP A 1 66  ? -9.808  -5.923  13.977  1.00 24.20 ? 66   ASP A OD1 1 
ATOM   488  O  OD2 . ASP A 1 66  ? -11.477 -5.992  12.559  1.00 23.29 ? 66   ASP A OD2 1 
ATOM   489  N  N   . GLN A 1 67  ? -7.321  -4.368  9.644   1.00 18.07 ? 67   GLN A N   1 
ATOM   490  C  CA  . GLN A 1 67  ? -6.300  -4.528  8.614   1.00 18.13 ? 67   GLN A CA  1 
ATOM   491  C  C   . GLN A 1 67  ? -5.046  -3.722  8.946   1.00 16.31 ? 67   GLN A C   1 
ATOM   492  O  O   . GLN A 1 67  ? -3.923  -4.199  8.768   1.00 16.96 ? 67   GLN A O   1 
ATOM   493  C  CB  . GLN A 1 67  ? -6.857  -4.103  7.249   1.00 19.72 ? 67   GLN A CB  1 
ATOM   494  C  CG  . GLN A 1 67  ? -8.117  -4.860  6.841   1.00 26.58 ? 67   GLN A CG  1 
ATOM   495  C  CD  . GLN A 1 67  ? -8.635  -4.473  5.466   1.00 29.30 ? 67   GLN A CD  1 
ATOM   496  O  OE1 . GLN A 1 67  ? -8.699  -3.294  5.123   1.00 33.43 ? 67   GLN A OE1 1 
ATOM   497  N  NE2 . GLN A 1 67  ? -9.021  -5.468  4.677   1.00 31.08 ? 67   GLN A NE2 1 
ATOM   498  N  N   . VAL A 1 68  ? -5.240  -2.501  9.434   1.00 15.23 ? 68   VAL A N   1 
ATOM   499  C  CA  . VAL A 1 68  ? -4.115  -1.641  9.790   1.00 15.46 ? 68   VAL A CA  1 
ATOM   500  C  C   . VAL A 1 68  ? -3.409  -2.199  11.024  1.00 16.79 ? 68   VAL A C   1 
ATOM   501  O  O   . VAL A 1 68  ? -2.182  -2.158  11.126  1.00 17.07 ? 68   VAL A O   1 
ATOM   502  C  CB  . VAL A 1 68  ? -4.593  -0.198  10.069  1.00 15.35 ? 68   VAL A CB  1 
ATOM   503  C  CG1 . VAL A 1 68  ? -3.409  0.683   10.492  1.00 15.38 ? 68   VAL A CG1 1 
ATOM   504  C  CG2 . VAL A 1 68  ? -5.262  0.365   8.826   1.00 15.79 ? 68   VAL A CG2 1 
ATOM   505  N  N   . LYS A 1 69  ? -4.194  -2.731  11.952  1.00 17.51 ? 69   LYS A N   1 
ATOM   506  C  CA  . LYS A 1 69  ? -3.650  -3.318  13.170  1.00 19.32 ? 69   LYS A CA  1 
ATOM   507  C  C   . LYS A 1 69  ? -2.693  -4.449  12.810  1.00 19.06 ? 69   LYS A C   1 
ATOM   508  O  O   . LYS A 1 69  ? -1.584  -4.528  13.331  1.00 19.57 ? 69   LYS A O   1 
ATOM   509  C  CB  . LYS A 1 69  ? -4.791  -3.865  14.032  1.00 20.64 ? 69   LYS A CB  1 
ATOM   510  C  CG  . LYS A 1 69  ? -4.347  -4.561  15.306  1.00 24.97 ? 69   LYS A CG  1 
ATOM   511  C  CD  . LYS A 1 69  ? -5.560  -5.016  16.116  1.00 26.95 ? 69   LYS A CD  1 
ATOM   512  C  CE  . LYS A 1 69  ? -5.162  -5.562  17.483  1.00 28.92 ? 69   LYS A CE  1 
ATOM   513  N  NZ  . LYS A 1 69  ? -4.310  -6.778  17.385  1.00 30.72 ? 69   LYS A NZ  1 
ATOM   514  N  N   . ARG A 1 70  ? -3.136  -5.311  11.901  1.00 19.02 ? 70   ARG A N   1 
ATOM   515  C  CA  . ARG A 1 70  ? -2.355  -6.457  11.448  1.00 19.65 ? 70   ARG A CA  1 
ATOM   516  C  C   . ARG A 1 70  ? -1.068  -6.009  10.763  1.00 19.07 ? 70   ARG A C   1 
ATOM   517  O  O   . ARG A 1 70  ? -0.016  -6.622  10.936  1.00 17.09 ? 70   ARG A O   1 
ATOM   518  C  CB  . ARG A 1 70  ? -3.208  -7.297  10.497  1.00 22.78 ? 70   ARG A CB  1 
ATOM   519  C  CG  . ARG A 1 70  ? -2.586  -8.596  10.017  1.00 25.97 ? 70   ARG A CG  1 
ATOM   520  C  CD  . ARG A 1 70  ? -3.648  -9.404  9.281   1.00 29.69 ? 70   ARG A CD  1 
ATOM   521  N  NE  . ARG A 1 70  ? -3.104  -10.524 8.519   1.00 32.72 ? 70   ARG A NE  1 
ATOM   522  C  CZ  . ARG A 1 70  ? -3.846  -11.348 7.786   1.00 33.90 ? 70   ARG A CZ  1 
ATOM   523  N  NH1 . ARG A 1 70  ? -5.160  -11.178 7.722   1.00 34.58 ? 70   ARG A NH1 1 
ATOM   524  N  NH2 . ARG A 1 70  ? -3.278  -12.334 7.109   1.00 35.32 ? 70   ARG A NH2 1 
ATOM   525  N  N   . LEU A 1 71  ? -1.150  -4.934  9.987   1.00 18.03 ? 71   LEU A N   1 
ATOM   526  C  CA  . LEU A 1 71  ? 0.032   -4.417  9.309   1.00 18.63 ? 71   LEU A CA  1 
ATOM   527  C  C   . LEU A 1 71  ? 1.057   -3.912  10.324  1.00 19.15 ? 71   LEU A C   1 
ATOM   528  O  O   . LEU A 1 71  ? 2.239   -4.228  10.225  1.00 20.10 ? 71   LEU A O   1 
ATOM   529  C  CB  . LEU A 1 71  ? -0.352  -3.284  8.354   1.00 17.86 ? 71   LEU A CB  1 
ATOM   530  C  CG  . LEU A 1 71  ? -0.980  -3.689  7.019   1.00 20.04 ? 71   LEU A CG  1 
ATOM   531  C  CD1 . LEU A 1 71  ? -1.631  -2.486  6.372   1.00 20.67 ? 71   LEU A CD1 1 
ATOM   532  C  CD2 . LEU A 1 71  ? 0.094   -4.264  6.104   1.00 19.80 ? 71   LEU A CD2 1 
ATOM   533  N  N   . LYS A 1 72  ? 0.599   -3.129  11.299  1.00 19.95 ? 72   LYS A N   1 
ATOM   534  C  CA  . LYS A 1 72  ? 1.477   -2.577  12.330  1.00 22.10 ? 72   LYS A CA  1 
ATOM   535  C  C   . LYS A 1 72  ? 2.105   -3.640  13.221  1.00 22.62 ? 72   LYS A C   1 
ATOM   536  O  O   . LYS A 1 72  ? 3.209   -3.453  13.731  1.00 23.78 ? 72   LYS A O   1 
ATOM   537  C  CB  . LYS A 1 72  ? 0.713   -1.596  13.223  1.00 22.35 ? 72   LYS A CB  1 
ATOM   538  C  CG  . LYS A 1 72  ? 0.325   -0.296  12.560  1.00 24.64 ? 72   LYS A CG  1 
ATOM   539  C  CD  . LYS A 1 72  ? -0.417  0.613   13.532  1.00 26.87 ? 72   LYS A CD  1 
ATOM   540  C  CE  . LYS A 1 72  ? 0.468   1.038   14.696  1.00 28.02 ? 72   LYS A CE  1 
ATOM   541  N  NZ  . LYS A 1 72  ? -0.214  2.025   15.578  1.00 29.91 ? 72   LYS A NZ  1 
ATOM   542  N  N   . GLU A 1 73  ? 1.403   -4.747  13.428  1.00 23.32 ? 73   GLU A N   1 
ATOM   543  C  CA  . GLU A 1 73  ? 1.932   -5.805  14.283  1.00 24.92 ? 73   GLU A CA  1 
ATOM   544  C  C   . GLU A 1 73  ? 2.991   -6.631  13.572  1.00 24.92 ? 73   GLU A C   1 
ATOM   545  O  O   . GLU A 1 73  ? 3.770   -7.339  14.212  1.00 25.34 ? 73   GLU A O   1 
ATOM   546  C  CB  . GLU A 1 73  ? 0.804   -6.722  14.757  1.00 25.81 ? 73   GLU A CB  1 
ATOM   547  C  CG  . GLU A 1 73  ? -0.268  -6.007  15.552  1.00 28.83 ? 73   GLU A CG  1 
ATOM   548  C  CD  . GLU A 1 73  ? -1.259  -6.962  16.178  1.00 30.49 ? 73   GLU A CD  1 
ATOM   549  O  OE1 . GLU A 1 73  ? -1.732  -7.878  15.471  1.00 31.32 ? 73   GLU A OE1 1 
ATOM   550  O  OE2 . GLU A 1 73  ? -1.570  -6.787  17.373  1.00 32.58 ? 73   GLU A OE2 1 
ATOM   551  N  N   . ALA A 1 74  ? 3.020   -6.531  12.247  1.00 24.10 ? 74   ALA A N   1 
ATOM   552  C  CA  . ALA A 1 74  ? 3.975   -7.282  11.450  1.00 24.25 ? 74   ALA A CA  1 
ATOM   553  C  C   . ALA A 1 74  ? 5.195   -6.453  11.075  1.00 24.33 ? 74   ALA A C   1 
ATOM   554  O  O   . ALA A 1 74  ? 6.302   -6.979  10.972  1.00 25.39 ? 74   ALA A O   1 
ATOM   555  C  CB  . ALA A 1 74  ? 3.295   -7.806  10.194  1.00 24.10 ? 74   ALA A CB  1 
ATOM   556  N  N   . TYR A 1 75  ? 4.984   -5.158  10.877  1.00 23.92 ? 75   TYR A N   1 
ATOM   557  C  CA  . TYR A 1 75  ? 6.055   -4.243  10.490  1.00 24.36 ? 75   TYR A CA  1 
ATOM   558  C  C   . TYR A 1 75  ? 6.013   -2.965  11.317  1.00 24.64 ? 75   TYR A C   1 
ATOM   559  O  O   . TYR A 1 75  ? 4.939   -2.426  11.582  1.00 24.13 ? 75   TYR A O   1 
ATOM   560  C  CB  . TYR A 1 75  ? 5.915   -3.911  9.002   1.00 24.94 ? 75   TYR A CB  1 
ATOM   561  C  CG  . TYR A 1 75  ? 6.130   -5.117  8.125   1.00 25.40 ? 75   TYR A CG  1 
ATOM   562  C  CD1 . TYR A 1 75  ? 7.418   -5.531  7.793   1.00 25.42 ? 75   TYR A CD1 1 
ATOM   563  C  CD2 . TYR A 1 75  ? 5.053   -5.883  7.679   1.00 25.83 ? 75   TYR A CD2 1 
ATOM   564  C  CE1 . TYR A 1 75  ? 7.631   -6.676  7.045   1.00 26.39 ? 75   TYR A CE1 1 
ATOM   565  C  CE2 . TYR A 1 75  ? 5.259   -7.041  6.925   1.00 26.37 ? 75   TYR A CE2 1 
ATOM   566  C  CZ  . TYR A 1 75  ? 6.553   -7.429  6.615   1.00 26.89 ? 75   TYR A CZ  1 
ATOM   567  O  OH  . TYR A 1 75  ? 6.780   -8.569  5.877   1.00 28.52 ? 75   TYR A OH  1 
ATOM   568  N  N   . SER A 1 76  ? 7.183   -2.477  11.724  1.00 25.26 ? 76   SER A N   1 
ATOM   569  C  CA  . SER A 1 76  ? 7.246   -1.263  12.527  1.00 26.30 ? 76   SER A CA  1 
ATOM   570  C  C   . SER A 1 76  ? 6.945   -0.016  11.702  1.00 26.43 ? 76   SER A C   1 
ATOM   571  O  O   . SER A 1 76  ? 6.449   0.982   12.230  1.00 26.82 ? 76   SER A O   1 
ATOM   572  C  CB  . SER A 1 76  ? 8.624   -1.131  13.193  1.00 27.06 ? 76   SER A CB  1 
ATOM   573  O  OG  . SER A 1 76  ? 9.664   -1.009  12.240  1.00 27.90 ? 76   SER A OG  1 
ATOM   574  N  N   . ARG A 1 77  ? 7.230   -0.074  10.404  1.00 25.97 ? 77   ARG A N   1 
ATOM   575  C  CA  . ARG A 1 77  ? 6.992   1.075   9.536   1.00 25.22 ? 77   ARG A CA  1 
ATOM   576  C  C   . ARG A 1 77  ? 6.185   0.720   8.289   1.00 23.42 ? 77   ARG A C   1 
ATOM   577  O  O   . ARG A 1 77  ? 6.696   0.773   7.170   1.00 23.25 ? 77   ARG A O   1 
ATOM   578  C  CB  . ARG A 1 77  ? 8.326   1.694   9.123   1.00 26.49 ? 77   ARG A CB  1 
ATOM   579  C  CG  . ARG A 1 77  ? 9.220   2.089   10.293  1.00 28.85 ? 77   ARG A CG  1 
ATOM   580  C  CD  . ARG A 1 77  ? 10.550  2.633   9.797   1.00 30.81 ? 77   ARG A CD  1 
ATOM   581  N  NE  . ARG A 1 77  ? 10.403  3.914   9.109   1.00 32.39 ? 77   ARG A NE  1 
ATOM   582  C  CZ  . ARG A 1 77  ? 11.331  4.446   8.321   1.00 34.18 ? 77   ARG A CZ  1 
ATOM   583  N  NH1 . ARG A 1 77  ? 12.476  3.805   8.114   1.00 34.58 ? 77   ARG A NH1 1 
ATOM   584  N  NH2 . ARG A 1 77  ? 11.124  5.625   7.748   1.00 35.23 ? 77   ARG A NH2 1 
ATOM   585  N  N   . PRO A 1 78  ? 4.906   0.361   8.469   1.00 21.65 ? 78   PRO A N   1 
ATOM   586  C  CA  . PRO A 1 78  ? 4.033   0.001   7.349   1.00 19.86 ? 78   PRO A CA  1 
ATOM   587  C  C   . PRO A 1 78  ? 3.552   1.251   6.610   1.00 19.27 ? 78   PRO A C   1 
ATOM   588  O  O   . PRO A 1 78  ? 3.562   2.353   7.166   1.00 18.56 ? 78   PRO A O   1 
ATOM   589  C  CB  . PRO A 1 78  ? 2.893   -0.728  8.042   1.00 20.64 ? 78   PRO A CB  1 
ATOM   590  C  CG  . PRO A 1 78  ? 2.730   0.091   9.286   1.00 20.84 ? 78   PRO A CG  1 
ATOM   591  C  CD  . PRO A 1 78  ? 4.167   0.299   9.745   1.00 21.69 ? 78   PRO A CD  1 
ATOM   592  N  N   . ILE A 1 79  ? 3.140   1.075   5.358   1.00 17.30 ? 79   ILE A N   1 
ATOM   593  C  CA  . ILE A 1 79  ? 2.642   2.176   4.538   1.00 16.62 ? 79   ILE A CA  1 
ATOM   594  C  C   . ILE A 1 79  ? 1.482   1.651   3.697   1.00 17.00 ? 79   ILE A C   1 
ATOM   595  O  O   . ILE A 1 79  ? 1.534   0.517   3.206   1.00 15.83 ? 79   ILE A O   1 
ATOM   596  C  CB  . ILE A 1 79  ? 3.725   2.692   3.555   1.00 16.00 ? 79   ILE A CB  1 
ATOM   597  C  CG1 . ILE A 1 79  ? 4.991   3.092   4.310   1.00 17.38 ? 79   ILE A CG1 1 
ATOM   598  C  CG2 . ILE A 1 79  ? 3.177   3.870   2.751   1.00 17.87 ? 79   ILE A CG2 1 
ATOM   599  C  CD1 . ILE A 1 79  ? 6.183   3.386   3.394   1.00 17.36 ? 79   ILE A CD1 1 
ATOM   600  N  N   . MET A 1 80  ? 0.437   2.459   3.535   1.00 16.64 ? 80   MET A N   1 
ATOM   601  C  CA  . MET A 1 80  ? -0.702  2.057   2.716   1.00 17.58 ? 80   MET A CA  1 
ATOM   602  C  C   . MET A 1 80  ? -0.813  2.990   1.517   1.00 17.47 ? 80   MET A C   1 
ATOM   603  O  O   . MET A 1 80  ? -0.807  4.216   1.671   1.00 18.06 ? 80   MET A O   1 
ATOM   604  C  CB  . MET A 1 80  ? -2.021  2.105   3.508   1.00 19.98 ? 80   MET A CB  1 
ATOM   605  C  CG  . MET A 1 80  ? -3.234  1.618   2.689   1.00 22.49 ? 80   MET A CG  1 
ATOM   606  S  SD  . MET A 1 80  ? -4.814  1.443   3.587   1.00 26.63 ? 80   MET A SD  1 
ATOM   607  C  CE  . MET A 1 80  ? -4.553  -0.103  4.438   1.00 25.20 ? 80   MET A CE  1 
ATOM   608  N  N   . ILE A 1 81  ? -0.881  2.410   0.323   1.00 15.40 ? 81   ILE A N   1 
ATOM   609  C  CA  . ILE A 1 81  ? -1.029  3.210   -0.888  1.00 15.27 ? 81   ILE A CA  1 
ATOM   610  C  C   . ILE A 1 81  ? -2.436  2.961   -1.404  1.00 15.10 ? 81   ILE A C   1 
ATOM   611  O  O   . ILE A 1 81  ? -2.793  1.836   -1.770  1.00 13.92 ? 81   ILE A O   1 
ATOM   612  C  CB  . ILE A 1 81  ? 0.010   2.824   -1.982  1.00 14.06 ? 81   ILE A CB  1 
ATOM   613  C  CG1 . ILE A 1 81  ? 1.413   3.203   -1.506  1.00 14.15 ? 81   ILE A CG1 1 
ATOM   614  C  CG2 . ILE A 1 81  ? -0.308  3.552   -3.304  1.00 14.10 ? 81   ILE A CG2 1 
ATOM   615  C  CD1 . ILE A 1 81  ? 2.527   2.811   -2.463  1.00 14.33 ? 81   ILE A CD1 1 
ATOM   616  N  N   . VAL A 1 82  ? -3.246  4.014   -1.386  1.00 15.76 ? 82   VAL A N   1 
ATOM   617  C  CA  . VAL A 1 82  ? -4.619  3.931   -1.855  1.00 17.50 ? 82   VAL A CA  1 
ATOM   618  C  C   . VAL A 1 82  ? -4.613  4.345   -3.315  1.00 17.69 ? 82   VAL A C   1 
ATOM   619  O  O   . VAL A 1 82  ? -4.274  5.478   -3.651  1.00 18.29 ? 82   VAL A O   1 
ATOM   620  C  CB  . VAL A 1 82  ? -5.539  4.856   -1.043  1.00 17.98 ? 82   VAL A CB  1 
ATOM   621  C  CG1 . VAL A 1 82  ? -6.948  4.801   -1.602  1.00 17.96 ? 82   VAL A CG1 1 
ATOM   622  C  CG2 . VAL A 1 82  ? -5.529  4.427   0.417   1.00 18.83 ? 82   VAL A CG2 1 
ATOM   623  N  N   . GLU A 1 83  ? -5.012  3.411   -4.166  1.00 17.81 ? 83   GLU A N   1 
ATOM   624  C  CA  . GLU A 1 83  ? -4.998  3.591   -5.608  1.00 18.42 ? 83   GLU A CA  1 
ATOM   625  C  C   . GLU A 1 83  ? -6.363  3.852   -6.253  1.00 19.14 ? 83   GLU A C   1 
ATOM   626  O  O   . GLU A 1 83  ? -7.279  3.036   -6.166  1.00 19.21 ? 83   GLU A O   1 
ATOM   627  C  CB  . GLU A 1 83  ? -4.345  2.349   -6.210  1.00 17.19 ? 83   GLU A CB  1 
ATOM   628  C  CG  . GLU A 1 83  ? -4.003  2.426   -7.679  1.00 16.85 ? 83   GLU A CG  1 
ATOM   629  C  CD  . GLU A 1 83  ? -3.366  1.143   -8.152  1.00 17.30 ? 83   GLU A CD  1 
ATOM   630  O  OE1 . GLU A 1 83  ? -2.257  0.812   -7.664  1.00 16.72 ? 83   GLU A OE1 1 
ATOM   631  O  OE2 . GLU A 1 83  ? -3.977  0.455   -8.997  1.00 17.86 ? 83   GLU A OE2 1 
ATOM   632  N  N   . GLY A 1 84  ? -6.478  4.993   -6.927  1.00 20.66 ? 84   GLY A N   1 
ATOM   633  C  CA  . GLY A 1 84  ? -7.727  5.349   -7.575  1.00 22.49 ? 84   GLY A CA  1 
ATOM   634  C  C   . GLY A 1 84  ? -8.342  6.548   -6.882  1.00 23.90 ? 84   GLY A C   1 
ATOM   635  O  O   . GLY A 1 84  ? -7.957  6.885   -5.761  1.00 24.52 ? 84   GLY A O   1 
ATOM   636  N  N   . SER A 1 85  ? -9.293  7.203   -7.539  1.00 25.43 ? 85   SER A N   1 
ATOM   637  C  CA  . SER A 1 85  ? -9.940  8.371   -6.949  1.00 26.37 ? 85   SER A CA  1 
ATOM   638  C  C   . SER A 1 85  ? -10.995 7.976   -5.920  1.00 26.80 ? 85   SER A C   1 
ATOM   639  O  O   . SER A 1 85  ? -11.729 7.009   -6.108  1.00 26.02 ? 85   SER A O   1 
ATOM   640  C  CB  . SER A 1 85  ? -10.591 9.226   -8.035  1.00 26.67 ? 85   SER A CB  1 
ATOM   641  O  OG  . SER A 1 85  ? -11.284 10.319  -7.453  1.00 27.90 ? 85   SER A OG  1 
ATOM   642  N  N   . LEU A 1 86  ? -11.063 8.740   -4.833  1.00 27.99 ? 86   LEU A N   1 
ATOM   643  C  CA  . LEU A 1 86  ? -12.021 8.488   -3.765  1.00 29.31 ? 86   LEU A CA  1 
ATOM   644  C  C   . LEU A 1 86  ? -13.234 9.396   -3.921  1.00 30.89 ? 86   LEU A C   1 
ATOM   645  O  O   . LEU A 1 86  ? -14.221 9.256   -3.200  1.00 31.09 ? 86   LEU A O   1 
ATOM   646  C  CB  . LEU A 1 86  ? -11.367 8.736   -2.401  1.00 28.48 ? 86   LEU A CB  1 
ATOM   647  C  CG  . LEU A 1 86  ? -10.380 7.675   -1.898  1.00 28.97 ? 86   LEU A CG  1 
ATOM   648  C  CD1 . LEU A 1 86  ? -9.661  8.175   -0.656  1.00 28.95 ? 86   LEU A CD1 1 
ATOM   649  C  CD2 . LEU A 1 86  ? -11.131 6.391   -1.596  1.00 27.96 ? 86   LEU A CD2 1 
ATOM   650  N  N   . TYR A 1 87  ? -13.154 10.321  -4.872  1.00 32.44 ? 87   TYR A N   1 
ATOM   651  C  CA  . TYR A 1 87  ? -14.237 11.266  -5.129  1.00 34.79 ? 87   TYR A CA  1 
ATOM   652  C  C   . TYR A 1 87  ? -15.229 10.709  -6.144  1.00 37.59 ? 87   TYR A C   1 
ATOM   653  O  O   . TYR A 1 87  ? -14.911 9.789   -6.895  1.00 37.94 ? 87   TYR A O   1 
ATOM   654  C  CB  . TYR A 1 87  ? -13.659 12.589  -5.641  1.00 33.43 ? 87   TYR A CB  1 
ATOM   655  C  CG  . TYR A 1 87  ? -12.791 13.310  -4.629  1.00 32.51 ? 87   TYR A CG  1 
ATOM   656  C  CD1 . TYR A 1 87  ? -13.360 14.057  -3.597  1.00 31.57 ? 87   TYR A CD1 1 
ATOM   657  C  CD2 . TYR A 1 87  ? -11.402 13.230  -4.695  1.00 31.46 ? 87   TYR A CD2 1 
ATOM   658  C  CE1 . TYR A 1 87  ? -12.562 14.707  -2.653  1.00 31.29 ? 87   TYR A CE1 1 
ATOM   659  C  CE2 . TYR A 1 87  ? -10.594 13.874  -3.758  1.00 31.17 ? 87   TYR A CE2 1 
ATOM   660  C  CZ  . TYR A 1 87  ? -11.178 14.611  -2.740  1.00 31.55 ? 87   TYR A CZ  1 
ATOM   661  O  OH  . TYR A 1 87  ? -10.375 15.249  -1.818  1.00 30.04 ? 87   TYR A OH  1 
ATOM   662  N  N   . GLY A 1 88  ? -16.433 11.270  -6.162  1.00 40.59 ? 88   GLY A N   1 
ATOM   663  C  CA  . GLY A 1 88  ? -17.444 10.807  -7.094  1.00 44.44 ? 88   GLY A CA  1 
ATOM   664  C  C   . GLY A 1 88  ? -17.871 9.371   -6.844  1.00 47.39 ? 88   GLY A C   1 
ATOM   665  O  O   . GLY A 1 88  ? -18.750 8.849   -7.531  1.00 47.77 ? 88   GLY A O   1 
ATOM   666  N  N   . ILE A 1 89  ? -17.246 8.722   -5.867  1.00 49.90 ? 89   ILE A N   1 
ATOM   667  C  CA  . ILE A 1 89  ? -17.584 7.344   -5.537  1.00 52.38 ? 89   ILE A CA  1 
ATOM   668  C  C   . ILE A 1 89  ? -18.605 7.353   -4.404  1.00 53.77 ? 89   ILE A C   1 
ATOM   669  O  O   . ILE A 1 89  ? -18.244 7.360   -3.226  1.00 54.36 ? 89   ILE A O   1 
ATOM   670  C  CB  . ILE A 1 89  ? -16.339 6.544   -5.090  1.00 53.00 ? 89   ILE A CB  1 
ATOM   671  C  CG1 . ILE A 1 89  ? -15.223 6.680   -6.132  1.00 53.64 ? 89   ILE A CG1 1 
ATOM   672  C  CG2 . ILE A 1 89  ? -16.702 5.076   -4.906  1.00 53.33 ? 89   ILE A CG2 1 
ATOM   673  C  CD1 . ILE A 1 89  ? -15.601 6.189   -7.519  1.00 54.24 ? 89   ILE A CD1 1 
ATOM   674  N  N   . ARG A 1 90  ? -19.882 7.359   -4.776  1.00 54.79 ? 90   ARG A N   1 
ATOM   675  C  CA  . ARG A 1 90  ? -20.977 7.384   -3.813  1.00 55.57 ? 90   ARG A CA  1 
ATOM   676  C  C   . ARG A 1 90  ? -21.027 6.147   -2.918  1.00 54.61 ? 90   ARG A C   1 
ATOM   677  O  O   . ARG A 1 90  ? -20.015 5.477   -2.704  1.00 54.96 ? 90   ARG A O   1 
ATOM   678  C  CB  . ARG A 1 90  ? -22.313 7.537   -4.549  1.00 57.67 ? 90   ARG A CB  1 
ATOM   679  C  CG  . ARG A 1 90  ? -22.467 8.843   -5.325  1.00 60.43 ? 90   ARG A CG  1 
ATOM   680  C  CD  . ARG A 1 90  ? -21.632 8.872   -6.596  1.00 62.65 ? 90   ARG A CD  1 
ATOM   681  N  NE  . ARG A 1 90  ? -21.804 10.128  -7.321  1.00 64.46 ? 90   ARG A NE  1 
ATOM   682  C  CZ  . ARG A 1 90  ? -21.314 10.369  -8.533  1.00 65.41 ? 90   ARG A CZ  1 
ATOM   683  N  NH1 . ARG A 1 90  ? -20.617 9.437   -9.169  1.00 65.72 ? 90   ARG A NH1 1 
ATOM   684  N  NH2 . ARG A 1 90  ? -21.524 11.543  -9.113  1.00 66.08 ? 90   ARG A NH2 1 
ATOM   685  N  N   . ASN A 1 91  ? -22.217 5.857   -2.396  1.00 53.25 ? 91   ASN A N   1 
ATOM   686  C  CA  . ASN A 1 91  ? -22.439 4.711   -1.514  1.00 51.36 ? 91   ASN A CA  1 
ATOM   687  C  C   . ASN A 1 91  ? -21.814 4.923   -0.140  1.00 49.19 ? 91   ASN A C   1 
ATOM   688  O  O   . ASN A 1 91  ? -21.693 3.984   0.649   1.00 49.24 ? 91   ASN A O   1 
ATOM   689  C  CB  . ASN A 1 91  ? -21.882 3.429   -2.143  1.00 52.49 ? 91   ASN A CB  1 
ATOM   690  C  CG  . ASN A 1 91  ? -22.673 2.982   -3.359  1.00 53.32 ? 91   ASN A CG  1 
ATOM   691  O  OD1 . ASN A 1 91  ? -22.332 1.990   -4.003  1.00 54.08 ? 91   ASN A OD1 1 
ATOM   692  N  ND2 . ASN A 1 91  ? -23.738 3.710   -3.675  1.00 54.20 ? 91   ASN A ND2 1 
ATOM   693  N  N   . VAL A 1 92  ? -21.424 6.162   0.146   1.00 46.12 ? 92   VAL A N   1 
ATOM   694  C  CA  . VAL A 1 92  ? -20.814 6.488   1.428   1.00 42.78 ? 92   VAL A CA  1 
ATOM   695  C  C   . VAL A 1 92  ? -20.578 7.993   1.533   1.00 39.98 ? 92   VAL A C   1 
ATOM   696  O  O   . VAL A 1 92  ? -20.116 8.627   0.584   1.00 39.59 ? 92   VAL A O   1 
ATOM   697  C  CB  . VAL A 1 92  ? -19.470 5.747   1.608   1.00 43.53 ? 92   VAL A CB  1 
ATOM   698  C  CG1 . VAL A 1 92  ? -18.458 6.239   0.586   1.00 44.18 ? 92   VAL A CG1 1 
ATOM   699  C  CG2 . VAL A 1 92  ? -18.950 5.944   3.017   1.00 43.77 ? 92   VAL A CG2 1 
ATOM   700  N  N   . HIS A 1 93  ? -20.902 8.557   2.690   1.00 36.30 ? 93   HIS A N   1 
ATOM   701  C  CA  . HIS A 1 93  ? -20.734 9.986   2.919   1.00 32.79 ? 93   HIS A CA  1 
ATOM   702  C  C   . HIS A 1 93  ? -19.254 10.336  2.982   1.00 29.52 ? 93   HIS A C   1 
ATOM   703  O  O   . HIS A 1 93  ? -18.460 9.596   3.560   1.00 28.18 ? 93   HIS A O   1 
ATOM   704  C  CB  . HIS A 1 93  ? -21.414 10.395  4.229   1.00 33.90 ? 93   HIS A CB  1 
ATOM   705  C  CG  . HIS A 1 93  ? -21.449 11.877  4.455   1.00 35.37 ? 93   HIS A CG  1 
ATOM   706  N  ND1 . HIS A 1 93  ? -20.314 12.626  4.681   1.00 35.96 ? 93   HIS A ND1 1 
ATOM   707  C  CD2 . HIS A 1 93  ? -22.485 12.750  4.472   1.00 36.06 ? 93   HIS A CD2 1 
ATOM   708  C  CE1 . HIS A 1 93  ? -20.648 13.895  4.826   1.00 35.66 ? 93   HIS A CE1 1 
ATOM   709  N  NE2 . HIS A 1 93  ? -21.959 13.998  4.703   1.00 36.35 ? 93   HIS A NE2 1 
ATOM   710  N  N   . PRO A 1 94  ? -18.863 11.469  2.378   1.00 26.67 ? 94   PRO A N   1 
ATOM   711  C  CA  . PRO A 1 94  ? -17.456 11.875  2.397   1.00 24.55 ? 94   PRO A CA  1 
ATOM   712  C  C   . PRO A 1 94  ? -16.828 11.840  3.793   1.00 22.89 ? 94   PRO A C   1 
ATOM   713  O  O   . PRO A 1 94  ? -15.660 11.479  3.941   1.00 21.96 ? 94   PRO A O   1 
ATOM   714  C  CB  . PRO A 1 94  ? -17.505 13.283  1.817   1.00 25.13 ? 94   PRO A CB  1 
ATOM   715  C  CG  . PRO A 1 94  ? -18.593 13.160  0.793   1.00 25.68 ? 94   PRO A CG  1 
ATOM   716  C  CD  . PRO A 1 94  ? -19.662 12.387  1.545   1.00 26.42 ? 94   PRO A CD  1 
ATOM   717  N  N   . ASN A 1 95  ? -17.591 12.210  4.819   1.00 21.89 ? 95   ASN A N   1 
ATOM   718  C  CA  . ASN A 1 95  ? -17.042 12.207  6.173   1.00 20.91 ? 95   ASN A CA  1 
ATOM   719  C  C   . ASN A 1 95  ? -16.601 10.832  6.642   1.00 20.07 ? 95   ASN A C   1 
ATOM   720  O  O   . ASN A 1 95  ? -15.727 10.716  7.500   1.00 19.40 ? 95   ASN A O   1 
ATOM   721  C  CB  . ASN A 1 95  ? -18.043 12.784  7.178   1.00 22.00 ? 95   ASN A CB  1 
ATOM   722  C  CG  . ASN A 1 95  ? -17.962 14.292  7.273   1.00 22.53 ? 95   ASN A CG  1 
ATOM   723  O  OD1 . ASN A 1 95  ? -16.897 14.880  7.071   1.00 22.32 ? 95   ASN A OD1 1 
ATOM   724  N  ND2 . ASN A 1 95  ? -19.082 14.926  7.601   1.00 23.59 ? 95   ASN A ND2 1 
ATOM   725  N  N   . ALA A 1 96  ? -17.210 9.788   6.088   1.00 19.84 ? 96   ALA A N   1 
ATOM   726  C  CA  . ALA A 1 96  ? -16.854 8.423   6.462   1.00 20.26 ? 96   ALA A CA  1 
ATOM   727  C  C   . ALA A 1 96  ? -15.466 8.103   5.923   1.00 19.82 ? 96   ALA A C   1 
ATOM   728  O  O   . ALA A 1 96  ? -14.660 7.454   6.591   1.00 19.87 ? 96   ALA A O   1 
ATOM   729  C  CB  . ALA A 1 96  ? -17.879 7.440   5.907   1.00 20.95 ? 96   ALA A CB  1 
ATOM   730  N  N   . ILE A 1 97  ? -15.190 8.572   4.711   1.00 18.70 ? 97   ILE A N   1 
ATOM   731  C  CA  . ILE A 1 97  ? -13.891 8.353   4.085   1.00 18.01 ? 97   ILE A CA  1 
ATOM   732  C  C   . ILE A 1 97  ? -12.845 9.215   4.793   1.00 17.58 ? 97   ILE A C   1 
ATOM   733  O  O   . ILE A 1 97  ? -11.775 8.731   5.166   1.00 17.52 ? 97   ILE A O   1 
ATOM   734  C  CB  . ILE A 1 97  ? -13.938 8.713   2.580   1.00 18.40 ? 97   ILE A CB  1 
ATOM   735  C  CG1 . ILE A 1 97  ? -14.976 7.831   1.879   1.00 20.25 ? 97   ILE A CG1 1 
ATOM   736  C  CG2 . ILE A 1 97  ? -12.559 8.531   1.946   1.00 18.34 ? 97   ILE A CG2 1 
ATOM   737  C  CD1 . ILE A 1 97  ? -15.134 8.114   0.393   1.00 21.15 ? 97   ILE A CD1 1 
ATOM   738  N  N   . ARG A 1 98  ? -13.164 10.492  4.989   1.00 16.57 ? 98   ARG A N   1 
ATOM   739  C  CA  . ARG A 1 98  ? -12.252 11.418  5.663   1.00 16.48 ? 98   ARG A CA  1 
ATOM   740  C  C   . ARG A 1 98  ? -11.901 10.927  7.064   1.00 16.05 ? 98   ARG A C   1 
ATOM   741  O  O   . ARG A 1 98  ? -10.736 10.948  7.468   1.00 15.16 ? 98   ARG A O   1 
ATOM   742  C  CB  . ARG A 1 98  ? -12.895 12.804  5.771   1.00 16.13 ? 98   ARG A CB  1 
ATOM   743  C  CG  . ARG A 1 98  ? -13.204 13.460  4.433   1.00 16.77 ? 98   ARG A CG  1 
ATOM   744  C  CD  . ARG A 1 98  ? -14.038 14.703  4.647   1.00 16.08 ? 98   ARG A CD  1 
ATOM   745  N  NE  . ARG A 1 98  ? -14.409 15.364  3.399   1.00 17.49 ? 98   ARG A NE  1 
ATOM   746  C  CZ  . ARG A 1 98  ? -15.567 15.991  3.216   1.00 18.00 ? 98   ARG A CZ  1 
ATOM   747  N  NH1 . ARG A 1 98  ? -16.458 16.029  4.200   1.00 16.88 ? 98   ARG A NH1 1 
ATOM   748  N  NH2 . ARG A 1 98  ? -15.829 16.585  2.058   1.00 17.57 ? 98   ARG A NH2 1 
ATOM   749  N  N   . GLY A 1 99  ? -12.918 10.495  7.805   1.00 16.14 ? 99   GLY A N   1 
ATOM   750  C  CA  . GLY A 1 99  ? -12.701 10.014  9.164   1.00 16.59 ? 99   GLY A CA  1 
ATOM   751  C  C   . GLY A 1 99  ? -11.777 8.812   9.223   1.00 16.70 ? 99   GLY A C   1 
ATOM   752  O  O   . GLY A 1 99  ? -10.919 8.705   10.110  1.00 15.68 ? 99   GLY A O   1 
ATOM   753  N  N   . ALA A 1 100 ? -11.957 7.896   8.276   1.00 16.99 ? 100  ALA A N   1 
ATOM   754  C  CA  . ALA A 1 100 ? -11.126 6.701   8.199   1.00 17.01 ? 100  ALA A CA  1 
ATOM   755  C  C   . ALA A 1 100 ? -9.679  7.089   7.892   1.00 16.93 ? 100  ALA A C   1 
ATOM   756  O  O   . ALA A 1 100 ? -8.743  6.600   8.534   1.00 16.21 ? 100  ALA A O   1 
ATOM   757  C  CB  . ALA A 1 100 ? -11.666 5.762   7.118   1.00 16.47 ? 100  ALA A CB  1 
ATOM   758  N  N   . ILE A 1 101 ? -9.497  7.969   6.908   1.00 16.38 ? 101  ILE A N   1 
ATOM   759  C  CA  . ILE A 1 101 ? -8.164  8.433   6.526   1.00 16.68 ? 101  ILE A CA  1 
ATOM   760  C  C   . ILE A 1 101 ? -7.470  9.091   7.717   1.00 15.80 ? 101  ILE A C   1 
ATOM   761  O  O   . ILE A 1 101 ? -6.312  8.795   8.010   1.00 15.11 ? 101  ILE A O   1 
ATOM   762  C  CB  . ILE A 1 101 ? -8.236  9.451   5.359   1.00 17.23 ? 101  ILE A CB  1 
ATOM   763  C  CG1 . ILE A 1 101 ? -8.609  8.726   4.062   1.00 18.99 ? 101  ILE A CG1 1 
ATOM   764  C  CG2 . ILE A 1 101 ? -6.910  10.192  5.218   1.00 17.94 ? 101  ILE A CG2 1 
ATOM   765  C  CD1 . ILE A 1 101 ? -8.775  9.649   2.869   1.00 21.10 ? 101  ILE A CD1 1 
ATOM   766  N  N   . ALA A 1 102 ? -8.176  9.985   8.406   1.00 13.98 ? 102  ALA A N   1 
ATOM   767  C  CA  . ALA A 1 102 ? -7.597  10.662  9.557   1.00 13.82 ? 102  ALA A CA  1 
ATOM   768  C  C   . ALA A 1 102 ? -7.221  9.680   10.663  1.00 13.49 ? 102  ALA A C   1 
ATOM   769  O  O   . ALA A 1 102 ? -6.175  9.818   11.295  1.00 13.46 ? 102  ALA A O   1 
ATOM   770  C  CB  . ALA A 1 102 ? -8.568  11.701  10.093  1.00 15.05 ? 102  ALA A CB  1 
ATOM   771  N  N   . ALA A 1 103 ? -8.069  8.685   10.900  1.00 12.90 ? 103  ALA A N   1 
ATOM   772  C  CA  . ALA A 1 103 ? -7.789  7.712   11.949  1.00 12.92 ? 103  ALA A CA  1 
ATOM   773  C  C   . ALA A 1 103 ? -6.541  6.903   11.642  1.00 12.75 ? 103  ALA A C   1 
ATOM   774  O  O   . ALA A 1 103 ? -5.686  6.724   12.506  1.00 12.93 ? 103  ALA A O   1 
ATOM   775  C  CB  . ALA A 1 103 ? -8.975  6.775   12.136  1.00 13.65 ? 103  ALA A CB  1 
ATOM   776  N  N   . VAL A 1 104 ? -6.430  6.411   10.411  1.00 12.50 ? 104  VAL A N   1 
ATOM   777  C  CA  . VAL A 1 104 ? -5.268  5.604   10.054  1.00 12.86 ? 104  VAL A CA  1 
ATOM   778  C  C   . VAL A 1 104 ? -3.964  6.386   10.082  1.00 12.77 ? 104  VAL A C   1 
ATOM   779  O  O   . VAL A 1 104 ? -2.968  5.923   10.632  1.00 12.78 ? 104  VAL A O   1 
ATOM   780  C  CB  . VAL A 1 104 ? -5.427  4.972   8.652   1.00 12.14 ? 104  VAL A CB  1 
ATOM   781  C  CG1 . VAL A 1 104 ? -4.163  4.199   8.277   1.00 13.39 ? 104  VAL A CG1 1 
ATOM   782  C  CG2 . VAL A 1 104 ? -6.620  4.033   8.645   1.00 13.65 ? 104  VAL A CG2 1 
ATOM   783  N  N   . THR A 1 105 ? -3.970  7.583   9.504   1.00 13.90 ? 105  THR A N   1 
ATOM   784  C  CA  . THR A 1 105 ? -2.745  8.366   9.434   1.00 15.25 ? 105  THR A CA  1 
ATOM   785  C  C   . THR A 1 105 ? -2.318  9.068   10.708  1.00 15.46 ? 105  THR A C   1 
ATOM   786  O  O   . THR A 1 105 ? -1.126  9.136   11.004  1.00 15.98 ? 105  THR A O   1 
ATOM   787  C  CB  . THR A 1 105 ? -2.829  9.424   8.319   1.00 15.72 ? 105  THR A CB  1 
ATOM   788  O  OG1 . THR A 1 105 ? -3.882  10.346  8.617   1.00 15.62 ? 105  THR A OG1 1 
ATOM   789  C  CG2 . THR A 1 105 ? -3.113  8.761   6.977   1.00 16.80 ? 105  THR A CG2 1 
ATOM   790  N  N   . VAL A 1 106 ? -3.284  9.590   11.455  1.00 16.02 ? 106  VAL A N   1 
ATOM   791  C  CA  . VAL A 1 106 ? -2.986  10.331  12.681  1.00 16.90 ? 106  VAL A CA  1 
ATOM   792  C  C   . VAL A 1 106 ? -3.019  9.499   13.958  1.00 18.57 ? 106  VAL A C   1 
ATOM   793  O  O   . VAL A 1 106 ? -2.146  9.641   14.820  1.00 19.82 ? 106  VAL A O   1 
ATOM   794  C  CB  . VAL A 1 106 ? -3.960  11.518  12.848  1.00 16.52 ? 106  VAL A CB  1 
ATOM   795  C  CG1 . VAL A 1 106 ? -3.625  12.303  14.121  1.00 15.88 ? 106  VAL A CG1 1 
ATOM   796  C  CG2 . VAL A 1 106 ? -3.901  12.418  11.614  1.00 16.69 ? 106  VAL A CG2 1 
ATOM   797  N  N   . ASP A 1 107 ? -4.024  8.638   14.082  1.00 19.32 ? 107  ASP A N   1 
ATOM   798  C  CA  . ASP A 1 107 ? -4.170  7.798   15.271  1.00 20.74 ? 107  ASP A CA  1 
ATOM   799  C  C   . ASP A 1 107 ? -3.303  6.539   15.208  1.00 20.00 ? 107  ASP A C   1 
ATOM   800  O  O   . ASP A 1 107 ? -2.503  6.281   16.111  1.00 21.24 ? 107  ASP A O   1 
ATOM   801  C  CB  . ASP A 1 107 ? -5.644  7.426   15.447  1.00 23.00 ? 107  ASP A CB  1 
ATOM   802  C  CG  . ASP A 1 107 ? -5.902  6.612   16.698  1.00 26.26 ? 107  ASP A CG  1 
ATOM   803  O  OD1 . ASP A 1 107 ? -7.081  6.292   16.953  1.00 27.32 ? 107  ASP A OD1 1 
ATOM   804  O  OD2 . ASP A 1 107 ? -4.936  6.289   17.423  1.00 28.34 ? 107  ASP A OD2 1 
ATOM   805  N  N   . PHE A 1 108 ? -3.453  5.757   14.144  1.00 18.55 ? 108  PHE A N   1 
ATOM   806  C  CA  . PHE A 1 108 ? -2.668  4.540   13.987  1.00 18.80 ? 108  PHE A CA  1 
ATOM   807  C  C   . PHE A 1 108 ? -1.240  4.868   13.562  1.00 18.92 ? 108  PHE A C   1 
ATOM   808  O  O   . PHE A 1 108 ? -0.336  4.046   13.699  1.00 18.94 ? 108  PHE A O   1 
ATOM   809  C  CB  . PHE A 1 108 ? -3.329  3.614   12.964  1.00 19.27 ? 108  PHE A CB  1 
ATOM   810  C  CG  . PHE A 1 108 ? -4.543  2.903   13.495  1.00 20.05 ? 108  PHE A CG  1 
ATOM   811  C  CD1 . PHE A 1 108 ? -4.422  1.655   14.099  1.00 21.29 ? 108  PHE A CD1 1 
ATOM   812  C  CD2 . PHE A 1 108 ? -5.797  3.499   13.429  1.00 20.54 ? 108  PHE A CD2 1 
ATOM   813  C  CE1 . PHE A 1 108 ? -5.538  1.007   14.637  1.00 21.38 ? 108  PHE A CE1 1 
ATOM   814  C  CE2 . PHE A 1 108 ? -6.920  2.862   13.963  1.00 21.19 ? 108  PHE A CE2 1 
ATOM   815  C  CZ  . PHE A 1 108 ? -6.786  1.611   14.569  1.00 21.61 ? 108  PHE A CZ  1 
ATOM   816  N  N   . GLY A 1 109 ? -1.040  6.080   13.057  1.00 19.13 ? 109  GLY A N   1 
ATOM   817  C  CA  . GLY A 1 109 ? 0.288   6.489   12.640  1.00 20.14 ? 109  GLY A CA  1 
ATOM   818  C  C   . GLY A 1 109 ? 0.824   5.730   11.441  1.00 20.11 ? 109  GLY A C   1 
ATOM   819  O  O   . GLY A 1 109 ? 2.029   5.473   11.341  1.00 22.13 ? 109  GLY A O   1 
ATOM   820  N  N   . VAL A 1 110 ? -0.071  5.365   10.529  1.00 18.66 ? 110  VAL A N   1 
ATOM   821  C  CA  . VAL A 1 110 ? 0.307   4.647   9.313   1.00 18.04 ? 110  VAL A CA  1 
ATOM   822  C  C   . VAL A 1 110 ? 0.087   5.558   8.106   1.00 18.73 ? 110  VAL A C   1 
ATOM   823  O  O   . VAL A 1 110 ? -1.040  5.938   7.790   1.00 17.73 ? 110  VAL A O   1 
ATOM   824  C  CB  . VAL A 1 110 ? -0.532  3.350   9.145   1.00 17.60 ? 110  VAL A CB  1 
ATOM   825  C  CG1 . VAL A 1 110 ? -0.192  2.663   7.826   1.00 17.85 ? 110  VAL A CG1 1 
ATOM   826  C  CG2 . VAL A 1 110 ? -0.250  2.405   10.309  1.00 16.23 ? 110  VAL A CG2 1 
ATOM   827  N  N   . PRO A 1 111 ? 1.174   5.928   7.413   1.00 19.92 ? 111  PRO A N   1 
ATOM   828  C  CA  . PRO A 1 111 ? 1.038   6.804   6.247   1.00 20.96 ? 111  PRO A CA  1 
ATOM   829  C  C   . PRO A 1 111 ? 0.114   6.239   5.171   1.00 21.92 ? 111  PRO A C   1 
ATOM   830  O  O   . PRO A 1 111 ? 0.129   5.038   4.890   1.00 22.54 ? 111  PRO A O   1 
ATOM   831  C  CB  . PRO A 1 111 ? 2.482   6.950   5.753   1.00 19.93 ? 111  PRO A CB  1 
ATOM   832  C  CG  . PRO A 1 111 ? 3.294   6.765   6.997   1.00 21.58 ? 111  PRO A CG  1 
ATOM   833  C  CD  . PRO A 1 111 ? 2.588   5.616   7.681   1.00 19.51 ? 111  PRO A CD  1 
ATOM   834  N  N   . ILE A 1 112 ? -0.705  7.110   4.586   1.00 23.05 ? 112  ILE A N   1 
ATOM   835  C  CA  . ILE A 1 112 ? -1.616  6.721   3.514   1.00 24.28 ? 112  ILE A CA  1 
ATOM   836  C  C   . ILE A 1 112 ? -1.332  7.575   2.286   1.00 24.48 ? 112  ILE A C   1 
ATOM   837  O  O   . ILE A 1 112 ? -1.867  8.679   2.144   1.00 24.86 ? 112  ILE A O   1 
ATOM   838  C  CB  . ILE A 1 112 ? -3.100  6.910   3.884   1.00 24.81 ? 112  ILE A CB  1 
ATOM   839  C  CG1 . ILE A 1 112 ? -3.558  5.803   4.832   1.00 25.06 ? 112  ILE A CG1 1 
ATOM   840  C  CG2 . ILE A 1 112 ? -3.960  6.865   2.625   1.00 26.00 ? 112  ILE A CG2 1 
ATOM   841  C  CD1 . ILE A 1 112 ? -5.051  5.832   5.119   1.00 25.22 ? 112  ILE A CD1 1 
ATOM   842  N  N   . ILE A 1 113 ? -0.486  7.056   1.407   1.00 23.21 ? 113  ILE A N   1 
ATOM   843  C  CA  . ILE A 1 113 ? -0.122  7.759   0.184   1.00 21.18 ? 113  ILE A CA  1 
ATOM   844  C  C   . ILE A 1 113 ? -1.132  7.450   -0.916  1.00 20.52 ? 113  ILE A C   1 
ATOM   845  O  O   . ILE A 1 113 ? -1.531  6.300   -1.109  1.00 19.12 ? 113  ILE A O   1 
ATOM   846  C  CB  . ILE A 1 113 ? 1.296   7.362   -0.260  1.00 21.58 ? 113  ILE A CB  1 
ATOM   847  C  CG1 . ILE A 1 113 ? 2.302   7.858   0.785   1.00 20.52 ? 113  ILE A CG1 1 
ATOM   848  C  CG2 . ILE A 1 113 ? 1.602   7.944   -1.636  1.00 20.78 ? 113  ILE A CG2 1 
ATOM   849  C  CD1 . ILE A 1 113 ? 3.711   7.420   0.563   1.00 20.98 ? 113  ILE A CD1 1 
ATOM   850  N  N   . PHE A 1 114 ? -1.554  8.481   -1.643  1.00 19.95 ? 114  PHE A N   1 
ATOM   851  C  CA  . PHE A 1 114 ? -2.530  8.290   -2.697  1.00 20.43 ? 114  PHE A CA  1 
ATOM   852  C  C   . PHE A 1 114 ? -1.900  8.216   -4.088  1.00 20.26 ? 114  PHE A C   1 
ATOM   853  O  O   . PHE A 1 114 ? -1.062  9.037   -4.452  1.00 21.40 ? 114  PHE A O   1 
ATOM   854  C  CB  . PHE A 1 114 ? -3.583  9.403   -2.628  1.00 22.57 ? 114  PHE A CB  1 
ATOM   855  C  CG  . PHE A 1 114 ? -4.237  9.519   -1.273  1.00 24.36 ? 114  PHE A CG  1 
ATOM   856  C  CD1 . PHE A 1 114 ? -3.549  10.083  -0.200  1.00 25.46 ? 114  PHE A CD1 1 
ATOM   857  C  CD2 . PHE A 1 114 ? -5.510  9.005   -1.056  1.00 26.24 ? 114  PHE A CD2 1 
ATOM   858  C  CE1 . PHE A 1 114 ? -4.118  10.129  1.076   1.00 25.93 ? 114  PHE A CE1 1 
ATOM   859  C  CE2 . PHE A 1 114 ? -6.091  9.045   0.215   1.00 25.76 ? 114  PHE A CE2 1 
ATOM   860  C  CZ  . PHE A 1 114 ? -5.391  9.607   1.283   1.00 26.47 ? 114  PHE A CZ  1 
ATOM   861  N  N   . SER A 1 115 ? -2.319  7.212   -4.847  1.00 20.38 ? 115  SER A N   1 
ATOM   862  C  CA  . SER A 1 115 ? -1.830  6.975   -6.203  1.00 21.32 ? 115  SER A CA  1 
ATOM   863  C  C   . SER A 1 115 ? -3.015  6.955   -7.164  1.00 21.64 ? 115  SER A C   1 
ATOM   864  O  O   . SER A 1 115 ? -4.065  6.405   -6.846  1.00 22.65 ? 115  SER A O   1 
ATOM   865  C  CB  . SER A 1 115 ? -1.098  5.630   -6.253  1.00 21.00 ? 115  SER A CB  1 
ATOM   866  O  OG  . SER A 1 115 ? -0.854  5.223   -7.587  1.00 22.53 ? 115  SER A OG  1 
ATOM   867  N  N   . SER A 1 116 ? -2.854  7.542   -8.345  1.00 21.82 ? 116  SER A N   1 
ATOM   868  C  CA  . SER A 1 116 ? -3.949  7.568   -9.309  1.00 21.88 ? 116  SER A CA  1 
ATOM   869  C  C   . SER A 1 116 ? -4.008  6.340   -10.211 1.00 21.32 ? 116  SER A C   1 
ATOM   870  O  O   . SER A 1 116 ? -5.056  6.032   -10.781 1.00 22.31 ? 116  SER A O   1 
ATOM   871  C  CB  . SER A 1 116 ? -3.852  8.824   -10.180 1.00 22.83 ? 116  SER A CB  1 
ATOM   872  O  OG  . SER A 1 116 ? -2.670  8.810   -10.956 1.00 24.42 ? 116  SER A OG  1 
ATOM   873  N  N   . THR A 1 117 ? -2.892  5.628   -10.332 1.00 20.66 ? 117  THR A N   1 
ATOM   874  C  CA  . THR A 1 117 ? -2.819  4.462   -11.213 1.00 18.65 ? 117  THR A CA  1 
ATOM   875  C  C   . THR A 1 117 ? -1.844  3.409   -10.695 1.00 18.13 ? 117  THR A C   1 
ATOM   876  O  O   . THR A 1 117 ? -1.046  3.675   -9.801  1.00 17.52 ? 117  THR A O   1 
ATOM   877  C  CB  . THR A 1 117 ? -2.283  4.866   -12.590 1.00 20.11 ? 117  THR A CB  1 
ATOM   878  O  OG1 . THR A 1 117 ? -0.942  5.347   -12.430 1.00 18.63 ? 117  THR A OG1 1 
ATOM   879  C  CG2 . THR A 1 117 ? -3.130  5.969   -13.209 1.00 19.55 ? 117  THR A CG2 1 
ATOM   880  N  N   . PRO A 1 118 ? -1.883  2.197   -11.274 1.00 17.33 ? 118  PRO A N   1 
ATOM   881  C  CA  . PRO A 1 118 ? -0.955  1.160   -10.823 1.00 17.37 ? 118  PRO A CA  1 
ATOM   882  C  C   . PRO A 1 118 ? 0.474   1.583   -11.155 1.00 16.50 ? 118  PRO A C   1 
ATOM   883  O  O   . PRO A 1 118 ? 1.417   1.231   -10.447 1.00 15.41 ? 118  PRO A O   1 
ATOM   884  C  CB  . PRO A 1 118 ? -1.406  -0.077  -11.602 1.00 18.40 ? 118  PRO A CB  1 
ATOM   885  C  CG  . PRO A 1 118 ? -2.101  0.487   -12.797 1.00 19.98 ? 118  PRO A CG  1 
ATOM   886  C  CD  . PRO A 1 118 ? -2.861  1.642   -12.223 1.00 18.68 ? 118  PRO A CD  1 
ATOM   887  N  N   . GLU A 1 119 ? 0.631   2.340   -12.240 1.00 15.58 ? 119  GLU A N   1 
ATOM   888  C  CA  . GLU A 1 119 ? 1.953   2.818   -12.631 1.00 15.59 ? 119  GLU A CA  1 
ATOM   889  C  C   . GLU A 1 119 ? 2.507   3.748   -11.558 1.00 14.38 ? 119  GLU A C   1 
ATOM   890  O  O   . GLU A 1 119 ? 3.687   3.680   -11.220 1.00 14.95 ? 119  GLU A O   1 
ATOM   891  C  CB  . GLU A 1 119 ? 1.887   3.576   -13.961 1.00 16.30 ? 119  GLU A CB  1 
ATOM   892  C  CG  . GLU A 1 119 ? 1.646   2.702   -15.181 1.00 18.73 ? 119  GLU A CG  1 
ATOM   893  C  CD  . GLU A 1 119 ? 0.292   2.032   -15.165 1.00 21.47 ? 119  GLU A CD  1 
ATOM   894  O  OE1 . GLU A 1 119 ? -0.717  2.731   -14.919 1.00 20.70 ? 119  GLU A OE1 1 
ATOM   895  O  OE2 . GLU A 1 119 ? 0.241   0.806   -15.408 1.00 23.50 ? 119  GLU A OE2 1 
ATOM   896  N  N   . GLU A 1 120 ? 1.653   4.622   -11.030 1.00 13.72 ? 120  GLU A N   1 
ATOM   897  C  CA  . GLU A 1 120 ? 2.081   5.562   -10.002 1.00 13.71 ? 120  GLU A CA  1 
ATOM   898  C  C   . GLU A 1 120 ? 2.397   4.831   -8.706  1.00 13.12 ? 120  GLU A C   1 
ATOM   899  O  O   . GLU A 1 120 ? 3.306   5.216   -7.968  1.00 11.53 ? 120  GLU A O   1 
ATOM   900  C  CB  . GLU A 1 120 ? 1.012   6.626   -9.753  1.00 14.17 ? 120  GLU A CB  1 
ATOM   901  C  CG  . GLU A 1 120 ? 1.425   7.626   -8.675  1.00 15.86 ? 120  GLU A CG  1 
ATOM   902  C  CD  . GLU A 1 120 ? 0.685   8.947   -8.785  1.00 18.16 ? 120  GLU A CD  1 
ATOM   903  O  OE1 . GLU A 1 120 ? -0.554  8.949   -8.659  1.00 18.22 ? 120  GLU A OE1 1 
ATOM   904  O  OE2 . GLU A 1 120 ? 1.349   9.983   -9.002  1.00 19.28 ? 120  GLU A OE2 1 
ATOM   905  N  N   . THR A 1 121 ? 1.637   3.778   -8.422  1.00 12.83 ? 121  THR A N   1 
ATOM   906  C  CA  . THR A 1 121 ? 1.893   2.987   -7.231  1.00 12.69 ? 121  THR A CA  1 
ATOM   907  C  C   . THR A 1 121 ? 3.296   2.394   -7.374  1.00 12.22 ? 121  THR A C   1 
ATOM   908  O  O   . THR A 1 121 ? 4.078   2.378   -6.425  1.00 10.41 ? 121  THR A O   1 
ATOM   909  C  CB  . THR A 1 121 ? 0.842   1.864   -7.087  1.00 13.08 ? 121  THR A CB  1 
ATOM   910  O  OG1 . THR A 1 121 ? -0.436  2.458   -6.819  1.00 13.13 ? 121  THR A OG1 1 
ATOM   911  C  CG2 . THR A 1 121 ? 1.209   0.909   -5.950  1.00 14.30 ? 121  THR A CG2 1 
ATOM   912  N  N   . ALA A 1 122 ? 3.622   1.919   -8.572  1.00 11.96 ? 122  ALA A N   1 
ATOM   913  C  CA  . ALA A 1 122 ? 4.948   1.354   -8.816  1.00 11.81 ? 122  ALA A CA  1 
ATOM   914  C  C   . ALA A 1 122 ? 6.034   2.423   -8.634  1.00 11.10 ? 122  ALA A C   1 
ATOM   915  O  O   . ALA A 1 122 ? 7.091   2.158   -8.047  1.00 10.53 ? 122  ALA A O   1 
ATOM   916  C  CB  . ALA A 1 122 ? 5.020   0.776   -10.225 1.00 12.40 ? 122  ALA A CB  1 
ATOM   917  N  N   . GLN A 1 123 ? 5.778   3.626   -9.145  1.00 11.04 ? 123  GLN A N   1 
ATOM   918  C  CA  . GLN A 1 123 ? 6.749   4.712   -9.023  1.00 11.54 ? 123  GLN A CA  1 
ATOM   919  C  C   . GLN A 1 123 ? 7.023   5.025   -7.547  1.00 11.92 ? 123  GLN A C   1 
ATOM   920  O  O   . GLN A 1 123 ? 8.159   5.308   -7.169  1.00 11.47 ? 123  GLN A O   1 
ATOM   921  C  CB  . GLN A 1 123 ? 6.254   5.968   -9.751  1.00 13.03 ? 123  GLN A CB  1 
ATOM   922  C  CG  . GLN A 1 123 ? 6.065   5.791   -11.273 1.00 14.28 ? 123  GLN A CG  1 
ATOM   923  C  CD  . GLN A 1 123 ? 7.366   5.736   -12.068 1.00 15.80 ? 123  GLN A CD  1 
ATOM   924  O  OE1 . GLN A 1 123 ? 7.362   5.372   -13.248 1.00 18.24 ? 123  GLN A OE1 1 
ATOM   925  N  NE2 . GLN A 1 123 ? 8.478   6.111   -11.438 1.00 14.36 ? 123  GLN A NE2 1 
ATOM   926  N  N   . TYR A 1 124 ? 5.985   4.979   -6.714  1.00 11.55 ? 124  TYR A N   1 
ATOM   927  C  CA  . TYR A 1 124 ? 6.167   5.236   -5.282  1.00 11.25 ? 124  TYR A CA  1 
ATOM   928  C  C   . TYR A 1 124 ? 6.995   4.112   -4.651  1.00 11.11 ? 124  TYR A C   1 
ATOM   929  O  O   . TYR A 1 124 ? 7.940   4.362   -3.896  1.00 11.10 ? 124  TYR A O   1 
ATOM   930  C  CB  . TYR A 1 124 ? 4.812   5.330   -4.569  1.00 10.78 ? 124  TYR A CB  1 
ATOM   931  C  CG  . TYR A 1 124 ? 4.319   6.749   -4.385  1.00 11.53 ? 124  TYR A CG  1 
ATOM   932  C  CD1 . TYR A 1 124 ? 4.988   7.629   -3.537  1.00 12.68 ? 124  TYR A CD1 1 
ATOM   933  C  CD2 . TYR A 1 124 ? 3.185   7.208   -5.056  1.00 12.35 ? 124  TYR A CD2 1 
ATOM   934  C  CE1 . TYR A 1 124 ? 4.539   8.944   -3.355  1.00 13.34 ? 124  TYR A CE1 1 
ATOM   935  C  CE2 . TYR A 1 124 ? 2.727   8.522   -4.884  1.00 13.19 ? 124  TYR A CE2 1 
ATOM   936  C  CZ  . TYR A 1 124 ? 3.413   9.380   -4.029  1.00 14.67 ? 124  TYR A CZ  1 
ATOM   937  O  OH  . TYR A 1 124 ? 2.970   10.670  -3.834  1.00 15.76 ? 124  TYR A OH  1 
ATOM   938  N  N   . ILE A 1 125 ? 6.636   2.872   -4.959  1.00 11.51 ? 125  ILE A N   1 
ATOM   939  C  CA  . ILE A 1 125 ? 7.369   1.733   -4.412  1.00 11.91 ? 125  ILE A CA  1 
ATOM   940  C  C   . ILE A 1 125 ? 8.847   1.821   -4.785  1.00 12.58 ? 125  ILE A C   1 
ATOM   941  O  O   . ILE A 1 125 ? 9.732   1.591   -3.950  1.00 13.24 ? 125  ILE A O   1 
ATOM   942  C  CB  . ILE A 1 125 ? 6.780   0.396   -4.928  1.00 12.00 ? 125  ILE A CB  1 
ATOM   943  C  CG1 . ILE A 1 125 ? 5.360   0.217   -4.379  1.00 13.05 ? 125  ILE A CG1 1 
ATOM   944  C  CG2 . ILE A 1 125 ? 7.673   -0.767  -4.504  1.00 12.26 ? 125  ILE A CG2 1 
ATOM   945  C  CD1 . ILE A 1 125 ? 4.543   -0.862  -5.069  1.00 11.37 ? 125  ILE A CD1 1 
ATOM   946  N  N   . PHE A 1 126 ? 9.108   2.176   -6.037  1.00 12.61 ? 126  PHE A N   1 
ATOM   947  C  CA  . PHE A 1 126 ? 10.471  2.301   -6.527  1.00 13.19 ? 126  PHE A CA  1 
ATOM   948  C  C   . PHE A 1 126 ? 11.273  3.363   -5.785  1.00 13.13 ? 126  PHE A C   1 
ATOM   949  O  O   . PHE A 1 126 ? 12.372  3.093   -5.320  1.00 12.52 ? 126  PHE A O   1 
ATOM   950  C  CB  . PHE A 1 126 ? 10.456  2.616   -8.027  1.00 14.58 ? 126  PHE A CB  1 
ATOM   951  C  CG  . PHE A 1 126 ? 11.788  3.038   -8.579  1.00 15.55 ? 126  PHE A CG  1 
ATOM   952  C  CD1 . PHE A 1 126 ? 12.051  4.380   -8.840  1.00 15.89 ? 126  PHE A CD1 1 
ATOM   953  C  CD2 . PHE A 1 126 ? 12.769  2.096   -8.863  1.00 16.70 ? 126  PHE A CD2 1 
ATOM   954  C  CE1 . PHE A 1 126 ? 13.273  4.780   -9.381  1.00 17.27 ? 126  PHE A CE1 1 
ATOM   955  C  CE2 . PHE A 1 126 ? 13.997  2.488   -9.405  1.00 18.40 ? 126  PHE A CE2 1 
ATOM   956  C  CZ  . PHE A 1 126 ? 14.244  3.835   -9.664  1.00 17.35 ? 126  PHE A CZ  1 
ATOM   957  N  N   . LEU A 1 127 ? 10.728  4.567   -5.648  1.00 13.05 ? 127  LEU A N   1 
ATOM   958  C  CA  . LEU A 1 127 ? 11.493  5.611   -4.976  1.00 12.96 ? 127  LEU A CA  1 
ATOM   959  C  C   . LEU A 1 127 ? 11.707  5.335   -3.490  1.00 12.78 ? 127  LEU A C   1 
ATOM   960  O  O   . LEU A 1 127 ? 12.746  5.692   -2.939  1.00 11.85 ? 127  LEU A O   1 
ATOM   961  C  CB  . LEU A 1 127 ? 10.850  6.983   -5.205  1.00 14.18 ? 127  LEU A CB  1 
ATOM   962  C  CG  . LEU A 1 127 ? 9.614   7.453   -4.457  1.00 15.22 ? 127  LEU A CG  1 
ATOM   963  C  CD1 . LEU A 1 127 ? 10.031  8.049   -3.111  1.00 15.84 ? 127  LEU A CD1 1 
ATOM   964  C  CD2 . LEU A 1 127 ? 8.905   8.514   -5.295  1.00 15.49 ? 127  LEU A CD2 1 
ATOM   965  N  N   . ILE A 1 128 ? 10.743  4.685   -2.846  1.00 12.94 ? 128  ILE A N   1 
ATOM   966  C  CA  . ILE A 1 128 ? 10.887  4.355   -1.432  1.00 14.80 ? 128  ILE A CA  1 
ATOM   967  C  C   . ILE A 1 128 ? 11.981  3.301   -1.270  1.00 15.75 ? 128  ILE A C   1 
ATOM   968  O  O   . ILE A 1 128 ? 12.853  3.422   -0.412  1.00 15.43 ? 128  ILE A O   1 
ATOM   969  C  CB  . ILE A 1 128 ? 9.565   3.803   -0.834  1.00 15.79 ? 128  ILE A CB  1 
ATOM   970  C  CG1 . ILE A 1 128 ? 8.478   4.877   -0.900  1.00 18.70 ? 128  ILE A CG1 1 
ATOM   971  C  CG2 . ILE A 1 128 ? 9.781   3.344   0.606   1.00 16.26 ? 128  ILE A CG2 1 
ATOM   972  C  CD1 . ILE A 1 128 ? 8.895   6.198   -0.345  1.00 22.02 ? 128  ILE A CD1 1 
ATOM   973  N  N   . ALA A 1 129 ? 11.934  2.271   -2.106  1.00 16.50 ? 129  ALA A N   1 
ATOM   974  C  CA  . ALA A 1 129 ? 12.924  1.202   -2.049  1.00 17.73 ? 129  ALA A CA  1 
ATOM   975  C  C   . ALA A 1 129 ? 14.335  1.728   -2.327  1.00 19.04 ? 129  ALA A C   1 
ATOM   976  O  O   . ALA A 1 129 ? 15.300  1.318   -1.673  1.00 20.51 ? 129  ALA A O   1 
ATOM   977  C  CB  . ALA A 1 129 ? 12.566  0.111   -3.052  1.00 18.34 ? 129  ALA A CB  1 
ATOM   978  N  N   . LYS A 1 130 ? 14.453  2.636   -3.290  1.00 19.06 ? 130  LYS A N   1 
ATOM   979  C  CA  . LYS A 1 130 ? 15.752  3.201   -3.646  1.00 21.46 ? 130  LYS A CA  1 
ATOM   980  C  C   . LYS A 1 130 ? 16.358  3.929   -2.451  1.00 21.77 ? 130  LYS A C   1 
ATOM   981  O  O   . LYS A 1 130 ? 17.551  3.798   -2.177  1.00 23.07 ? 130  LYS A O   1 
ATOM   982  C  CB  . LYS A 1 130 ? 15.604  4.149   -4.842  1.00 22.44 ? 130  LYS A CB  1 
ATOM   983  C  CG  . LYS A 1 130 ? 16.916  4.674   -5.420  1.00 24.72 ? 130  LYS A CG  1 
ATOM   984  C  CD  . LYS A 1 130 ? 16.697  5.190   -6.836  1.00 26.94 ? 130  LYS A CD  1 
ATOM   985  C  CE  . LYS A 1 130 ? 17.942  5.839   -7.415  1.00 29.30 ? 130  LYS A CE  1 
ATOM   986  N  NZ  . LYS A 1 130 ? 18.261  7.124   -6.736  1.00 29.83 ? 130  LYS A NZ  1 
ATOM   987  N  N   . ARG A 1 131 ? 15.535  4.687   -1.736  1.00 22.10 ? 131  ARG A N   1 
ATOM   988  C  CA  . ARG A 1 131 ? 16.001  5.417   -0.566  1.00 23.19 ? 131  ARG A CA  1 
ATOM   989  C  C   . ARG A 1 131 ? 16.400  4.457   0.550   1.00 25.01 ? 131  ARG A C   1 
ATOM   990  O  O   . ARG A 1 131 ? 17.387  4.680   1.252   1.00 25.02 ? 131  ARG A O   1 
ATOM   991  C  CB  . ARG A 1 131 ? 14.913  6.373   -0.083  1.00 21.51 ? 131  ARG A CB  1 
ATOM   992  C  CG  . ARG A 1 131 ? 14.725  7.565   -1.007  1.00 21.39 ? 131  ARG A CG  1 
ATOM   993  C  CD  . ARG A 1 131 ? 13.597  8.458   -0.547  1.00 20.06 ? 131  ARG A CD  1 
ATOM   994  N  NE  . ARG A 1 131 ? 13.510  9.666   -1.359  1.00 19.30 ? 131  ARG A NE  1 
ATOM   995  C  CZ  . ARG A 1 131 ? 12.505  10.533  -1.299  1.00 20.65 ? 131  ARG A CZ  1 
ATOM   996  N  NH1 . ARG A 1 131 ? 11.497  10.320  -0.464  1.00 16.56 ? 131  ARG A NH1 1 
ATOM   997  N  NH2 . ARG A 1 131 ? 12.511  11.614  -2.069  1.00 19.85 ? 131  ARG A NH2 1 
ATOM   998  N  N   . GLU A 1 132 ? 15.634  3.384   0.699   1.00 27.21 ? 132  GLU A N   1 
ATOM   999  C  CA  . GLU A 1 132 ? 15.909  2.380   1.716   1.00 30.45 ? 132  GLU A CA  1 
ATOM   1000 C  C   . GLU A 1 132 ? 17.278  1.749   1.456   1.00 31.84 ? 132  GLU A C   1 
ATOM   1001 O  O   . GLU A 1 132 ? 18.075  1.567   2.376   1.00 32.41 ? 132  GLU A O   1 
ATOM   1002 C  CB  . GLU A 1 132 ? 14.818  1.305   1.687   1.00 32.10 ? 132  GLU A CB  1 
ATOM   1003 C  CG  . GLU A 1 132 ? 14.692  0.470   2.957   1.00 35.27 ? 132  GLU A CG  1 
ATOM   1004 C  CD  . GLU A 1 132 ? 15.939  -0.327  3.265   1.00 36.47 ? 132  GLU A CD  1 
ATOM   1005 O  OE1 . GLU A 1 132 ? 16.471  -0.976  2.340   1.00 37.81 ? 132  GLU A OE1 1 
ATOM   1006 O  OE2 . GLU A 1 132 ? 16.381  -0.313  4.434   1.00 38.21 ? 132  GLU A OE2 1 
ATOM   1007 N  N   . GLN A 1 133 ? 17.541  1.424   0.195   1.00 33.61 ? 133  GLN A N   1 
ATOM   1008 C  CA  . GLN A 1 133 ? 18.806  0.813   -0.202  1.00 36.12 ? 133  GLN A CA  1 
ATOM   1009 C  C   . GLN A 1 133 ? 19.988  1.739   0.066   1.00 37.08 ? 133  GLN A C   1 
ATOM   1010 O  O   . GLN A 1 133 ? 21.007  1.323   0.620   1.00 36.89 ? 133  GLN A O   1 
ATOM   1011 C  CB  . GLN A 1 133 ? 18.779  0.470   -1.695  1.00 36.54 ? 133  GLN A CB  1 
ATOM   1012 C  CG  . GLN A 1 133 ? 20.086  -0.108  -2.225  1.00 38.08 ? 133  GLN A CG  1 
ATOM   1013 C  CD  . GLN A 1 133 ? 20.080  -0.282  -3.732  1.00 38.99 ? 133  GLN A CD  1 
ATOM   1014 O  OE1 . GLN A 1 133 ? 20.030  0.693   -4.483  1.00 39.74 ? 133  GLN A OE1 1 
ATOM   1015 N  NE2 . GLN A 1 133 ? 20.125  -1.532  -4.182  1.00 39.88 ? 133  GLN A NE2 1 
ATOM   1016 N  N   . GLU A 1 134 ? 19.839  2.996   -0.337  1.00 38.31 ? 134  GLU A N   1 
ATOM   1017 C  CA  . GLU A 1 134 ? 20.881  3.998   -0.172  1.00 39.99 ? 134  GLU A CA  1 
ATOM   1018 C  C   . GLU A 1 134 ? 21.266  4.256   1.279   1.00 42.04 ? 134  GLU A C   1 
ATOM   1019 O  O   . GLU A 1 134 ? 22.438  4.490   1.579   1.00 41.96 ? 134  GLU A O   1 
ATOM   1020 C  CB  . GLU A 1 134 ? 20.442  5.317   -0.813  1.00 38.68 ? 134  GLU A CB  1 
ATOM   1021 C  CG  . GLU A 1 134 ? 20.061  5.194   -2.274  1.00 37.32 ? 134  GLU A CG  1 
ATOM   1022 C  CD  . GLU A 1 134 ? 19.585  6.504   -2.862  1.00 36.57 ? 134  GLU A CD  1 
ATOM   1023 O  OE1 . GLU A 1 134 ? 18.762  7.186   -2.210  1.00 35.05 ? 134  GLU A OE1 1 
ATOM   1024 O  OE2 . GLU A 1 134 ? 20.024  6.847   -3.981  1.00 36.22 ? 134  GLU A OE2 1 
ATOM   1025 N  N   . GLU A 1 135 ? 20.287  4.216   2.178   1.00 44.18 ? 135  GLU A N   1 
ATOM   1026 C  CA  . GLU A 1 135 ? 20.552  4.481   3.587   1.00 47.02 ? 135  GLU A CA  1 
ATOM   1027 C  C   . GLU A 1 135 ? 20.809  3.248   4.445   1.00 48.47 ? 135  GLU A C   1 
ATOM   1028 O  O   . GLU A 1 135 ? 21.094  3.374   5.635   1.00 48.69 ? 135  GLU A O   1 
ATOM   1029 C  CB  . GLU A 1 135 ? 19.402  5.284   4.198   1.00 48.05 ? 135  GLU A CB  1 
ATOM   1030 C  CG  . GLU A 1 135 ? 18.079  4.543   4.251   1.00 49.53 ? 135  GLU A CG  1 
ATOM   1031 C  CD  . GLU A 1 135 ? 17.013  5.307   5.013   1.00 50.56 ? 135  GLU A CD  1 
ATOM   1032 O  OE1 . GLU A 1 135 ? 16.721  6.463   4.634   1.00 50.65 ? 135  GLU A OE1 1 
ATOM   1033 O  OE2 . GLU A 1 135 ? 16.469  4.751   5.992   1.00 50.90 ? 135  GLU A OE2 1 
ATOM   1034 N  N   . ARG A 1 136 ? 20.710  2.059   3.858   1.00 50.24 ? 136  ARG A N   1 
ATOM   1035 C  CA  . ARG A 1 136 ? 20.945  0.836   4.619   1.00 52.35 ? 136  ARG A CA  1 
ATOM   1036 C  C   . ARG A 1 136 ? 22.424  0.727   4.987   1.00 52.69 ? 136  ARG A C   1 
ATOM   1037 O  O   . ARG A 1 136 ? 23.215  1.549   4.476   1.00 52.99 ? 136  ARG A O   1 
ATOM   1038 C  CB  . ARG A 1 136 ? 20.520  -0.393  3.808   1.00 53.73 ? 136  ARG A CB  1 
ATOM   1039 C  CG  . ARG A 1 136 ? 20.652  -1.706  4.570   1.00 55.87 ? 136  ARG A CG  1 
ATOM   1040 C  CD  . ARG A 1 136 ? 20.242  -2.902  3.723   1.00 57.73 ? 136  ARG A CD  1 
ATOM   1041 N  NE  . ARG A 1 136 ? 18.826  -2.876  3.367   1.00 59.44 ? 136  ARG A NE  1 
ATOM   1042 C  CZ  . ARG A 1 136 ? 18.216  -3.829  2.667   1.00 60.17 ? 136  ARG A CZ  1 
ATOM   1043 N  NH1 . ARG A 1 136 ? 18.899  -4.887  2.249   1.00 60.55 ? 136  ARG A NH1 1 
ATOM   1044 N  NH2 . ARG A 1 136 ? 16.923  -3.728  2.387   1.00 60.12 ? 136  ARG A NH2 1 
HETATM 1045 MN MN  . MN  B 2 .   ? -3.482  -5.077  -1.316  1.00 32.58 ? 1001 MN  A MN  1 
HETATM 1046 O  O   . HOH C 3 .   ? -11.838 -2.677  11.847  1.00 21.80 ? 1002 HOH A O   1 
HETATM 1047 O  O   . HOH C 3 .   ? -2.994  -3.946  -11.747 1.00 16.14 ? 1003 HOH A O   1 
HETATM 1048 O  O   . HOH C 3 .   ? 16.035  10.678  -2.177  1.00 18.97 ? 1004 HOH A O   1 
HETATM 1049 O  O   . HOH C 3 .   ? 14.423  7.577   -4.363  1.00 15.01 ? 1005 HOH A O   1 
HETATM 1050 O  O   . HOH C 3 .   ? 0.404   11.241  -3.938  1.00 17.98 ? 1006 HOH A O   1 
HETATM 1051 O  O   . HOH C 3 .   ? -7.119  -3.478  -3.190  1.00 19.21 ? 1007 HOH A O   1 
HETATM 1052 O  O   . HOH C 3 .   ? 11.228  8.825   1.920   1.00 25.05 ? 1008 HOH A O   1 
HETATM 1053 O  O   . HOH C 3 .   ? 9.632   6.916   -8.885  1.00 17.37 ? 1009 HOH A O   1 
HETATM 1054 O  O   . HOH C 3 .   ? 2.412   -0.942  -15.873 1.00 22.21 ? 1010 HOH A O   1 
HETATM 1055 O  O   . HOH C 3 .   ? 0.840   7.194   -14.064 1.00 26.78 ? 1011 HOH A O   1 
HETATM 1056 O  O   . HOH C 3 .   ? 8.162   -5.028  -17.452 1.00 20.63 ? 1012 HOH A O   1 
HETATM 1057 O  O   . HOH C 3 .   ? -18.303 -5.902  10.350  1.00 18.98 ? 1013 HOH A O   1 
HETATM 1058 O  O   . HOH C 3 .   ? -11.042 1.636   -6.989  1.00 25.27 ? 1014 HOH A O   1 
HETATM 1059 O  O   . HOH C 3 .   ? 19.122  8.671   0.285   1.00 30.67 ? 1015 HOH A O   1 
HETATM 1060 O  O   . HOH C 3 .   ? 13.151  -0.474  -19.036 1.00 24.05 ? 1016 HOH A O   1 
HETATM 1061 O  O   . HOH C 3 .   ? 4.354   0.328   -17.246 1.00 27.76 ? 1017 HOH A O   1 
HETATM 1062 O  O   . HOH C 3 .   ? 16.842  8.644   -3.589  1.00 21.42 ? 1018 HOH A O   1 
HETATM 1063 O  O   . HOH C 3 .   ? 17.629  7.543   2.425   1.00 31.43 ? 1019 HOH A O   1 
HETATM 1064 O  O   . HOH C 3 .   ? 15.990  -1.401  -0.935  1.00 33.93 ? 1020 HOH A O   1 
HETATM 1065 O  O   . HOH C 3 .   ? 0.516   -9.185  11.810  1.00 30.70 ? 1021 HOH A O   1 
HETATM 1066 O  O   . HOH C 3 .   ? 14.254  12.371  -4.083  1.00 34.19 ? 1022 HOH A O   1 
HETATM 1067 O  O   . HOH C 3 .   ? 0.067   10.960  -1.257  1.00 29.35 ? 1023 HOH A O   1 
HETATM 1068 O  O   . HOH C 3 .   ? -0.392  -10.472 1.894   1.00 30.72 ? 1024 HOH A O   1 
HETATM 1069 O  O   . HOH C 3 .   ? -3.425  -5.061  -3.873  1.00 26.20 ? 1025 HOH A O   1 
HETATM 1070 O  O   . HOH C 3 .   ? 3.953   3.452   11.458  1.00 27.67 ? 1026 HOH A O   1 
HETATM 1071 O  O   . HOH C 3 .   ? 5.167   3.613   9.050   1.00 34.82 ? 1027 HOH A O   1 
HETATM 1072 O  O   . HOH C 3 .   ? 8.909   -7.292  10.365  1.00 38.28 ? 1028 HOH A O   1 
HETATM 1073 O  O   . HOH C 3 .   ? -6.330  1.044   -10.144 1.00 31.30 ? 1029 HOH A O   1 
HETATM 1074 O  O   . HOH C 3 .   ? 13.718  -5.475  -13.631 1.00 29.18 ? 1030 HOH A O   1 
HETATM 1075 O  O   . HOH C 3 .   ? -15.131 6.574   8.952   1.00 30.24 ? 1031 HOH A O   1 
HETATM 1076 O  O   . HOH C 3 .   ? 12.457  -8.212  -11.663 1.00 36.33 ? 1032 HOH A O   1 
HETATM 1077 O  O   . HOH C 3 .   ? 6.600   -17.485 0.801   1.00 31.30 ? 1033 HOH A O   1 
HETATM 1078 O  O   . HOH C 3 .   ? -3.426  -7.515  -1.219  1.00 39.69 ? 1034 HOH A O   1 
HETATM 1079 O  O   . HOH C 3 .   ? 11.277  -14.796 -7.346  1.00 35.85 ? 1035 HOH A O   1 
HETATM 1080 O  O   . HOH C 3 .   ? -7.737  3.707   17.769  1.00 41.19 ? 1036 HOH A O   1 
HETATM 1081 O  O   . HOH C 3 .   ? -9.066  -4.077  15.476  1.00 40.32 ? 1037 HOH A O   1 
HETATM 1082 O  O   . HOH C 3 .   ? -7.751  -7.913  14.831  1.00 31.57 ? 1038 HOH A O   1 
HETATM 1083 O  O   . HOH C 3 .   ? -5.914  7.715   -4.053  1.00 33.02 ? 1039 HOH A O   1 
HETATM 1084 O  O   . HOH C 3 .   ? 13.828  -2.578  -0.902  1.00 29.08 ? 1040 HOH A O   1 
HETATM 1085 O  O   . HOH C 3 .   ? -3.034  -8.582  -3.996  1.00 28.50 ? 1041 HOH A O   1 
HETATM 1086 O  O   . HOH C 3 .   ? -2.357  -7.516  1.118   1.00 37.68 ? 1042 HOH A O   1 
HETATM 1087 O  O   . HOH C 3 .   ? -3.643  -6.095  6.840   1.00 38.71 ? 1043 HOH A O   1 
HETATM 1088 O  O   . HOH C 3 .   ? 14.034  0.484   6.152   1.00 32.73 ? 1044 HOH A O   1 
HETATM 1089 O  O   . HOH C 3 .   ? 13.844  1.456   8.906   1.00 39.60 ? 1045 HOH A O   1 
HETATM 1090 O  O   . HOH C 3 .   ? -16.175 1.389   9.473   1.00 39.22 ? 1046 HOH A O   1 
HETATM 1091 O  O   . HOH C 3 .   ? 17.288  -2.765  -2.589  1.00 40.92 ? 1047 HOH A O   1 
HETATM 1092 O  O   . HOH C 3 .   ? 3.736   6.152   -17.731 1.00 37.74 ? 1048 HOH A O   1 
HETATM 1093 O  O   . HOH C 3 .   ? -8.628  8.228   15.952  1.00 39.22 ? 1049 HOH A O   1 
HETATM 1094 O  O   . HOH C 3 .   ? 7.335   -4.548  -20.065 1.00 25.36 ? 1050 HOH A O   1 
HETATM 1095 O  O   . HOH C 3 .   ? 0.819   12.699  -6.489  1.00 36.39 ? 1051 HOH A O   1 
HETATM 1096 O  O   . HOH C 3 .   ? 11.823  6.366   2.595   1.00 39.28 ? 1052 HOH A O   1 
HETATM 1097 O  O   . HOH C 3 .   ? -5.417  -3.712  -5.526  1.00 29.62 ? 1053 HOH A O   1 
HETATM 1098 O  O   . HOH C 3 .   ? -5.838  -5.225  -1.349  1.00 28.69 ? 1054 HOH A O   1 
HETATM 1099 O  O   . HOH C 3 .   ? 21.638  9.194   0.744   1.00 28.15 ? 1055 HOH A O   1 
HETATM 1100 O  O   . HOH C 3 .   ? -8.794  10.665  -4.367  1.00 37.91 ? 1056 HOH A O   1 
HETATM 1101 O  O   . HOH C 3 .   ? -1.317  -9.509  -2.337  1.00 35.55 ? 1057 HOH A O   1 
HETATM 1102 O  O   . HOH C 3 .   ? -15.431 4.113   9.486   1.00 32.21 ? 1058 HOH A O   1 
HETATM 1103 O  O   . HOH C 3 .   ? 0.581   8.782   8.913   1.00 36.19 ? 1059 HOH A O   1 
HETATM 1104 O  O   . HOH C 3 .   ? -21.520 6.678   4.951   1.00 36.65 ? 1060 HOH A O   1 
HETATM 1105 O  O   . HOH C 3 .   ? -11.694 5.059   -8.091  1.00 36.54 ? 1061 HOH A O   1 
HETATM 1106 O  O   . HOH C 3 .   ? -5.101  9.634   -6.432  1.00 33.52 ? 1062 HOH A O   1 
HETATM 1107 O  O   . HOH C 3 .   ? 18.244  10.118  -5.607  1.00 32.06 ? 1063 HOH A O   1 
HETATM 1108 O  O   . HOH C 3 .   ? 14.251  7.409   -7.004  1.00 32.21 ? 1064 HOH A O   1 
HETATM 1109 O  O   . HOH C 3 .   ? 2.002   2.773   -18.722 1.00 40.23 ? 1065 HOH A O   1 
HETATM 1110 O  O   . HOH C 3 .   ? 14.493  10.167  -5.328  1.00 46.22 ? 1066 HOH A O   1 
HETATM 1111 O  O   . HOH C 3 .   ? -3.905  -5.852  -9.847  1.00 30.22 ? 1067 HOH A O   1 
HETATM 1112 O  O   . HOH C 3 .   ? -1.755  -6.880  4.462   1.00 38.30 ? 1068 HOH A O   1 
HETATM 1113 O  O   . HOH C 3 .   ? -4.312  3.385   17.834  1.00 36.37 ? 1069 HOH A O   1 
HETATM 1114 O  O   . HOH C 3 .   ? -16.950 0.006   -2.952  1.00 45.39 ? 1070 HOH A O   1 
HETATM 1115 O  O   . HOH C 3 .   ? -9.994  -4.515  1.639   1.00 40.23 ? 1071 HOH A O   1 
HETATM 1116 O  O   . HOH C 3 .   ? 7.451   -16.390 3.126   1.00 42.20 ? 1072 HOH A O   1 
HETATM 1117 O  O   . HOH C 3 .   ? 9.659   -4.320  11.800  1.00 32.05 ? 1073 HOH A O   1 
HETATM 1118 O  O   . HOH C 3 .   ? 15.243  -9.167  -5.235  1.00 44.21 ? 1074 HOH A O   1 
HETATM 1119 O  O   . HOH C 3 .   ? 1.666   13.672  -8.667  1.00 44.32 ? 1075 HOH A O   1 
HETATM 1120 O  O   . HOH C 3 .   ? -5.898  -1.378  -7.128  1.00 36.26 ? 1076 HOH A O   1 
HETATM 1121 O  O   . HOH C 3 .   ? 10.850  -12.594 -10.158 1.00 41.10 ? 1077 HOH A O   1 
HETATM 1122 O  O   . HOH C 3 .   ? 13.051  14.219  -5.636  1.00 34.17 ? 1078 HOH A O   1 
HETATM 1123 O  O   . HOH C 3 .   ? -9.382  6.684   -10.374 1.00 36.37 ? 1079 HOH A O   1 
HETATM 1124 O  O   . HOH C 3 .   ? -0.354  5.263   -16.455 1.00 35.53 ? 1080 HOH A O   1 
HETATM 1125 O  O   . HOH C 3 .   ? -3.246  2.692   -16.047 1.00 46.14 ? 1081 HOH A O   1 
HETATM 1126 O  O   . HOH C 3 .   ? 14.781  -9.926  -2.801  1.00 42.89 ? 1082 HOH A O   1 
HETATM 1127 O  O   . HOH C 3 .   ? 3.298   1.407   13.326  1.00 47.86 ? 1083 HOH A O   1 
HETATM 1128 O  O   . HOH C 3 .   ? -16.794 10.381  -2.245  1.00 37.03 ? 1084 HOH A O   1 
HETATM 1129 O  O   . HOH C 3 .   ? 4.098   -7.208  16.930  1.00 50.13 ? 1085 HOH A O   1 
# 
